data_1I3W
# 
_entry.id   1I3W 
# 
_audit_conform.dict_name       mmcif_pdbx.dic 
_audit_conform.dict_version    5.398 
_audit_conform.dict_location   http://mmcif.pdb.org/dictionaries/ascii/mmcif_pdbx.dic 
# 
loop_
_database_2.database_id 
_database_2.database_code 
_database_2.pdbx_database_accession 
_database_2.pdbx_DOI 
PDB   1I3W         pdb_00001i3w 10.2210/pdb1i3w/pdb 
NDB   DD0039       ?            ?                   
RCSB  RCSB012871   ?            ?                   
WWPDB D_1000012871 ?            ?                   
# 
loop_
_pdbx_audit_revision_history.ordinal 
_pdbx_audit_revision_history.data_content_type 
_pdbx_audit_revision_history.major_revision 
_pdbx_audit_revision_history.minor_revision 
_pdbx_audit_revision_history.revision_date 
1 'Structure model' 1 0 2001-05-21 
2 'Structure model' 1 1 2011-06-14 
3 'Structure model' 1 2 2011-07-13 
4 'Structure model' 1 3 2011-07-27 
5 'Structure model' 1 4 2012-12-12 
6 'Structure model' 1 5 2019-07-24 
7 'Structure model' 2 0 2023-11-15 
8 'Structure model' 3 0 2024-07-10 
9 'Structure model' 3 1 2024-11-13 
# 
_pdbx_audit_revision_details.ordinal             1 
_pdbx_audit_revision_details.revision_ordinal    1 
_pdbx_audit_revision_details.data_content_type   'Structure model' 
_pdbx_audit_revision_details.provider            repository 
_pdbx_audit_revision_details.type                'Initial release' 
_pdbx_audit_revision_details.description         ? 
_pdbx_audit_revision_details.details             ? 
# 
loop_
_pdbx_audit_revision_group.ordinal 
_pdbx_audit_revision_group.revision_ordinal 
_pdbx_audit_revision_group.data_content_type 
_pdbx_audit_revision_group.group 
1  2 'Structure model' 'Version format compliance' 
2  3 'Structure model' 'Version format compliance' 
3  4 'Structure model' 'Atomic model'              
4  4 'Structure model' 'Database references'       
5  4 'Structure model' 'Derived calculations'      
6  4 'Structure model' 'Non-polymer description'   
7  4 'Structure model' 'Structure summary'         
8  5 'Structure model' Other                       
9  6 'Structure model' Advisory                    
10 6 'Structure model' 'Data collection'           
11 6 'Structure model' 'Database references'       
12 6 'Structure model' 'Derived calculations'      
13 6 'Structure model' 'Refinement description'    
14 7 'Structure model' 'Atomic model'              
15 7 'Structure model' 'Data collection'           
16 7 'Structure model' 'Database references'       
17 7 'Structure model' 'Derived calculations'      
18 8 'Structure model' 'Data collection'           
19 8 'Structure model' 'Derived calculations'      
20 8 'Structure model' 'Non-polymer description'   
21 8 'Structure model' 'Structure summary'         
22 9 'Structure model' 'Structure summary'         
# 
loop_
_pdbx_audit_revision_category.ordinal 
_pdbx_audit_revision_category.revision_ordinal 
_pdbx_audit_revision_category.data_content_type 
_pdbx_audit_revision_category.category 
1  6 'Structure model' pdbx_validate_polymer_linkage 
2  6 'Structure model' software                      
3  6 'Structure model' struct_conn                   
4  6 'Structure model' struct_ref_seq                
5  7 'Structure model' atom_site                     
6  7 'Structure model' chem_comp_atom                
7  7 'Structure model' chem_comp_bond                
8  7 'Structure model' database_2                    
9  7 'Structure model' struct_conn                   
10 8 'Structure model' chem_comp                     
11 8 'Structure model' chem_comp_atom                
12 8 'Structure model' chem_comp_bond                
13 8 'Structure model' entity                        
14 8 'Structure model' struct_conn                   
15 9 'Structure model' pdbx_entry_details            
16 9 'Structure model' pdbx_modification_feature     
# 
loop_
_pdbx_audit_revision_item.ordinal 
_pdbx_audit_revision_item.revision_ordinal 
_pdbx_audit_revision_item.data_content_type 
_pdbx_audit_revision_item.item 
1  6 'Structure model' '_software.name'                               
2  6 'Structure model' '_struct_conn.pdbx_leaving_atom_flag'          
3  6 'Structure model' '_struct_ref_seq.db_align_beg'                 
4  6 'Structure model' '_struct_ref_seq.db_align_end'                 
5  7 'Structure model' '_atom_site.auth_atom_id'                      
6  7 'Structure model' '_atom_site.label_atom_id'                     
7  7 'Structure model' '_database_2.pdbx_DOI'                         
8  7 'Structure model' '_database_2.pdbx_database_accession'          
9  7 'Structure model' '_struct_conn.pdbx_dist_value'                 
10 7 'Structure model' '_struct_conn.pdbx_leaving_atom_flag'          
11 7 'Structure model' '_struct_conn.ptnr1_label_atom_id'             
12 7 'Structure model' '_struct_conn.ptnr2_auth_comp_id'              
13 7 'Structure model' '_struct_conn.ptnr2_auth_seq_id'               
14 7 'Structure model' '_struct_conn.ptnr2_label_atom_id'             
15 7 'Structure model' '_struct_conn.ptnr2_label_comp_id'             
16 7 'Structure model' '_struct_conn.ptnr2_label_seq_id'              
17 8 'Structure model' '_chem_comp.formula'                           
18 8 'Structure model' '_chem_comp.formula_weight'                    
19 8 'Structure model' '_entity.formula_weight'                       
20 8 'Structure model' '_struct_conn.pdbx_leaving_atom_flag'          
21 9 'Structure model' '_pdbx_entry_details.has_protein_modification' 
# 
_pdbx_database_status.status_code                     REL 
_pdbx_database_status.entry_id                        1I3W 
_pdbx_database_status.recvd_initial_deposition_date   2001-02-17 
_pdbx_database_status.deposit_site                    RCSB 
_pdbx_database_status.process_site                    RCSB 
_pdbx_database_status.status_code_sf                  REL 
_pdbx_database_status.SG_entry                        . 
_pdbx_database_status.pdb_format_compatible           Y 
_pdbx_database_status.status_code_mr                  ? 
_pdbx_database_status.status_code_cs                  ? 
_pdbx_database_status.methods_development_category    ? 
_pdbx_database_status.status_code_nmr_data            ? 
# 
loop_
_pdbx_database_related.db_name 
_pdbx_database_related.db_id 
_pdbx_database_related.content_type 
_pdbx_database_related.details 
PDB 1A7Z unspecified 'CRYSTAL STRUCTURE OF ACTINOMYCIN Z3'                                                        
PDB 209D unspecified 'CRYSTAL STRUCTURE OF N8-ACTINOMYCIN D COMPLEXED WITH D(GAAGCTTC)2'                          
PDB 1UNM unspecified 'CRYSTAL STRUCTURE OF 7-AMINOACTINOMYCIN D COMPLEXED WITH NON-COMPLEMENTARY DNA'             
PDB 1A7Y unspecified 'CRYSTAL STRUCTURE OF ACTINOMYCIN D'                                                         
PDB 1FJA unspecified 'SOLUTION STRUCTURE OF ACTINOMYCIN D COMPLEXED WITH DNA (AAGCGCTT)2'                         
PDB 173D unspecified 'CRYSTAL STRUCTURE OF ACTINOMYCIN D COMPLEXED WITH DNA (GAAGCTTC)2'                          
PDB 2D55 unspecified 'CRYSTAL STRUCTURE OF ACTINOMYCIN D COMPLEXED WITH DNA (GAAGCTTC)2'                          
PDB 1DSC unspecified 'SOLUTION STRUCTURE OF ACTINOMYCIN D COMPLEXED WITH DNA (GAAGCTTC)2'                         
PDB 1L1V unspecified 'SOLUTION STRUCTURE OF ACTNIOMYCIN D COMPLEXED WITH MISMATCHED DNA (GTCACCGAC)'              
PDB 316D unspecified 'CRYSTAL STRUCTURE OF F8-ACTINOMYCIN D COMPLEXED WITH DNA (GAAGCTTC)2'                       
PDB 1DSD unspecified 'SOLUTION STRUCTURE OF ACTINOMYCIN D COMPLEXED WITH DNA (GATGCTTC)2'                         
PDB 1MNV unspecified 'CRYSTAL STRUCTURE OF ACTINOMYCIN D COMPLEXED WITH DNA (ATGCTGCAT)2'                         
PDB 1UNJ unspecified 'CRYSTAL STRUCTURE OF 7-AMINO-ACTINOMYCIN D COMPLEXED WITH A NON-COMPLEMENTARY DNA (TTAGT)2' 
PDB 1OVF unspecified 'SOLUTIOM STRUCTURE OF ACTINOMYCIN D COMPLEXED WITH DNA (CCGTTTTGTGG)2'                      
PDB 1QFI unspecified 'CRYSTAL STRUCTURE OF ACTINOMYCIN X2'                                                        
# 
loop_
_audit_author.name 
_audit_author.pdbx_ordinal 
'Robinson, H.'   1 
'Gao, Y.-G.'     2 
'Yang, X.-L.'    3 
'Sanishvili, R.' 4 
'Joachimiak, A.' 5 
'Wang, A.H.-J.'  6 
# 
_citation.id                        primary 
_citation.title                     
'Crystallographic Analysis of a Novel Complex of Actinomycin D Bound to the DNA Decamer Cgatcgatcg.' 
_citation.journal_abbrev            Biochemistry 
_citation.journal_volume            40 
_citation.page_first                5587 
_citation.page_last                 ? 
_citation.year                      2001 
_citation.journal_id_ASTM           BICHAW 
_citation.country                   US 
_citation.journal_id_ISSN           0006-2960 
_citation.journal_id_CSD            0033 
_citation.book_publisher            ? 
_citation.pdbx_database_id_PubMed   11341823 
_citation.pdbx_database_id_DOI      10.1021/BI002859Z 
# 
loop_
_citation_author.citation_id 
_citation_author.name 
_citation_author.ordinal 
_citation_author.identifier_ORCID 
primary 'Robinson, H.'   1 ? 
primary 'Gao, Y.G.'      2 ? 
primary 'Yang, X.'       3 ? 
primary 'Sanishvili, R.' 4 ? 
primary 'Joachimiak, A.' 5 ? 
primary 'Wang, A.H.'     6 ? 
# 
loop_
_entity.id 
_entity.type 
_entity.src_method 
_entity.pdbx_description 
_entity.formula_weight 
_entity.pdbx_number_of_molecules 
_entity.pdbx_ec 
_entity.pdbx_mutation 
_entity.pdbx_fragment 
_entity.details 
1 polymer syn "5'-D(*C*GP*AP*TP*CP*GP*AP*(BRU)P*CP*GP)-3'" 3109.874 4   ? ? ? ? 
2 polymer nat 'ACTINOMYCIN D'                              1291.446 4   ? ? ? ? 
3 water   nat water                                        18.015   188 ? ? ? ? 
# 
_entity_name_com.entity_id   2 
_entity_name_com.name        DACTINOMYCIN 
# 
loop_
_entity_poly.entity_id 
_entity_poly.type 
_entity_poly.nstd_linkage 
_entity_poly.nstd_monomer 
_entity_poly.pdbx_seq_one_letter_code 
_entity_poly.pdbx_seq_one_letter_code_can 
_entity_poly.pdbx_strand_id 
_entity_poly.pdbx_target_identifier 
1 polydeoxyribonucleotide no yes '(DC)(DG)(DA)(DT)(DC)(DG)(DA)(BRU)(DC)(DG)' CGATCGAUCG  A,B,C,D ? 
2 'polypeptide(L)'        no yes 'T(DVA)P(SAR)(MVA)(PXZ)T(DVA)P(SAR)(MVA)'   TVPGVXTVPGV E,F,G,H ? 
# 
_pdbx_entity_nonpoly.entity_id   3 
_pdbx_entity_nonpoly.name        water 
_pdbx_entity_nonpoly.comp_id     HOH 
# 
loop_
_entity_poly_seq.entity_id 
_entity_poly_seq.num 
_entity_poly_seq.mon_id 
_entity_poly_seq.hetero 
1 1  DC  n 
1 2  DG  n 
1 3  DA  n 
1 4  DT  n 
1 5  DC  n 
1 6  DG  n 
1 7  DA  n 
1 8  BRU n 
1 9  DC  n 
1 10 DG  n 
2 1  THR n 
2 2  DVA n 
2 3  PRO n 
2 4  SAR n 
2 5  MVA n 
2 6  PXZ n 
2 7  THR n 
2 8  DVA n 
2 9  PRO n 
2 10 SAR n 
2 11 MVA n 
# 
_entity_src_nat.entity_id                  2 
_entity_src_nat.pdbx_src_id                1 
_entity_src_nat.pdbx_alt_source_flag       sample 
_entity_src_nat.pdbx_beg_seq_num           ? 
_entity_src_nat.pdbx_end_seq_num           ? 
_entity_src_nat.common_name                ? 
_entity_src_nat.pdbx_organism_scientific   'STREPTOMYCES ANTIBIOTICUS' 
_entity_src_nat.pdbx_ncbi_taxonomy_id      1890 
_entity_src_nat.genus                      ? 
_entity_src_nat.species                    ? 
_entity_src_nat.strain                     ? 
_entity_src_nat.tissue                     ? 
_entity_src_nat.tissue_fraction            ? 
_entity_src_nat.pdbx_secretion             ? 
_entity_src_nat.pdbx_fragment              ? 
_entity_src_nat.pdbx_variant               ? 
_entity_src_nat.pdbx_cell_line             ? 
_entity_src_nat.pdbx_atcc                  ? 
_entity_src_nat.pdbx_cellular_location     ? 
_entity_src_nat.pdbx_organ                 ? 
_entity_src_nat.pdbx_organelle             ? 
_entity_src_nat.pdbx_cell                  ? 
_entity_src_nat.pdbx_plasmid_name          ? 
_entity_src_nat.pdbx_plasmid_details       ? 
_entity_src_nat.details                    ? 
# 
loop_
_chem_comp.id 
_chem_comp.type 
_chem_comp.mon_nstd_flag 
_chem_comp.name 
_chem_comp.pdbx_synonyms 
_chem_comp.formula 
_chem_comp.formula_weight 
BRU 'DNA linking'       n "5-BROMO-2'-DEOXYURIDINE-5'-MONOPHOSPHATE"                      ?           'C9 H12 Br N2 O8 P' 387.078 
DA  'DNA linking'       y "2'-DEOXYADENOSINE-5'-MONOPHOSPHATE"                            ?           'C10 H14 N5 O6 P'   331.222 
DC  'DNA linking'       y "2'-DEOXYCYTIDINE-5'-MONOPHOSPHATE"                             ?           'C9 H14 N3 O7 P'    307.197 
DG  'DNA linking'       y "2'-DEOXYGUANOSINE-5'-MONOPHOSPHATE"                            ?           'C10 H14 N5 O7 P'   347.221 
DT  'DNA linking'       y "THYMIDINE-5'-MONOPHOSPHATE"                                    ?           'C10 H15 N2 O8 P'   322.208 
DVA 'D-peptide linking' . D-VALINE                                                        ?           'C5 H11 N O2'       117.146 
HOH non-polymer         . WATER                                                           ?           'H2 O'              18.015  
MVA 'L-peptide linking' n N-METHYLVALINE                                                  ?           'C6 H13 N O2'       131.173 
PRO 'L-peptide linking' y PROLINE                                                         ?           'C5 H9 N O2'        115.130 
PXZ non-polymer         . 2-AMINO-1,9-DICARBONYL-4,6-DIMETHYL-10-DEHYDRO-PHENOXAZIN-3-ONE PHENOXAZINE 'C16 H12 N2 O6'     328.276 
SAR 'peptide linking'   n SARCOSINE                                                       ?           'C3 H7 N O2'        89.093  
THR 'L-peptide linking' y THREONINE                                                       ?           'C4 H9 N O3'        119.119 
# 
loop_
_pdbx_poly_seq_scheme.asym_id 
_pdbx_poly_seq_scheme.entity_id 
_pdbx_poly_seq_scheme.seq_id 
_pdbx_poly_seq_scheme.mon_id 
_pdbx_poly_seq_scheme.ndb_seq_num 
_pdbx_poly_seq_scheme.pdb_seq_num 
_pdbx_poly_seq_scheme.auth_seq_num 
_pdbx_poly_seq_scheme.pdb_mon_id 
_pdbx_poly_seq_scheme.auth_mon_id 
_pdbx_poly_seq_scheme.pdb_strand_id 
_pdbx_poly_seq_scheme.pdb_ins_code 
_pdbx_poly_seq_scheme.hetero 
A 1 1  DC  1  1  ?  ?   ?   A . n 
A 1 2  DG  2  2  2  DG  DG  A . n 
A 1 3  DA  3  3  3  DA  DA  A . n 
A 1 4  DT  4  4  4  DT  DT  A . n 
A 1 5  DC  5  5  5  DC  DC  A . n 
A 1 6  DG  6  6  6  DG  DG  A . n 
A 1 7  DA  7  7  7  DA  DA  A . n 
A 1 8  BRU 8  8  8  BRU BRU A . n 
A 1 9  DC  9  9  9  DC  DC  A . n 
A 1 10 DG  10 10 10 DG  DG  A . n 
B 1 1  DC  1  11 11 DC  DC  B . n 
B 1 2  DG  2  12 12 DG  DG  B . n 
B 1 3  DA  3  13 13 DA  DA  B . n 
B 1 4  DT  4  14 14 DT  DT  B . n 
B 1 5  DC  5  15 15 DC  DC  B . n 
B 1 6  DG  6  16 16 DG  DG  B . n 
B 1 7  DA  7  17 17 DA  DA  B . n 
B 1 8  BRU 8  18 18 BRU BRU B . n 
B 1 9  DC  9  19 19 DC  DC  B . n 
B 1 10 DG  10 20 20 DG  DG  B . n 
C 1 1  DC  1  21 ?  ?   ?   C . n 
C 1 2  DG  2  22 22 DG  DG  C . n 
C 1 3  DA  3  23 23 DA  DA  C . n 
C 1 4  DT  4  24 24 DT  DT  C . n 
C 1 5  DC  5  25 25 DC  DC  C . n 
C 1 6  DG  6  26 26 DG  DG  C . n 
C 1 7  DA  7  27 27 DA  DA  C . n 
C 1 8  BRU 8  28 28 BRU BRU C . n 
C 1 9  DC  9  29 29 DC  DC  C . n 
C 1 10 DG  10 30 30 DG  DG  C . n 
D 1 1  DC  1  31 31 DC  DC  D . n 
D 1 2  DG  2  32 32 DG  DG  D . n 
D 1 3  DA  3  33 33 DA  DA  D . n 
D 1 4  DT  4  34 34 DT  DT  D . n 
D 1 5  DC  5  35 35 DC  DC  D . n 
D 1 6  DG  6  36 36 DG  DG  D . n 
D 1 7  DA  7  37 37 DA  DA  D . n 
D 1 8  BRU 8  38 38 BRU BRU D . n 
D 1 9  DC  9  39 39 DC  DC  D . n 
D 1 10 DG  10 40 40 DG  DG  D . n 
E 2 1  THR 1  1  1  THR THR E . n 
E 2 2  DVA 2  2  2  DVA DVA E . n 
E 2 3  PRO 3  3  3  PRO PRO E . n 
E 2 4  SAR 4  4  4  SAR SAR E . n 
E 2 5  MVA 5  5  5  MVA MVA E . n 
E 2 6  PXZ 6  6  6  PXZ PXZ E . n 
E 2 7  THR 7  7  7  THR THR E . n 
E 2 8  DVA 8  8  8  DVA DVA E . n 
E 2 9  PRO 9  9  9  PRO PRO E . n 
E 2 10 SAR 10 10 10 SAR SAR E . n 
E 2 11 MVA 11 11 11 MVA MVA E . n 
F 2 1  THR 1  1  1  THR THR F . n 
F 2 2  DVA 2  2  2  DVA DVA F . n 
F 2 3  PRO 3  3  3  PRO PRO F . n 
F 2 4  SAR 4  4  4  SAR SAR F . n 
F 2 5  MVA 5  5  5  MVA MVA F . n 
F 2 6  PXZ 6  6  6  PXZ PXZ F . n 
F 2 7  THR 7  7  7  THR THR F . n 
F 2 8  DVA 8  8  8  DVA DVA F . n 
F 2 9  PRO 9  9  9  PRO PRO F . n 
F 2 10 SAR 10 10 10 SAR SAR F . n 
F 2 11 MVA 11 11 11 MVA MVA F . n 
G 2 1  THR 1  1  1  THR THR G . n 
G 2 2  DVA 2  2  2  DVA DVA G . n 
G 2 3  PRO 3  3  3  PRO PRO G . n 
G 2 4  SAR 4  4  4  SAR SAR G . n 
G 2 5  MVA 5  5  5  MVA MVA G . n 
G 2 6  PXZ 6  6  6  PXZ PXZ G . n 
G 2 7  THR 7  7  7  THR THR G . n 
G 2 8  DVA 8  8  8  DVA DVA G . n 
G 2 9  PRO 9  9  9  PRO PRO G . n 
G 2 10 SAR 10 10 10 SAR SAR G . n 
G 2 11 MVA 11 11 11 MVA MVA G . n 
H 2 1  THR 1  1  1  THR THR H . n 
H 2 2  DVA 2  2  2  DVA DVA H . n 
H 2 3  PRO 3  3  3  PRO PRO H . n 
H 2 4  SAR 4  4  4  SAR SAR H . n 
H 2 5  MVA 5  5  5  MVA MVA H . n 
H 2 6  PXZ 6  6  6  PXZ PXZ H . n 
H 2 7  THR 7  7  7  THR THR H . n 
H 2 8  DVA 8  8  8  DVA DVA H . n 
H 2 9  PRO 9  9  9  PRO PRO H . n 
H 2 10 SAR 10 10 10 SAR SAR H . n 
H 2 11 MVA 11 11 11 MVA MVA H . n 
# 
loop_
_pdbx_nonpoly_scheme.asym_id 
_pdbx_nonpoly_scheme.entity_id 
_pdbx_nonpoly_scheme.mon_id 
_pdbx_nonpoly_scheme.ndb_seq_num 
_pdbx_nonpoly_scheme.pdb_seq_num 
_pdbx_nonpoly_scheme.auth_seq_num 
_pdbx_nonpoly_scheme.pdb_mon_id 
_pdbx_nonpoly_scheme.auth_mon_id 
_pdbx_nonpoly_scheme.pdb_strand_id 
_pdbx_nonpoly_scheme.pdb_ins_code 
I 3 HOH 1  2001 2001 HOH HOH A . 
I 3 HOH 2  2002 2002 HOH HOH A . 
I 3 HOH 3  2003 2003 HOH HOH A . 
I 3 HOH 4  2004 2004 HOH HOH A . 
I 3 HOH 5  2005 2005 HOH HOH A . 
I 3 HOH 6  2006 2006 HOH HOH A . 
I 3 HOH 7  2007 2007 HOH HOH A . 
I 3 HOH 8  2008 2008 HOH HOH A . 
I 3 HOH 9  2009 2009 HOH HOH A . 
I 3 HOH 10 2010 2010 HOH HOH A . 
I 3 HOH 11 2011 2011 HOH HOH A . 
I 3 HOH 12 2012 2012 HOH HOH A . 
I 3 HOH 13 2013 2013 HOH HOH A . 
I 3 HOH 14 2014 2014 HOH HOH A . 
I 3 HOH 15 2015 2015 HOH HOH A . 
I 3 HOH 16 2016 2016 HOH HOH A . 
I 3 HOH 17 2017 2017 HOH HOH A . 
I 3 HOH 18 2018 2018 HOH HOH A . 
I 3 HOH 19 2019 2019 HOH HOH A . 
I 3 HOH 20 2020 2020 HOH HOH A . 
I 3 HOH 21 2021 2021 HOH HOH A . 
I 3 HOH 22 2022 2022 HOH HOH A . 
I 3 HOH 23 2023 2023 HOH HOH A . 
I 3 HOH 24 2024 2024 HOH HOH A . 
I 3 HOH 25 2025 2025 HOH HOH A . 
I 3 HOH 26 2026 2026 HOH HOH A . 
I 3 HOH 27 2027 2027 HOH HOH A . 
I 3 HOH 28 2028 2028 HOH HOH A . 
I 3 HOH 29 2029 2029 HOH HOH A . 
I 3 HOH 30 2030 2030 HOH HOH A . 
I 3 HOH 31 2031 2031 HOH HOH A . 
I 3 HOH 32 2032 2032 HOH HOH A . 
I 3 HOH 33 2033 2033 HOH HOH A . 
I 3 HOH 34 2034 2034 HOH HOH A . 
J 3 HOH 1  2001 2001 HOH HOH B . 
J 3 HOH 2  2002 2002 HOH HOH B . 
J 3 HOH 3  2003 2003 HOH HOH B . 
J 3 HOH 4  2004 2004 HOH HOH B . 
J 3 HOH 5  2005 2005 HOH HOH B . 
J 3 HOH 6  2006 2006 HOH HOH B . 
J 3 HOH 7  2007 2007 HOH HOH B . 
J 3 HOH 8  2008 2008 HOH HOH B . 
J 3 HOH 9  2009 2009 HOH HOH B . 
J 3 HOH 10 2010 2010 HOH HOH B . 
J 3 HOH 11 2011 2011 HOH HOH B . 
J 3 HOH 12 2012 2012 HOH HOH B . 
J 3 HOH 13 2013 2013 HOH HOH B . 
J 3 HOH 14 2014 2014 HOH HOH B . 
J 3 HOH 15 2015 2015 HOH HOH B . 
J 3 HOH 16 2016 2016 HOH HOH B . 
J 3 HOH 17 2017 2017 HOH HOH B . 
J 3 HOH 18 2018 2018 HOH HOH B . 
J 3 HOH 19 2019 2019 HOH HOH B . 
J 3 HOH 20 2020 2020 HOH HOH B . 
J 3 HOH 21 2021 2021 HOH HOH B . 
J 3 HOH 22 2022 2022 HOH HOH B . 
J 3 HOH 23 2023 2023 HOH HOH B . 
J 3 HOH 24 2024 2024 HOH HOH B . 
J 3 HOH 25 2025 2025 HOH HOH B . 
J 3 HOH 26 2026 2026 HOH HOH B . 
J 3 HOH 27 2027 2027 HOH HOH B . 
J 3 HOH 28 2028 2028 HOH HOH B . 
J 3 HOH 29 2029 2029 HOH HOH B . 
J 3 HOH 30 2030 2030 HOH HOH B . 
J 3 HOH 31 2031 2031 HOH HOH B . 
J 3 HOH 32 2032 2032 HOH HOH B . 
J 3 HOH 33 2033 2033 HOH HOH B . 
J 3 HOH 34 2034 2034 HOH HOH B . 
J 3 HOH 35 2035 2035 HOH HOH B . 
J 3 HOH 36 2036 2036 HOH HOH B . 
J 3 HOH 37 2037 2037 HOH HOH B . 
J 3 HOH 38 2038 2038 HOH HOH B . 
J 3 HOH 39 2039 2039 HOH HOH B . 
J 3 HOH 40 2040 2040 HOH HOH B . 
J 3 HOH 41 2041 2041 HOH HOH B . 
J 3 HOH 42 2042 2042 HOH HOH B . 
K 3 HOH 1  2001 2001 HOH HOH C . 
K 3 HOH 2  2002 2002 HOH HOH C . 
K 3 HOH 3  2003 2003 HOH HOH C . 
K 3 HOH 4  2004 2004 HOH HOH C . 
K 3 HOH 5  2005 2005 HOH HOH C . 
K 3 HOH 6  2006 2006 HOH HOH C . 
K 3 HOH 7  2007 2007 HOH HOH C . 
K 3 HOH 8  2008 2008 HOH HOH C . 
K 3 HOH 9  2009 2009 HOH HOH C . 
K 3 HOH 10 2010 2010 HOH HOH C . 
K 3 HOH 11 2011 2011 HOH HOH C . 
K 3 HOH 12 2012 2012 HOH HOH C . 
K 3 HOH 13 2013 2013 HOH HOH C . 
K 3 HOH 14 2014 2014 HOH HOH C . 
K 3 HOH 15 2015 2015 HOH HOH C . 
K 3 HOH 16 2016 2016 HOH HOH C . 
K 3 HOH 17 2017 2017 HOH HOH C . 
K 3 HOH 18 2018 2018 HOH HOH C . 
K 3 HOH 19 2019 2019 HOH HOH C . 
K 3 HOH 20 2020 2020 HOH HOH C . 
K 3 HOH 21 2021 2021 HOH HOH C . 
K 3 HOH 22 2022 2022 HOH HOH C . 
K 3 HOH 23 2023 2023 HOH HOH C . 
K 3 HOH 24 2024 2024 HOH HOH C . 
K 3 HOH 25 2025 2025 HOH HOH C . 
K 3 HOH 26 2026 2026 HOH HOH C . 
K 3 HOH 27 2027 2027 HOH HOH C . 
K 3 HOH 28 2028 2028 HOH HOH C . 
K 3 HOH 29 2029 2029 HOH HOH C . 
K 3 HOH 30 2030 2030 HOH HOH C . 
K 3 HOH 31 2031 2031 HOH HOH C . 
K 3 HOH 32 2032 2032 HOH HOH C . 
K 3 HOH 33 2033 2033 HOH HOH C . 
L 3 HOH 1  2001 2001 HOH HOH D . 
L 3 HOH 2  2002 2002 HOH HOH D . 
L 3 HOH 3  2003 2003 HOH HOH D . 
L 3 HOH 4  2004 2004 HOH HOH D . 
L 3 HOH 5  2005 2005 HOH HOH D . 
L 3 HOH 6  2006 2006 HOH HOH D . 
L 3 HOH 7  2007 2007 HOH HOH D . 
L 3 HOH 8  2008 2008 HOH HOH D . 
L 3 HOH 9  2009 2009 HOH HOH D . 
L 3 HOH 10 2010 2010 HOH HOH D . 
L 3 HOH 11 2011 2011 HOH HOH D . 
L 3 HOH 12 2012 2012 HOH HOH D . 
L 3 HOH 13 2013 2013 HOH HOH D . 
L 3 HOH 14 2014 2014 HOH HOH D . 
L 3 HOH 15 2015 2015 HOH HOH D . 
L 3 HOH 16 2016 2016 HOH HOH D . 
L 3 HOH 17 2017 2017 HOH HOH D . 
L 3 HOH 18 2018 2018 HOH HOH D . 
L 3 HOH 19 2019 2019 HOH HOH D . 
L 3 HOH 20 2020 2020 HOH HOH D . 
L 3 HOH 21 2021 2021 HOH HOH D . 
L 3 HOH 22 2022 2022 HOH HOH D . 
L 3 HOH 23 2023 2023 HOH HOH D . 
L 3 HOH 24 2024 2024 HOH HOH D . 
L 3 HOH 25 2025 2025 HOH HOH D . 
L 3 HOH 26 2026 2026 HOH HOH D . 
L 3 HOH 27 2027 2027 HOH HOH D . 
L 3 HOH 28 2028 2028 HOH HOH D . 
L 3 HOH 29 2029 2029 HOH HOH D . 
L 3 HOH 30 2030 2030 HOH HOH D . 
L 3 HOH 31 2031 2031 HOH HOH D . 
L 3 HOH 32 2032 2032 HOH HOH D . 
L 3 HOH 33 2033 2033 HOH HOH D . 
L 3 HOH 34 2034 2034 HOH HOH D . 
L 3 HOH 35 2035 2035 HOH HOH D . 
L 3 HOH 36 2036 2036 HOH HOH D . 
L 3 HOH 37 2037 2037 HOH HOH D . 
L 3 HOH 38 2038 2038 HOH HOH D . 
L 3 HOH 39 2039 2039 HOH HOH D . 
L 3 HOH 40 2040 2040 HOH HOH D . 
L 3 HOH 41 2041 2041 HOH HOH D . 
L 3 HOH 42 2042 2042 HOH HOH D . 
L 3 HOH 43 2043 2043 HOH HOH D . 
L 3 HOH 44 2044 2044 HOH HOH D . 
M 3 HOH 1  2001 2001 HOH HOH E . 
M 3 HOH 2  2002 2002 HOH HOH E . 
M 3 HOH 3  2003 2003 HOH HOH E . 
M 3 HOH 4  2004 2004 HOH HOH E . 
M 3 HOH 5  2005 2005 HOH HOH E . 
M 3 HOH 6  2006 2006 HOH HOH E . 
M 3 HOH 7  2007 2007 HOH HOH E . 
M 3 HOH 8  2008 2008 HOH HOH E . 
M 3 HOH 9  2009 2009 HOH HOH E . 
N 3 HOH 1  2001 2001 HOH HOH F . 
N 3 HOH 2  2002 2002 HOH HOH F . 
N 3 HOH 3  2003 2003 HOH HOH F . 
N 3 HOH 4  2004 2004 HOH HOH F . 
N 3 HOH 5  2005 2005 HOH HOH F . 
N 3 HOH 6  2006 2006 HOH HOH F . 
N 3 HOH 7  2007 2007 HOH HOH F . 
N 3 HOH 8  2008 2008 HOH HOH F . 
N 3 HOH 9  2009 2009 HOH HOH F . 
O 3 HOH 1  2001 2001 HOH HOH G . 
O 3 HOH 2  2002 2002 HOH HOH G . 
O 3 HOH 3  2003 2003 HOH HOH G . 
O 3 HOH 4  2004 2004 HOH HOH G . 
O 3 HOH 5  2005 2005 HOH HOH G . 
O 3 HOH 6  2006 2006 HOH HOH G . 
O 3 HOH 7  2007 2007 HOH HOH G . 
O 3 HOH 8  2008 2008 HOH HOH G . 
O 3 HOH 9  2009 2009 HOH HOH G . 
O 3 HOH 10 2010 2010 HOH HOH G . 
P 3 HOH 1  2001 2001 HOH HOH H . 
P 3 HOH 2  2002 2002 HOH HOH H . 
P 3 HOH 3  2003 2003 HOH HOH H . 
P 3 HOH 4  2004 2004 HOH HOH H . 
P 3 HOH 5  2005 2005 HOH HOH H . 
P 3 HOH 6  2006 2006 HOH HOH H . 
P 3 HOH 7  2007 2007 HOH HOH H . 
# 
loop_
_pdbx_unobs_or_zero_occ_atoms.id 
_pdbx_unobs_or_zero_occ_atoms.PDB_model_num 
_pdbx_unobs_or_zero_occ_atoms.polymer_flag 
_pdbx_unobs_or_zero_occ_atoms.occupancy_flag 
_pdbx_unobs_or_zero_occ_atoms.auth_asym_id 
_pdbx_unobs_or_zero_occ_atoms.auth_comp_id 
_pdbx_unobs_or_zero_occ_atoms.auth_seq_id 
_pdbx_unobs_or_zero_occ_atoms.PDB_ins_code 
_pdbx_unobs_or_zero_occ_atoms.auth_atom_id 
_pdbx_unobs_or_zero_occ_atoms.label_alt_id 
_pdbx_unobs_or_zero_occ_atoms.label_asym_id 
_pdbx_unobs_or_zero_occ_atoms.label_comp_id 
_pdbx_unobs_or_zero_occ_atoms.label_seq_id 
_pdbx_unobs_or_zero_occ_atoms.label_atom_id 
1 1 Y 1 A DG 2  ? P   ? A DG 2 P   
2 1 Y 1 A DG 2  ? OP1 ? A DG 2 OP1 
3 1 Y 1 A DG 2  ? OP2 ? A DG 2 OP2 
4 1 Y 1 C DG 22 ? P   ? C DG 2 P   
5 1 Y 1 C DG 22 ? OP1 ? C DG 2 OP1 
6 1 Y 1 C DG 22 ? OP2 ? C DG 2 OP2 
# 
loop_
_software.name 
_software.classification 
_software.version 
_software.citation_id 
_software.pdbx_ordinal 
SHELXL-97 refinement       . ? 1 
CNS       refinement       . ? 2 
d*TREK    'data reduction' . ? 3 
HKL-2000  'data scaling'   . ? 4 
CNS       phasing          . ? 5 
# 
_cell.entry_id           1I3W 
_cell.length_a           47.013 
_cell.length_b           47.013 
_cell.length_c           160.368 
_cell.angle_alpha        90.00 
_cell.angle_beta         90.00 
_cell.angle_gamma        90.00 
_cell.Z_PDB              32 
_cell.pdbx_unique_axis   ? 
# 
_symmetry.entry_id                         1I3W 
_symmetry.space_group_name_H-M             'P 43 21 2' 
_symmetry.pdbx_full_space_group_name_H-M   ? 
_symmetry.cell_setting                     ? 
_symmetry.Int_Tables_number                96 
# 
_exptl.entry_id          1I3W 
_exptl.method            'X-RAY DIFFRACTION' 
_exptl.crystals_number   1 
# 
_exptl_crystal.id                    1 
_exptl_crystal.density_meas          ? 
_exptl_crystal.density_Matthews      3.49 
_exptl_crystal.density_percent_sol   64.74 
_exptl_crystal.description           ? 
# 
_exptl_crystal_grow.crystal_id      1 
_exptl_crystal_grow.method          ? 
_exptl_crystal_grow.temp            ? 
_exptl_crystal_grow.temp_details    ? 
_exptl_crystal_grow.pH              4.5 
_exptl_crystal_grow.pdbx_pH_range   ? 
_exptl_crystal_grow.pdbx_details    
'GLYCINE BUFFER, BARIUM CHLORIDE, SPERMINE, PEG400, PH 4.5, VAPOR DIFFUSION, SITTING DROP, TEMPERATURE 277K' 
# 
loop_
_exptl_crystal_grow_comp.crystal_id 
_exptl_crystal_grow_comp.id 
_exptl_crystal_grow_comp.sol_id 
_exptl_crystal_grow_comp.name 
_exptl_crystal_grow_comp.volume 
_exptl_crystal_grow_comp.conc 
_exptl_crystal_grow_comp.details 
1 1 1 'glycine buffer'  ? ? ? 
1 2 1 'barium chloride' ? ? ? 
1 3 1 spermine          ? ? ? 
1 4 1 'PEG 400'         ? ? ? 
# 
_diffrn.id                     1 
_diffrn.ambient_temp           110.0 
_diffrn.ambient_temp_details   ? 
_diffrn.crystal_id             1 
# 
_diffrn_detector.diffrn_id              1 
_diffrn_detector.detector               CCD 
_diffrn_detector.type                   CUSTOM-MADE 
_diffrn_detector.pdbx_collection_date   1999-02-26 
_diffrn_detector.details                ? 
# 
_diffrn_radiation.diffrn_id                        1 
_diffrn_radiation.wavelength_id                    1 
_diffrn_radiation.pdbx_monochromatic_or_laue_m_l   M 
_diffrn_radiation.monochromator                    'SAGITALLY FOCUSED SI(111)' 
_diffrn_radiation.pdbx_diffrn_protocol             'SINGLE WAVELENGTH' 
_diffrn_radiation.pdbx_scattering_type             x-ray 
# 
_diffrn_radiation_wavelength.id           1 
_diffrn_radiation_wavelength.wavelength   0.9530 
_diffrn_radiation_wavelength.wt           1.0 
# 
_diffrn_source.diffrn_id                   1 
_diffrn_source.source                      SYNCHROTRON 
_diffrn_source.type                        'APS BEAMLINE 19-ID' 
_diffrn_source.pdbx_synchrotron_site       APS 
_diffrn_source.pdbx_synchrotron_beamline   19-ID 
_diffrn_source.pdbx_wavelength             0.9530 
_diffrn_source.pdbx_wavelength_list        ? 
# 
_reflns.pdbx_diffrn_id               1 
_reflns.pdbx_ordinal                 1 
_reflns.entry_id                     1I3W 
_reflns.observed_criterion_sigma_I   0.000 
_reflns.observed_criterion_sigma_F   ? 
_reflns.d_resolution_low             10.000 
_reflns.d_resolution_high            1.700 
_reflns.number_obs                   19747 
_reflns.number_all                   ? 
_reflns.percent_possible_obs         95.2 
_reflns.pdbx_Rmerge_I_obs            0.05700 
_reflns.pdbx_Rsym_value              ? 
_reflns.pdbx_netI_over_sigmaI        23.3000 
_reflns.B_iso_Wilson_estimate        ? 
_reflns.pdbx_redundancy              9.800 
# 
_reflns_shell.pdbx_diffrn_id         1 
_reflns_shell.pdbx_ordinal           1 
_reflns_shell.d_res_high             1.70 
_reflns_shell.d_res_low              1.76 
_reflns_shell.percent_possible_all   88.3 
_reflns_shell.Rmerge_I_obs           0.53000 
_reflns_shell.pdbx_Rsym_value        ? 
_reflns_shell.meanI_over_sigI_obs    3.000 
_reflns_shell.pdbx_redundancy        3.50 
# 
_refine.pdbx_refine_id                           'X-RAY DIFFRACTION' 
_refine.entry_id                                 1I3W 
_refine.pdbx_diffrn_id                           1 
_refine.pdbx_TLS_residual_ADP_flag               ? 
_refine.ls_number_reflns_obs                     ? 
_refine.ls_number_reflns_all                     19747 
_refine.pdbx_ls_sigma_I                          ? 
_refine.pdbx_ls_sigma_F                          0.000 
_refine.pdbx_data_cutoff_high_absF               ? 
_refine.pdbx_data_cutoff_low_absF                ? 
_refine.pdbx_data_cutoff_high_rms_absF           ? 
_refine.ls_d_res_low                             10.00 
_refine.ls_d_res_high                            1.70 
_refine.ls_percent_reflns_obs                    95.2 
_refine.ls_R_factor_obs                          0.237 
_refine.ls_R_factor_all                          0.239 
_refine.ls_R_factor_R_work                       ? 
_refine.ls_R_factor_R_free                       0.279 
_refine.ls_R_factor_R_free_error                 ? 
_refine.ls_R_factor_R_free_error_details         ? 
_refine.ls_percent_reflns_R_free                 5.000 
_refine.ls_number_reflns_R_free                  980 
_refine.ls_number_parameters                     ? 
_refine.ls_number_restraints                     ? 
_refine.occupancy_min                            ? 
_refine.occupancy_max                            ? 
_refine.correlation_coeff_Fo_to_Fc               ? 
_refine.correlation_coeff_Fo_to_Fc_free          ? 
_refine.B_iso_mean                               ? 
_refine.aniso_B[1][1]                            ? 
_refine.aniso_B[2][2]                            ? 
_refine.aniso_B[3][3]                            ? 
_refine.aniso_B[1][2]                            ? 
_refine.aniso_B[1][3]                            ? 
_refine.aniso_B[2][3]                            ? 
_refine.solvent_model_details                    'SHELX-97 SWAT' 
_refine.solvent_model_param_ksol                 ? 
_refine.solvent_model_param_bsol                 ? 
_refine.pdbx_solvent_vdw_probe_radii             ? 
_refine.pdbx_solvent_ion_probe_radii             ? 
_refine.pdbx_solvent_shrinkage_radii             ? 
_refine.pdbx_ls_cross_valid_method               'A POSTERIORI' 
_refine.details                                  'SHELX-97 HOPE' 
_refine.pdbx_starting_model                      ? 
_refine.pdbx_method_to_determine_struct          MAD 
_refine.pdbx_isotropic_thermal_model             ? 
_refine.pdbx_stereochemistry_target_values       'G. PARKINSON, J. VOJTECHOSKY, L. CLOWNEY, A.T. BRUNGER, H.M. BERMAN' 
_refine.pdbx_stereochem_target_val_spec_case     ? 
_refine.pdbx_R_Free_selection_details            'RANDOM 5%' 
_refine.pdbx_overall_ESU_R                       ? 
_refine.pdbx_overall_ESU_R_Free                  ? 
_refine.overall_SU_ML                            ? 
_refine.pdbx_overall_phase_error                 ? 
_refine.overall_SU_B                             ? 
_refine.overall_SU_R_Cruickshank_DPI             ? 
_refine.pdbx_overall_SU_R_free_Cruickshank_DPI   ? 
_refine.pdbx_overall_SU_R_Blow_DPI               ? 
_refine.pdbx_overall_SU_R_free_Blow_DPI          ? 
# 
_refine_hist.pdbx_refine_id                   'X-RAY DIFFRACTION' 
_refine_hist.cycle_id                         LAST 
_refine_hist.pdbx_number_atoms_protein        360 
_refine_hist.pdbx_number_atoms_nucleic_acid   770 
_refine_hist.pdbx_number_atoms_ligand         0 
_refine_hist.number_atoms_solvent             188 
_refine_hist.number_atoms_total               1318 
_refine_hist.d_res_high                       1.70 
_refine_hist.d_res_low                        10.00 
# 
loop_
_refine_ls_restr.type 
_refine_ls_restr.dev_ideal 
_refine_ls_restr.dev_ideal_target 
_refine_ls_restr.weight 
_refine_ls_restr.number 
_refine_ls_restr.pdbx_refine_id 
_refine_ls_restr.pdbx_restraint_function 
s_bond_d               0.008 ? ? ? 'X-RAY DIFFRACTION' ? 
s_angle_d              0.024 ? ? ? 'X-RAY DIFFRACTION' ? 
s_similar_dist         ?     ? ? ? 'X-RAY DIFFRACTION' ? 
s_from_restr_planes    0.068 ? ? ? 'X-RAY DIFFRACTION' ? 
s_zero_chiral_vol      0.039 ? ? ? 'X-RAY DIFFRACTION' ? 
s_non_zero_chiral_vol  0.037 ? ? ? 'X-RAY DIFFRACTION' ? 
s_anti_bump_dis_restr  0.008 ? ? ? 'X-RAY DIFFRACTION' ? 
s_rigid_bond_adp_cmpnt ?     ? ? ? 'X-RAY DIFFRACTION' ? 
s_similar_adp_cmpnt    0.081 ? ? ? 'X-RAY DIFFRACTION' ? 
s_approx_iso_adps      ?     ? ? ? 'X-RAY DIFFRACTION' ? 
# 
_pdbx_refine.pdbx_refine_id                              'X-RAY DIFFRACTION' 
_pdbx_refine.entry_id                                    1I3W 
_pdbx_refine.R_factor_all_no_cutoff                      0.239 
_pdbx_refine.R_factor_obs_no_cutoff                      0.237 
_pdbx_refine.free_R_factor_no_cutoff                     0.279 
_pdbx_refine.free_R_error_no_cutoff                      ? 
_pdbx_refine.free_R_val_test_set_size_perc_no_cutoff     5.000 
_pdbx_refine.free_R_val_test_set_ct_no_cutoff            980 
_pdbx_refine.R_factor_all_4sig_cutoff                    0.231 
_pdbx_refine.R_factor_obs_4sig_cutoff                    0.230 
_pdbx_refine.free_R_factor_4sig_cutoff                   0.270 
_pdbx_refine.free_R_val_test_set_size_perc_4sig_cutoff   5.200 
_pdbx_refine.free_R_val_test_set_ct_4sig_cutoff          839 
_pdbx_refine.number_reflns_obs_4sig_cutoff               16195 
# 
_struct.entry_id                  1I3W 
_struct.title                     'ACTINOMYCIN D BINDING TO CGATCGATCG' 
_struct.pdbx_model_details        ? 
_struct.pdbx_CASP_flag            ? 
_struct.pdbx_model_type_details   ? 
# 
_struct_keywords.entry_id        1I3W 
_struct_keywords.pdbx_keywords   DNA/ANTIBIOTIC 
_struct_keywords.text            
'ACTINOMYCIN D, ACTINOMYCIN, ANTIBIOTIC, ANTI CANCER, ANTITUMOR, MISMATCH, CHROMOPHORE, DEPSIPEPTIDE, DNA-ANTIBIOTIC COMPLEX' 
# 
loop_
_struct_asym.id 
_struct_asym.pdbx_blank_PDB_chainid_flag 
_struct_asym.pdbx_modified 
_struct_asym.entity_id 
_struct_asym.details 
A N N 1 ? 
B N N 1 ? 
C N N 1 ? 
D N N 1 ? 
E N N 2 ? 
F N N 2 ? 
G N N 2 ? 
H N N 2 ? 
I N N 3 ? 
J N N 3 ? 
K N N 3 ? 
L N N 3 ? 
M N N 3 ? 
N N N 3 ? 
O N N 3 ? 
P N N 3 ? 
# 
loop_
_struct_ref.id 
_struct_ref.db_name 
_struct_ref.db_code 
_struct_ref.entity_id 
_struct_ref.pdbx_seq_one_letter_code 
_struct_ref.pdbx_align_begin 
_struct_ref.pdbx_db_accession 
_struct_ref.pdbx_db_isoform 
1 PDB 1I3W     1 ? ? 1I3W     ? 
2 NOR NOR00228 2 ? ? NOR00228 ? 
# 
loop_
_struct_ref_seq.align_id 
_struct_ref_seq.ref_id 
_struct_ref_seq.pdbx_PDB_id_code 
_struct_ref_seq.pdbx_strand_id 
_struct_ref_seq.seq_align_beg 
_struct_ref_seq.pdbx_seq_align_beg_ins_code 
_struct_ref_seq.seq_align_end 
_struct_ref_seq.pdbx_seq_align_end_ins_code 
_struct_ref_seq.pdbx_db_accession 
_struct_ref_seq.db_align_beg 
_struct_ref_seq.pdbx_db_align_beg_ins_code 
_struct_ref_seq.db_align_end 
_struct_ref_seq.pdbx_db_align_end_ins_code 
_struct_ref_seq.pdbx_auth_seq_align_beg 
_struct_ref_seq.pdbx_auth_seq_align_end 
1 1 1I3W A 1 ? 10 ? 1I3W     1  ? 10 ? 1  10 
2 1 1I3W B 1 ? 10 ? 1I3W     11 ? 20 ? 11 20 
3 1 1I3W C 1 ? 10 ? 1I3W     21 ? 30 ? 21 30 
4 1 1I3W D 1 ? 10 ? 1I3W     31 ? 40 ? 31 40 
5 2 1I3W E 1 ? 11 ? NOR00228 1  ? 11 ? 1  11 
6 2 1I3W F 1 ? 11 ? NOR00228 1  ? 11 ? 1  11 
7 2 1I3W G 1 ? 11 ? NOR00228 1  ? 11 ? 1  11 
8 2 1I3W H 1 ? 11 ? NOR00228 1  ? 11 ? 1  11 
# 
loop_
_pdbx_struct_assembly.id 
_pdbx_struct_assembly.details 
_pdbx_struct_assembly.method_details 
_pdbx_struct_assembly.oligomeric_details 
_pdbx_struct_assembly.oligomeric_count 
1 author_defined_assembly ? tetrameric 4 
2 author_defined_assembly ? tetrameric 4 
# 
loop_
_pdbx_struct_assembly_gen.assembly_id 
_pdbx_struct_assembly_gen.oper_expression 
_pdbx_struct_assembly_gen.asym_id_list 
1 1 A,B,E,F,I,J,M,N 
2 1 C,D,G,H,K,L,O,P 
# 
_pdbx_struct_oper_list.id                   1 
_pdbx_struct_oper_list.type                 'identity operation' 
_pdbx_struct_oper_list.name                 1_555 
_pdbx_struct_oper_list.symmetry_operation   x,y,z 
_pdbx_struct_oper_list.matrix[1][1]         1.0000000000 
_pdbx_struct_oper_list.matrix[1][2]         0.0000000000 
_pdbx_struct_oper_list.matrix[1][3]         0.0000000000 
_pdbx_struct_oper_list.vector[1]            0.0000000000 
_pdbx_struct_oper_list.matrix[2][1]         0.0000000000 
_pdbx_struct_oper_list.matrix[2][2]         1.0000000000 
_pdbx_struct_oper_list.matrix[2][3]         0.0000000000 
_pdbx_struct_oper_list.vector[2]            0.0000000000 
_pdbx_struct_oper_list.matrix[3][1]         0.0000000000 
_pdbx_struct_oper_list.matrix[3][2]         0.0000000000 
_pdbx_struct_oper_list.matrix[3][3]         1.0000000000 
_pdbx_struct_oper_list.vector[3]            0.0000000000 
# 
_struct_biol.id   1 
# 
loop_
_struct_conn.id 
_struct_conn.conn_type_id 
_struct_conn.pdbx_leaving_atom_flag 
_struct_conn.pdbx_PDB_id 
_struct_conn.ptnr1_label_asym_id 
_struct_conn.ptnr1_label_comp_id 
_struct_conn.ptnr1_label_seq_id 
_struct_conn.ptnr1_label_atom_id 
_struct_conn.pdbx_ptnr1_label_alt_id 
_struct_conn.pdbx_ptnr1_PDB_ins_code 
_struct_conn.pdbx_ptnr1_standard_comp_id 
_struct_conn.ptnr1_symmetry 
_struct_conn.ptnr2_label_asym_id 
_struct_conn.ptnr2_label_comp_id 
_struct_conn.ptnr2_label_seq_id 
_struct_conn.ptnr2_label_atom_id 
_struct_conn.pdbx_ptnr2_label_alt_id 
_struct_conn.pdbx_ptnr2_PDB_ins_code 
_struct_conn.ptnr1_auth_asym_id 
_struct_conn.ptnr1_auth_comp_id 
_struct_conn.ptnr1_auth_seq_id 
_struct_conn.ptnr2_auth_asym_id 
_struct_conn.ptnr2_auth_comp_id 
_struct_conn.ptnr2_auth_seq_id 
_struct_conn.ptnr2_symmetry 
_struct_conn.pdbx_ptnr3_label_atom_id 
_struct_conn.pdbx_ptnr3_label_seq_id 
_struct_conn.pdbx_ptnr3_label_comp_id 
_struct_conn.pdbx_ptnr3_label_asym_id 
_struct_conn.pdbx_ptnr3_label_alt_id 
_struct_conn.pdbx_ptnr3_PDB_ins_code 
_struct_conn.details 
_struct_conn.pdbx_dist_value 
_struct_conn.pdbx_value_order 
_struct_conn.pdbx_role 
covale1  covale both ? A DA  7  "O3'" ? ? ? 1_555 A BRU 8  P  ? ? A DA  7  A BRU 8  1_555 ? ? ? ? ? ? ?            1.595 ? ? 
covale2  covale both ? A BRU 8  "O3'" ? ? ? 1_555 A DC  9  P  ? ? A BRU 8  A DC  9  1_555 ? ? ? ? ? ? ?            1.606 ? ? 
covale3  covale both ? B DA  7  "O3'" ? ? ? 1_555 B BRU 8  P  ? ? B DA  17 B BRU 18 1_555 ? ? ? ? ? ? ?            1.596 ? ? 
covale4  covale both ? B BRU 8  "O3'" ? ? ? 1_555 B DC  9  P  ? ? B BRU 18 B DC  19 1_555 ? ? ? ? ? ? ?            1.606 ? ? 
covale5  covale both ? C DA  7  "O3'" ? ? ? 1_555 C BRU 8  P  ? ? C DA  27 C BRU 28 1_555 ? ? ? ? ? ? ?            1.587 ? ? 
covale6  covale both ? C BRU 8  "O3'" ? ? ? 1_555 C DC  9  P  ? ? C BRU 28 C DC  29 1_555 ? ? ? ? ? ? ?            1.575 ? ? 
covale7  covale both ? D DA  7  "O3'" ? ? ? 1_555 D BRU 8  P  ? ? D DA  37 D BRU 38 1_555 ? ? ? ? ? ? ?            1.607 ? ? 
covale8  covale both ? D BRU 8  "O3'" ? ? ? 1_555 D DC  9  P  ? ? D BRU 38 D DC  39 1_555 ? ? ? ? ? ? ?            1.609 ? ? 
covale9  covale both ? E THR 1  C     ? ? ? 1_555 E DVA 2  N  ? ? E THR 1  E DVA 2  1_555 ? ? ? ? ? ? ?            1.329 ? ? 
covale10 covale one  ? E THR 1  OG1   ? ? ? 1_555 E MVA 5  C  ? ? E THR 1  E MVA 5  1_555 ? ? ? ? ? ? ?            1.336 ? ? 
covale11 covale both ? E THR 1  N     ? ? ? 1_555 E PXZ 6  C0 ? ? E THR 1  E PXZ 6  1_555 ? ? ? ? ? ? ?            1.345 ? ? 
covale12 covale both ? E DVA 2  C     ? ? ? 1_555 E PRO 3  N  ? ? E DVA 2  E PRO 3  1_555 ? ? ? ? ? ? ?            1.336 ? ? 
covale13 covale both ? E PRO 3  C     ? ? ? 1_555 E SAR 4  N  ? ? E PRO 3  E SAR 4  1_555 ? ? ? ? ? ? ?            1.329 ? ? 
covale14 covale both ? E SAR 4  C     ? ? ? 1_555 E MVA 5  N  ? ? E SAR 4  E MVA 5  1_555 ? ? ? ? ? ? ?            1.333 ? ? 
covale15 covale both ? E PXZ 6  "C0'" ? ? ? 1_555 E THR 7  N  ? ? E PXZ 6  E THR 7  1_555 ? ? ? ? ? ? ?            1.344 ? ? 
covale16 covale both ? E THR 7  C     ? ? ? 1_555 E DVA 8  N  ? ? E THR 7  E DVA 8  1_555 ? ? ? ? ? ? ?            1.324 ? ? 
covale17 covale one  ? E THR 7  OG1   ? ? ? 1_555 E MVA 11 C  ? ? E THR 7  E MVA 11 1_555 ? ? ? ? ? ? ?            1.333 ? ? 
covale18 covale both ? E DVA 8  C     ? ? ? 1_555 E PRO 9  N  ? ? E DVA 8  E PRO 9  1_555 ? ? ? ? ? ? ?            1.334 ? ? 
covale19 covale both ? E PRO 9  C     ? ? ? 1_555 E SAR 10 N  ? ? E PRO 9  E SAR 10 1_555 ? ? ? ? ? ? ?            1.335 ? ? 
covale20 covale both ? E SAR 10 C     ? ? ? 1_555 E MVA 11 N  ? ? E SAR 10 E MVA 11 1_555 ? ? ? ? ? ? ?            1.329 ? ? 
covale21 covale both ? F THR 1  C     ? ? ? 1_555 F DVA 2  N  ? ? F THR 1  F DVA 2  1_555 ? ? ? ? ? ? ?            1.326 ? ? 
covale22 covale one  ? F THR 1  OG1   ? ? ? 1_555 F MVA 5  C  ? ? F THR 1  F MVA 5  1_555 ? ? ? ? ? ? ?            1.322 ? ? 
covale23 covale both ? F THR 1  N     ? ? ? 1_555 F PXZ 6  C0 ? ? F THR 1  F PXZ 6  1_555 ? ? ? ? ? ? ?            1.354 ? ? 
covale24 covale both ? F DVA 2  C     ? ? ? 1_555 F PRO 3  N  ? ? F DVA 2  F PRO 3  1_555 ? ? ? ? ? ? ?            1.321 ? ? 
covale25 covale both ? F PRO 3  C     ? ? ? 1_555 F SAR 4  N  ? ? F PRO 3  F SAR 4  1_555 ? ? ? ? ? ? ?            1.336 ? ? 
covale26 covale both ? F SAR 4  C     ? ? ? 1_555 F MVA 5  N  ? ? F SAR 4  F MVA 5  1_555 ? ? ? ? ? ? ?            1.334 ? ? 
covale27 covale both ? F PXZ 6  "C0'" ? ? ? 1_555 F THR 7  N  ? ? F PXZ 6  F THR 7  1_555 ? ? ? ? ? ? ?            1.341 ? ? 
covale28 covale both ? F THR 7  C     ? ? ? 1_555 F DVA 8  N  ? ? F THR 7  F DVA 8  1_555 ? ? ? ? ? ? ?            1.325 ? ? 
covale29 covale one  ? F THR 7  OG1   ? ? ? 1_555 F MVA 11 C  ? ? F THR 7  F MVA 11 1_555 ? ? ? ? ? ? ?            1.316 ? ? 
covale30 covale both ? F DVA 8  C     ? ? ? 1_555 F PRO 9  N  ? ? F DVA 8  F PRO 9  1_555 ? ? ? ? ? ? ?            1.332 ? ? 
covale31 covale both ? F PRO 9  C     ? ? ? 1_555 F SAR 10 N  ? ? F PRO 9  F SAR 10 1_555 ? ? ? ? ? ? ?            1.340 ? ? 
covale32 covale both ? F SAR 10 C     ? ? ? 1_555 F MVA 11 N  ? ? F SAR 10 F MVA 11 1_555 ? ? ? ? ? ? ?            1.325 ? ? 
covale33 covale both ? G THR 1  C     ? ? ? 1_555 G DVA 2  N  ? ? G THR 1  G DVA 2  1_555 ? ? ? ? ? ? ?            1.329 ? ? 
covale34 covale one  ? G THR 1  OG1   ? ? ? 1_555 G MVA 5  C  ? ? G THR 1  G MVA 5  1_555 ? ? ? ? ? ? ?            1.330 ? ? 
covale35 covale both ? G THR 1  N     ? ? ? 1_555 G PXZ 6  C0 ? ? G THR 1  G PXZ 6  1_555 ? ? ? ? ? ? ?            1.335 ? ? 
covale36 covale both ? G DVA 2  C     ? ? ? 1_555 G PRO 3  N  ? ? G DVA 2  G PRO 3  1_555 ? ? ? ? ? ? ?            1.348 ? ? 
covale37 covale both ? G PRO 3  C     ? ? ? 1_555 G SAR 4  N  ? ? G PRO 3  G SAR 4  1_555 ? ? ? ? ? ? ?            1.336 ? ? 
covale38 covale both ? G SAR 4  C     ? ? ? 1_555 G MVA 5  N  ? ? G SAR 4  G MVA 5  1_555 ? ? ? ? ? ? ?            1.331 ? ? 
covale39 covale both ? G PXZ 6  "C0'" ? ? ? 1_555 G THR 7  N  ? ? G PXZ 6  G THR 7  1_555 ? ? ? ? ? ? ?            1.335 ? ? 
covale40 covale both ? G THR 7  C     ? ? ? 1_555 G DVA 8  N  ? ? G THR 7  G DVA 8  1_555 ? ? ? ? ? ? ?            1.332 ? ? 
covale41 covale one  ? G THR 7  OG1   ? ? ? 1_555 G MVA 11 C  ? ? G THR 7  G MVA 11 1_555 ? ? ? ? ? ? ?            1.322 ? ? 
covale42 covale both ? G DVA 8  C     ? ? ? 1_555 G PRO 9  N  ? ? G DVA 8  G PRO 9  1_555 ? ? ? ? ? ? ?            1.327 ? ? 
covale43 covale both ? G PRO 9  C     ? ? ? 1_555 G SAR 10 N  ? ? G PRO 9  G SAR 10 1_555 ? ? ? ? ? ? ?            1.339 ? ? 
covale44 covale both ? G SAR 10 C     ? ? ? 1_555 G MVA 11 N  ? ? G SAR 10 G MVA 11 1_555 ? ? ? ? ? ? ?            1.335 ? ? 
covale45 covale both ? H THR 1  C     ? ? ? 1_555 H DVA 2  N  ? ? H THR 1  H DVA 2  1_555 ? ? ? ? ? ? ?            1.328 ? ? 
covale46 covale one  ? H THR 1  OG1   ? ? ? 1_555 H MVA 5  C  ? ? H THR 1  H MVA 5  1_555 ? ? ? ? ? ? ?            1.336 ? ? 
covale47 covale both ? H THR 1  N     ? ? ? 1_555 H PXZ 6  C0 ? ? H THR 1  H PXZ 6  1_555 ? ? ? ? ? ? ?            1.355 ? ? 
covale48 covale both ? H DVA 2  C     ? ? ? 1_555 H PRO 3  N  ? ? H DVA 2  H PRO 3  1_555 ? ? ? ? ? ? ?            1.335 ? ? 
covale49 covale both ? H PRO 3  C     ? ? ? 1_555 H SAR 4  N  ? ? H PRO 3  H SAR 4  1_555 ? ? ? ? ? ? ?            1.327 ? ? 
covale50 covale both ? H SAR 4  C     ? ? ? 1_555 H MVA 5  N  ? ? H SAR 4  H MVA 5  1_555 ? ? ? ? ? ? ?            1.333 ? ? 
covale51 covale both ? H PXZ 6  "C0'" ? ? ? 1_555 H THR 7  N  ? ? H PXZ 6  H THR 7  1_555 ? ? ? ? ? ? ?            1.345 ? ? 
covale52 covale both ? H THR 7  C     ? ? ? 1_555 H DVA 8  N  ? ? H THR 7  H DVA 8  1_555 ? ? ? ? ? ? ?            1.320 ? ? 
covale53 covale one  ? H THR 7  OG1   ? ? ? 1_555 H MVA 11 C  ? ? H THR 7  H MVA 11 1_555 ? ? ? ? ? ? ?            1.327 ? ? 
covale54 covale both ? H DVA 8  C     ? ? ? 1_555 H PRO 9  N  ? ? H DVA 8  H PRO 9  1_555 ? ? ? ? ? ? ?            1.331 ? ? 
covale55 covale both ? H PRO 9  C     ? ? ? 1_555 H SAR 10 N  ? ? H PRO 9  H SAR 10 1_555 ? ? ? ? ? ? ?            1.325 ? ? 
covale56 covale both ? H SAR 10 C     ? ? ? 1_555 H MVA 11 N  ? ? H SAR 10 H MVA 11 1_555 ? ? ? ? ? ? ?            1.325 ? ? 
hydrog1  hydrog ?    ? A DC  5  N3    ? ? ? 1_555 B DG  10 N1 ? ? A DC  5  B DG  20 1_555 ? ? ? ? ? ? WATSON-CRICK ?     ? ? 
hydrog2  hydrog ?    ? A DC  5  N4    ? ? ? 1_555 B DG  10 O6 ? ? A DC  5  B DG  20 1_555 ? ? ? ? ? ? WATSON-CRICK ?     ? ? 
hydrog3  hydrog ?    ? A DC  5  O2    ? ? ? 1_555 B DG  10 N2 ? ? A DC  5  B DG  20 1_555 ? ? ? ? ? ? WATSON-CRICK ?     ? ? 
hydrog4  hydrog ?    ? A DG  6  N1    ? ? ? 1_555 B DC  9  N3 ? ? A DG  6  B DC  19 1_555 ? ? ? ? ? ? WATSON-CRICK ?     ? ? 
hydrog5  hydrog ?    ? A DG  6  N2    ? ? ? 1_555 B DC  9  O2 ? ? A DG  6  B DC  19 1_555 ? ? ? ? ? ? WATSON-CRICK ?     ? ? 
hydrog6  hydrog ?    ? A DG  6  O6    ? ? ? 1_555 B DC  9  N4 ? ? A DG  6  B DC  19 1_555 ? ? ? ? ? ? WATSON-CRICK ?     ? ? 
hydrog7  hydrog ?    ? A DA  7  N1    ? ? ? 1_555 B BRU 8  N3 ? ? A DA  7  B BRU 18 1_555 ? ? ? ? ? ? WATSON-CRICK ?     ? ? 
hydrog8  hydrog ?    ? A DA  7  N6    ? ? ? 1_555 B BRU 8  O4 ? ? A DA  7  B BRU 18 1_555 ? ? ? ? ? ? WATSON-CRICK ?     ? ? 
hydrog9  hydrog ?    ? A BRU 8  N3    ? ? ? 1_555 B DA  7  N1 ? ? A BRU 8  B DA  17 1_555 ? ? ? ? ? ? WATSON-CRICK ?     ? ? 
hydrog10 hydrog ?    ? A BRU 8  O4    ? ? ? 1_555 B DA  7  N6 ? ? A BRU 8  B DA  17 1_555 ? ? ? ? ? ? WATSON-CRICK ?     ? ? 
hydrog11 hydrog ?    ? A DC  9  N3    ? ? ? 1_555 B DG  6  N1 ? ? A DC  9  B DG  16 1_555 ? ? ? ? ? ? WATSON-CRICK ?     ? ? 
hydrog12 hydrog ?    ? A DC  9  N4    ? ? ? 1_555 B DG  6  O6 ? ? A DC  9  B DG  16 1_555 ? ? ? ? ? ? WATSON-CRICK ?     ? ? 
hydrog13 hydrog ?    ? A DC  9  O2    ? ? ? 1_555 B DG  6  N2 ? ? A DC  9  B DG  16 1_555 ? ? ? ? ? ? WATSON-CRICK ?     ? ? 
hydrog14 hydrog ?    ? A DG  10 N1    ? ? ? 1_555 B DC  5  N3 ? ? A DG  10 B DC  15 1_555 ? ? ? ? ? ? WATSON-CRICK ?     ? ? 
hydrog15 hydrog ?    ? A DG  10 N2    ? ? ? 1_555 B DC  5  O2 ? ? A DG  10 B DC  15 1_555 ? ? ? ? ? ? WATSON-CRICK ?     ? ? 
hydrog16 hydrog ?    ? A DG  10 O6    ? ? ? 1_555 B DC  5  N4 ? ? A DG  10 B DC  15 1_555 ? ? ? ? ? ? WATSON-CRICK ?     ? ? 
hydrog17 hydrog ?    ? C DC  5  N3    ? ? ? 1_555 D DG  10 N1 ? ? C DC  25 D DG  40 1_555 ? ? ? ? ? ? WATSON-CRICK ?     ? ? 
hydrog18 hydrog ?    ? C DC  5  N4    ? ? ? 1_555 D DG  10 O6 ? ? C DC  25 D DG  40 1_555 ? ? ? ? ? ? WATSON-CRICK ?     ? ? 
hydrog19 hydrog ?    ? C DC  5  O2    ? ? ? 1_555 D DG  10 N2 ? ? C DC  25 D DG  40 1_555 ? ? ? ? ? ? WATSON-CRICK ?     ? ? 
hydrog20 hydrog ?    ? C DG  6  N1    ? ? ? 1_555 D DC  9  N3 ? ? C DG  26 D DC  39 1_555 ? ? ? ? ? ? WATSON-CRICK ?     ? ? 
hydrog21 hydrog ?    ? C DG  6  N2    ? ? ? 1_555 D DC  9  O2 ? ? C DG  26 D DC  39 1_555 ? ? ? ? ? ? WATSON-CRICK ?     ? ? 
hydrog22 hydrog ?    ? C DG  6  O6    ? ? ? 1_555 D DC  9  N4 ? ? C DG  26 D DC  39 1_555 ? ? ? ? ? ? WATSON-CRICK ?     ? ? 
hydrog23 hydrog ?    ? C DA  7  N1    ? ? ? 1_555 D BRU 8  N3 ? ? C DA  27 D BRU 38 1_555 ? ? ? ? ? ? WATSON-CRICK ?     ? ? 
hydrog24 hydrog ?    ? C DA  7  N6    ? ? ? 1_555 D BRU 8  O4 ? ? C DA  27 D BRU 38 1_555 ? ? ? ? ? ? WATSON-CRICK ?     ? ? 
hydrog25 hydrog ?    ? C BRU 8  N3    ? ? ? 1_555 D DA  7  N1 ? ? C BRU 28 D DA  37 1_555 ? ? ? ? ? ? WATSON-CRICK ?     ? ? 
hydrog26 hydrog ?    ? C BRU 8  O4    ? ? ? 1_555 D DA  7  N6 ? ? C BRU 28 D DA  37 1_555 ? ? ? ? ? ? WATSON-CRICK ?     ? ? 
hydrog27 hydrog ?    ? C DC  9  N3    ? ? ? 1_555 D DG  6  N1 ? ? C DC  29 D DG  36 1_555 ? ? ? ? ? ? WATSON-CRICK ?     ? ? 
hydrog28 hydrog ?    ? C DC  9  N4    ? ? ? 1_555 D DG  6  O6 ? ? C DC  29 D DG  36 1_555 ? ? ? ? ? ? WATSON-CRICK ?     ? ? 
hydrog29 hydrog ?    ? C DC  9  O2    ? ? ? 1_555 D DG  6  N2 ? ? C DC  29 D DG  36 1_555 ? ? ? ? ? ? WATSON-CRICK ?     ? ? 
hydrog30 hydrog ?    ? C DG  10 N1    ? ? ? 1_555 D DC  5  N3 ? ? C DG  30 D DC  35 1_555 ? ? ? ? ? ? WATSON-CRICK ?     ? ? 
hydrog31 hydrog ?    ? C DG  10 N2    ? ? ? 1_555 D DC  5  O2 ? ? C DG  30 D DC  35 1_555 ? ? ? ? ? ? WATSON-CRICK ?     ? ? 
hydrog32 hydrog ?    ? C DG  10 O6    ? ? ? 1_555 D DC  5  N4 ? ? C DG  30 D DC  35 1_555 ? ? ? ? ? ? WATSON-CRICK ?     ? ? 
# 
loop_
_struct_conn_type.id 
_struct_conn_type.criteria 
_struct_conn_type.reference 
covale ? ? 
hydrog ? ? 
# 
loop_
_pdbx_modification_feature.ordinal 
_pdbx_modification_feature.label_comp_id 
_pdbx_modification_feature.label_asym_id 
_pdbx_modification_feature.label_seq_id 
_pdbx_modification_feature.label_alt_id 
_pdbx_modification_feature.modified_residue_label_comp_id 
_pdbx_modification_feature.modified_residue_label_asym_id 
_pdbx_modification_feature.modified_residue_label_seq_id 
_pdbx_modification_feature.modified_residue_label_alt_id 
_pdbx_modification_feature.auth_comp_id 
_pdbx_modification_feature.auth_asym_id 
_pdbx_modification_feature.auth_seq_id 
_pdbx_modification_feature.PDB_ins_code 
_pdbx_modification_feature.symmetry 
_pdbx_modification_feature.modified_residue_auth_comp_id 
_pdbx_modification_feature.modified_residue_auth_asym_id 
_pdbx_modification_feature.modified_residue_auth_seq_id 
_pdbx_modification_feature.modified_residue_PDB_ins_code 
_pdbx_modification_feature.modified_residue_symmetry 
_pdbx_modification_feature.comp_id_linking_atom 
_pdbx_modification_feature.modified_residue_id_linking_atom 
_pdbx_modification_feature.modified_residue_id 
_pdbx_modification_feature.ref_pcm_id 
_pdbx_modification_feature.ref_comp_id 
_pdbx_modification_feature.type 
_pdbx_modification_feature.category 
1  SAR E 4  ? .   . .  . SAR E 4  ? 1_555 .   . .  . .     .   .  GLY 1 SAR Methylation 'Named protein modification' 
2  MVA E 5  ? .   . .  . MVA E 5  ? 1_555 .   . .  . .     .   .  VAL 1 MVA Methylation 'Named protein modification' 
3  SAR E 10 ? .   . .  . SAR E 10 ? 1_555 .   . .  . .     .   .  GLY 1 SAR Methylation 'Named protein modification' 
4  MVA E 11 ? .   . .  . MVA E 11 ? 1_555 .   . .  . .     .   .  VAL 1 MVA Methylation 'Named protein modification' 
5  SAR F 4  ? .   . .  . SAR F 4  ? 1_555 .   . .  . .     .   .  GLY 1 SAR Methylation 'Named protein modification' 
6  MVA F 5  ? .   . .  . MVA F 5  ? 1_555 .   . .  . .     .   .  VAL 1 MVA Methylation 'Named protein modification' 
7  SAR F 10 ? .   . .  . SAR F 10 ? 1_555 .   . .  . .     .   .  GLY 1 SAR Methylation 'Named protein modification' 
8  MVA F 11 ? .   . .  . MVA F 11 ? 1_555 .   . .  . .     .   .  VAL 1 MVA Methylation 'Named protein modification' 
9  SAR G 4  ? .   . .  . SAR G 4  ? 1_555 .   . .  . .     .   .  GLY 1 SAR Methylation 'Named protein modification' 
10 MVA G 5  ? .   . .  . MVA G 5  ? 1_555 .   . .  . .     .   .  VAL 1 MVA Methylation 'Named protein modification' 
11 SAR G 10 ? .   . .  . SAR G 10 ? 1_555 .   . .  . .     .   .  GLY 1 SAR Methylation 'Named protein modification' 
12 MVA G 11 ? .   . .  . MVA G 11 ? 1_555 .   . .  . .     .   .  VAL 1 MVA Methylation 'Named protein modification' 
13 SAR H 4  ? .   . .  . SAR H 4  ? 1_555 .   . .  . .     .   .  GLY 1 SAR Methylation 'Named protein modification' 
14 MVA H 5  ? .   . .  . MVA H 5  ? 1_555 .   . .  . .     .   .  VAL 1 MVA Methylation 'Named protein modification' 
15 SAR H 10 ? .   . .  . SAR H 10 ? 1_555 .   . .  . .     .   .  GLY 1 SAR Methylation 'Named protein modification' 
16 MVA H 11 ? .   . .  . MVA H 11 ? 1_555 .   . .  . .     .   .  VAL 1 MVA Methylation 'Named protein modification' 
17 PXZ E 6  ? .   . .  . PXZ E 6  ? 1_555 .   . .  . .     .   .  ?   1 PXZ None        'Non-standard residue'       
18 PXZ F 6  ? .   . .  . PXZ F 6  ? 1_555 .   . .  . .     .   .  ?   1 PXZ None        'Non-standard residue'       
19 PXZ G 6  ? .   . .  . PXZ G 6  ? 1_555 .   . .  . .     .   .  ?   1 PXZ None        'Non-standard residue'       
20 PXZ H 6  ? .   . .  . PXZ H 6  ? 1_555 .   . .  . .     .   .  ?   1 PXZ None        'Non-standard residue'       
21 THR E 1  ? MVA E 5  ? THR E 1  ? 1_555 MVA E 5  ? 1_555 OG1 C  .   . .   None        'Non-standard linkage'       
22 THR E 1  ? PXZ E 6  ? THR E 1  ? 1_555 PXZ E 6  ? 1_555 N   C0 .   . .   None        'Non-standard linkage'       
23 THR E 7  ? MVA E 11 ? THR E 7  ? 1_555 MVA E 11 ? 1_555 OG1 C  .   . .   None        'Non-standard linkage'       
24 THR F 1  ? MVA F 5  ? THR F 1  ? 1_555 MVA F 5  ? 1_555 OG1 C  .   . .   None        'Non-standard linkage'       
25 THR F 1  ? PXZ F 6  ? THR F 1  ? 1_555 PXZ F 6  ? 1_555 N   C0 .   . .   None        'Non-standard linkage'       
26 THR F 7  ? MVA F 11 ? THR F 7  ? 1_555 MVA F 11 ? 1_555 OG1 C  .   . .   None        'Non-standard linkage'       
27 THR G 1  ? MVA G 5  ? THR G 1  ? 1_555 MVA G 5  ? 1_555 OG1 C  .   . .   None        'Non-standard linkage'       
28 THR G 1  ? PXZ G 6  ? THR G 1  ? 1_555 PXZ G 6  ? 1_555 N   C0 .   . .   None        'Non-standard linkage'       
29 THR G 7  ? MVA G 11 ? THR G 7  ? 1_555 MVA G 11 ? 1_555 OG1 C  .   . .   None        'Non-standard linkage'       
30 THR H 1  ? MVA H 5  ? THR H 1  ? 1_555 MVA H 5  ? 1_555 OG1 C  .   . .   None        'Non-standard linkage'       
31 THR H 1  ? PXZ H 6  ? THR H 1  ? 1_555 PXZ H 6  ? 1_555 N   C0 .   . .   None        'Non-standard linkage'       
32 THR H 7  ? MVA H 11 ? THR H 7  ? 1_555 MVA H 11 ? 1_555 OG1 C  .   . .   None        'Non-standard linkage'       
# 
loop_
_struct_mon_prot_cis.pdbx_id 
_struct_mon_prot_cis.label_comp_id 
_struct_mon_prot_cis.label_seq_id 
_struct_mon_prot_cis.label_asym_id 
_struct_mon_prot_cis.label_alt_id 
_struct_mon_prot_cis.pdbx_PDB_ins_code 
_struct_mon_prot_cis.auth_comp_id 
_struct_mon_prot_cis.auth_seq_id 
_struct_mon_prot_cis.auth_asym_id 
_struct_mon_prot_cis.pdbx_label_comp_id_2 
_struct_mon_prot_cis.pdbx_label_seq_id_2 
_struct_mon_prot_cis.pdbx_label_asym_id_2 
_struct_mon_prot_cis.pdbx_PDB_ins_code_2 
_struct_mon_prot_cis.pdbx_auth_comp_id_2 
_struct_mon_prot_cis.pdbx_auth_seq_id_2 
_struct_mon_prot_cis.pdbx_auth_asym_id_2 
_struct_mon_prot_cis.pdbx_PDB_model_num 
_struct_mon_prot_cis.pdbx_omega_angle 
1  DVA 2 E . ? DVA 2 E PRO 3  E ? PRO 3  E 1 23.54 
2  PRO 3 E . ? PRO 3 E SAR 4  E ? SAR 4  E 1 -6.40 
3  PRO 9 E . ? PRO 9 E SAR 10 E ? SAR 10 E 1 1.34  
4  DVA 2 F . ? DVA 2 F PRO 3  F ? PRO 3  F 1 -1.17 
5  PRO 3 F . ? PRO 3 F SAR 4  F ? SAR 4  F 1 8.43  
6  DVA 8 F . ? DVA 8 F PRO 9  F ? PRO 9  F 1 22.23 
7  PRO 9 F . ? PRO 9 F SAR 10 F ? SAR 10 F 1 -7.73 
8  PRO 3 G . ? PRO 3 G SAR 4  G ? SAR 4  G 1 -7.83 
9  DVA 8 G . ? DVA 8 G PRO 9  G ? PRO 9  G 1 8.84  
10 PRO 9 G . ? PRO 9 G SAR 10 G ? SAR 10 G 1 7.51  
11 DVA 2 H . ? DVA 2 H PRO 3  H ? PRO 3  H 1 14.07 
12 PRO 3 H . ? PRO 3 H SAR 4  H ? SAR 4  H 1 -8.14 
13 DVA 8 H . ? DVA 8 H PRO 9  H ? PRO 9  H 1 13.09 
14 PRO 9 H . ? PRO 9 H SAR 10 H ? SAR 10 H 1 -6.56 
# 
loop_
_struct_site.id 
_struct_site.pdbx_evidence_code 
_struct_site.pdbx_auth_asym_id 
_struct_site.pdbx_auth_comp_id 
_struct_site.pdbx_auth_seq_id 
_struct_site.pdbx_auth_ins_code 
_struct_site.pdbx_num_residues 
_struct_site.details 
AC1 Software ? ? ? ? 12 'BINDING SITE FOR CHAIN E OF ACTINOMYCIN D' 
AC2 Software ? ? ? ? 15 'BINDING SITE FOR CHAIN F OF ACTINOMYCIN D' 
AC3 Software ? ? ? ? 10 'BINDING SITE FOR CHAIN G OF ACTINOMYCIN D' 
AC4 Software ? ? ? ? 15 'BINDING SITE FOR CHAIN H OF ACTINOMYCIN D' 
1   ?        ? ? ? ? ?  ?                                           
# 
loop_
_struct_site_gen.id 
_struct_site_gen.site_id 
_struct_site_gen.pdbx_num_res 
_struct_site_gen.label_comp_id 
_struct_site_gen.label_asym_id 
_struct_site_gen.label_seq_id 
_struct_site_gen.pdbx_auth_ins_code 
_struct_site_gen.auth_comp_id 
_struct_site_gen.auth_asym_id 
_struct_site_gen.auth_seq_id 
_struct_site_gen.label_atom_id 
_struct_site_gen.label_alt_id 
_struct_site_gen.symmetry 
_struct_site_gen.details 
1  AC1 12 DG  A 2  ? DG  A 2    . ? 1_555 ? 
2  AC1 12 DA  A 3  ? DA  A 3    . ? 1_555 ? 
3  AC1 12 DC  A 5  ? DC  A 5    . ? 1_555 ? 
4  AC1 12 DG  A 6  ? DG  A 6    . ? 1_555 ? 
5  AC1 12 DC  B 1  ? DC  B 11   . ? 4_555 ? 
6  AC1 12 DC  B 9  ? DC  B 19   . ? 1_555 ? 
7  AC1 12 DG  B 10 ? DG  B 20   . ? 1_555 ? 
8  AC1 12 DT  C 4  ? DT  C 24   . ? 1_555 ? 
9  AC1 12 HOH M .  ? HOH E 2005 . ? 1_555 ? 
10 AC1 12 HOH M .  ? HOH E 2006 . ? 1_555 ? 
11 AC1 12 HOH M .  ? HOH E 2008 . ? 1_555 ? 
12 AC1 12 HOH M .  ? HOH E 2009 . ? 1_555 ? 
13 AC2 15 DG  A 2  ? DG  A 2    . ? 3_544 ? 
14 AC2 15 DC  A 9  ? DC  A 9    . ? 1_555 ? 
15 AC2 15 DG  A 10 ? DG  A 10   . ? 1_555 ? 
16 AC2 15 DC  B 1  ? DC  B 11   . ? 1_555 ? 
17 AC2 15 DG  B 2  ? DG  B 12   . ? 1_555 ? 
18 AC2 15 DA  B 3  ? DA  B 13   . ? 1_555 ? 
19 AC2 15 DC  B 5  ? DC  B 15   . ? 1_555 ? 
20 AC2 15 DG  B 6  ? DG  B 16   . ? 1_555 ? 
21 AC2 15 DT  D 4  ? DT  D 34   . ? 1_555 ? 
22 AC2 15 HOH N .  ? HOH F 2004 . ? 1_555 ? 
23 AC2 15 HOH N .  ? HOH F 2006 . ? 1_555 ? 
24 AC2 15 HOH N .  ? HOH F 2007 . ? 1_555 ? 
25 AC2 15 HOH N .  ? HOH F 2008 . ? 1_555 ? 
26 AC2 15 HOH N .  ? HOH F 2009 . ? 1_555 ? 
27 AC2 15 MVA H 11 ? MVA H 11   . ? 7_545 ? 
28 AC3 10 DT  A 4  ? DT  A 4    . ? 1_555 ? 
29 AC3 10 DG  C 2  ? DG  C 22   . ? 1_555 ? 
30 AC3 10 DA  C 3  ? DA  C 23   . ? 1_555 ? 
31 AC3 10 DC  C 5  ? DC  C 25   . ? 1_555 ? 
32 AC3 10 DG  C 6  ? DG  C 26   . ? 1_555 ? 
33 AC3 10 DC  D 1  ? DC  D 31   . ? 4_565 ? 
34 AC3 10 DG  D 10 ? DG  D 40   . ? 1_555 ? 
35 AC3 10 HOH O .  ? HOH G 2007 . ? 1_555 ? 
36 AC3 10 HOH O .  ? HOH G 2008 . ? 1_555 ? 
37 AC3 10 HOH O .  ? HOH G 2010 . ? 1_555 ? 
38 AC4 15 DT  B 4  ? DT  B 14   . ? 1_555 ? 
39 AC4 15 DG  C 2  ? DG  C 22   . ? 3_644 ? 
40 AC4 15 DG  C 10 ? DG  C 30   . ? 1_555 ? 
41 AC4 15 DC  D 1  ? DC  D 31   . ? 1_555 ? 
42 AC4 15 DG  D 2  ? DG  D 32   . ? 1_555 ? 
43 AC4 15 DA  D 3  ? DA  D 33   . ? 1_555 ? 
44 AC4 15 DC  D 5  ? DC  D 35   . ? 1_555 ? 
45 AC4 15 DG  D 6  ? DG  D 36   . ? 1_555 ? 
46 AC4 15 MVA F 11 ? MVA F 11   . ? 7_655 ? 
47 AC4 15 HOH P .  ? HOH H 2001 . ? 1_555 ? 
48 AC4 15 HOH P .  ? HOH H 2003 . ? 1_555 ? 
49 AC4 15 HOH P .  ? HOH H 2004 . ? 1_555 ? 
50 AC4 15 HOH P .  ? HOH H 2005 . ? 1_555 ? 
51 AC4 15 HOH P .  ? HOH H 2006 . ? 1_555 ? 
52 AC4 15 HOH P .  ? HOH H 2007 . ? 1_555 ? 
# 
_pdbx_entry_details.entry_id                   1I3W 
_pdbx_entry_details.compound_details           
;ACTINOMYCIN D IS A BICYCLIC PEPTIDE, A MEMBER OF THE                 
  ACTINOMYCIN FAMILY.
  HERE, ACTINOMYCIN D IS REPRESENTED BY THE SEQUENCE (SEQRES)
;
_pdbx_entry_details.source_details             ? 
_pdbx_entry_details.nonpolymer_details         ? 
_pdbx_entry_details.sequence_details           ? 
_pdbx_entry_details.has_ligand_of_interest     ? 
_pdbx_entry_details.has_protein_modification   Y 
# 
loop_
_pdbx_validate_rmsd_angle.id 
_pdbx_validate_rmsd_angle.PDB_model_num 
_pdbx_validate_rmsd_angle.auth_atom_id_1 
_pdbx_validate_rmsd_angle.auth_asym_id_1 
_pdbx_validate_rmsd_angle.auth_comp_id_1 
_pdbx_validate_rmsd_angle.auth_seq_id_1 
_pdbx_validate_rmsd_angle.PDB_ins_code_1 
_pdbx_validate_rmsd_angle.label_alt_id_1 
_pdbx_validate_rmsd_angle.auth_atom_id_2 
_pdbx_validate_rmsd_angle.auth_asym_id_2 
_pdbx_validate_rmsd_angle.auth_comp_id_2 
_pdbx_validate_rmsd_angle.auth_seq_id_2 
_pdbx_validate_rmsd_angle.PDB_ins_code_2 
_pdbx_validate_rmsd_angle.label_alt_id_2 
_pdbx_validate_rmsd_angle.auth_atom_id_3 
_pdbx_validate_rmsd_angle.auth_asym_id_3 
_pdbx_validate_rmsd_angle.auth_comp_id_3 
_pdbx_validate_rmsd_angle.auth_seq_id_3 
_pdbx_validate_rmsd_angle.PDB_ins_code_3 
_pdbx_validate_rmsd_angle.label_alt_id_3 
_pdbx_validate_rmsd_angle.angle_value 
_pdbx_validate_rmsd_angle.angle_target_value 
_pdbx_validate_rmsd_angle.angle_deviation 
_pdbx_validate_rmsd_angle.angle_standard_deviation 
_pdbx_validate_rmsd_angle.linker_flag 
1  1 C8    A DG  2  ? ? N9    A DG  2  ? ? "C1'" A DG 2  ? ? 118.68 127.00 -8.32 1.30 N 
2  1 "O5'" A DC  5  ? ? "C5'" A DC  5  ? ? "C4'" A DC 5  ? ? 103.51 109.40 -5.89 0.80 N 
3  1 P     A DC  5  ? ? "O5'" A DC  5  ? ? "C5'" A DC 5  ? ? 131.77 120.90 10.87 1.60 N 
4  1 C6    A DC  5  ? ? N1    A DC  5  ? ? C2    A DC 5  ? ? 122.89 120.30 2.59  0.40 N 
5  1 "O4'" A DA  7  ? ? "C1'" A DA  7  ? ? N9    A DA 7  ? ? 110.99 108.30 2.69  0.30 N 
6  1 "O5'" A DG  10 ? ? "C5'" A DG  10 ? ? "C4'" A DG 10 ? ? 104.44 109.40 -4.96 0.80 N 
7  1 "O4'" B DC  15 ? ? "C1'" B DC  15 ? ? N1    B DC 15 ? ? 110.71 108.30 2.41  0.30 N 
8  1 "O4'" B DG  16 ? ? "C1'" B DG  16 ? ? N9    B DG 16 ? ? 111.91 108.30 3.61  0.30 N 
9  1 "C3'" B BRU 18 ? ? "O3'" B BRU 18 ? ? P     B DC 19 ? ? 111.78 119.70 -7.92 1.20 Y 
10 1 N3    B DG  20 ? ? C4    B DG  20 ? ? N9    B DG 20 ? ? 120.85 126.00 -5.15 0.60 N 
11 1 N3    C DG  26 ? ? C4    C DG  26 ? ? C5    C DG 26 ? ? 131.68 128.60 3.08  0.50 N 
12 1 "O5'" D DT  34 ? ? "C5'" D DT  34 ? ? "C4'" D DT 34 ? ? 103.92 109.40 -5.48 0.80 N 
13 1 N1    D DC  35 ? ? C2    D DC  35 ? ? O2    D DC 35 ? ? 115.09 118.90 -3.81 0.60 N 
14 1 "O4'" D DG  36 ? ? "C1'" D DG  36 ? ? N9    D DG 36 ? ? 103.26 108.00 -4.74 0.70 N 
15 1 "O4'" D DC  39 ? ? "C4'" D DC  39 ? ? "C3'" D DC 39 ? ? 101.90 104.50 -2.60 0.40 N 
16 1 "O4'" D DG  40 ? ? "C4'" D DG  40 ? ? "C3'" D DG 40 ? ? 101.29 104.50 -3.21 0.40 N 
17 1 "O4'" D DG  40 ? ? "C1'" D DG  40 ? ? N9    D DG 40 ? ? 112.59 108.30 4.29  0.30 N 
# 
loop_
_pdbx_validate_peptide_omega.id 
_pdbx_validate_peptide_omega.PDB_model_num 
_pdbx_validate_peptide_omega.auth_comp_id_1 
_pdbx_validate_peptide_omega.auth_asym_id_1 
_pdbx_validate_peptide_omega.auth_seq_id_1 
_pdbx_validate_peptide_omega.PDB_ins_code_1 
_pdbx_validate_peptide_omega.label_alt_id_1 
_pdbx_validate_peptide_omega.auth_comp_id_2 
_pdbx_validate_peptide_omega.auth_asym_id_2 
_pdbx_validate_peptide_omega.auth_seq_id_2 
_pdbx_validate_peptide_omega.PDB_ins_code_2 
_pdbx_validate_peptide_omega.label_alt_id_2 
_pdbx_validate_peptide_omega.omega 
1 1 DVA E 8 ? ? PRO E 9 ? ? 30.64 
2 1 DVA G 2 ? ? PRO G 3 ? ? 35.76 
# 
loop_
_pdbx_validate_planes.id 
_pdbx_validate_planes.PDB_model_num 
_pdbx_validate_planes.auth_comp_id 
_pdbx_validate_planes.auth_asym_id 
_pdbx_validate_planes.auth_seq_id 
_pdbx_validate_planes.PDB_ins_code 
_pdbx_validate_planes.label_alt_id 
_pdbx_validate_planes.rmsd 
_pdbx_validate_planes.type 
1  1 DA A 3  ? ? 0.075 'SIDE CHAIN' 
2  1 DG A 10 ? ? 0.051 'SIDE CHAIN' 
3  1 DC B 11 ? ? 0.072 'SIDE CHAIN' 
4  1 DA B 13 ? ? 0.066 'SIDE CHAIN' 
5  1 DT B 14 ? ? 0.095 'SIDE CHAIN' 
6  1 DG B 20 ? ? 0.055 'SIDE CHAIN' 
7  1 DG C 22 ? ? 0.085 'SIDE CHAIN' 
8  1 DA C 23 ? ? 0.074 'SIDE CHAIN' 
9  1 DG C 26 ? ? 0.076 'SIDE CHAIN' 
10 1 DG D 32 ? ? 0.076 'SIDE CHAIN' 
11 1 DT D 34 ? ? 0.061 'SIDE CHAIN' 
12 1 DG D 40 ? ? 0.068 'SIDE CHAIN' 
# 
_pdbx_molecule_features.prd_id    PRD_000001 
_pdbx_molecule_features.name      'Actinomycin D' 
_pdbx_molecule_features.type      Polypeptide 
_pdbx_molecule_features.class     Antibiotic 
_pdbx_molecule_features.details   
;ACTINOMYCIN D CONSISTS OF TWO PENTAMER                
  RINGS LINKED BY THE CHROMOPHORE (PXZ)
;
# 
loop_
_pdbx_molecule.instance_id 
_pdbx_molecule.prd_id 
_pdbx_molecule.asym_id 
1 PRD_000001 E 
2 PRD_000001 F 
3 PRD_000001 G 
4 PRD_000001 H 
# 
loop_
_pdbx_struct_mod_residue.id 
_pdbx_struct_mod_residue.label_asym_id 
_pdbx_struct_mod_residue.label_comp_id 
_pdbx_struct_mod_residue.label_seq_id 
_pdbx_struct_mod_residue.auth_asym_id 
_pdbx_struct_mod_residue.auth_comp_id 
_pdbx_struct_mod_residue.auth_seq_id 
_pdbx_struct_mod_residue.PDB_ins_code 
_pdbx_struct_mod_residue.parent_comp_id 
_pdbx_struct_mod_residue.details 
1 A BRU 8 A BRU 8  ? U 'URACIL MODIFIED WITH BR' 
2 B BRU 8 B BRU 18 ? U 'URACIL MODIFIED WITH BR' 
3 C BRU 8 C BRU 28 ? U 'URACIL MODIFIED WITH BR' 
4 D BRU 8 D BRU 38 ? U 'URACIL MODIFIED WITH BR' 
# 
_struct_site_keywords.site_id   1 
_struct_site_keywords.text      INTERCALATION 
# 
loop_
_pdbx_unobs_or_zero_occ_residues.id 
_pdbx_unobs_or_zero_occ_residues.PDB_model_num 
_pdbx_unobs_or_zero_occ_residues.polymer_flag 
_pdbx_unobs_or_zero_occ_residues.occupancy_flag 
_pdbx_unobs_or_zero_occ_residues.auth_asym_id 
_pdbx_unobs_or_zero_occ_residues.auth_comp_id 
_pdbx_unobs_or_zero_occ_residues.auth_seq_id 
_pdbx_unobs_or_zero_occ_residues.PDB_ins_code 
_pdbx_unobs_or_zero_occ_residues.label_asym_id 
_pdbx_unobs_or_zero_occ_residues.label_comp_id 
_pdbx_unobs_or_zero_occ_residues.label_seq_id 
1 1 Y 1 A DC 1  ? A DC 1 
2 1 Y 1 C DC 21 ? C DC 1 
# 
loop_
_chem_comp_atom.comp_id 
_chem_comp_atom.atom_id 
_chem_comp_atom.type_symbol 
_chem_comp_atom.pdbx_aromatic_flag 
_chem_comp_atom.pdbx_stereo_config 
_chem_comp_atom.pdbx_ordinal 
BRU N1     N  N N 1   
BRU C2     C  N N 2   
BRU N3     N  N N 3   
BRU C4     C  N N 4   
BRU C5     C  N N 5   
BRU C6     C  N N 6   
BRU O2     O  N N 7   
BRU O4     O  N N 8   
BRU BR     BR N N 9   
BRU "C1'"  C  N R 10  
BRU "C2'"  C  N N 11  
BRU "C3'"  C  N S 12  
BRU "C4'"  C  N R 13  
BRU "O3'"  O  N N 14  
BRU "O4'"  O  N N 15  
BRU "C5'"  C  N N 16  
BRU "O5'"  O  N N 17  
BRU P      P  N N 18  
BRU OP1    O  N N 19  
BRU OP2    O  N N 20  
BRU OP3    O  N N 21  
BRU HN3    H  N N 22  
BRU H6     H  N N 23  
BRU "H1'"  H  N N 24  
BRU "H2'"  H  N N 25  
BRU "H2''" H  N N 26  
BRU "H3'"  H  N N 27  
BRU "H4'"  H  N N 28  
BRU "HO3'" H  N N 29  
BRU "H5'"  H  N N 30  
BRU "H5''" H  N N 31  
BRU HOP2   H  N N 32  
BRU HOP3   H  N N 33  
DA  OP3    O  N N 34  
DA  P      P  N N 35  
DA  OP1    O  N N 36  
DA  OP2    O  N N 37  
DA  "O5'"  O  N N 38  
DA  "C5'"  C  N N 39  
DA  "C4'"  C  N R 40  
DA  "O4'"  O  N N 41  
DA  "C3'"  C  N S 42  
DA  "O3'"  O  N N 43  
DA  "C2'"  C  N N 44  
DA  "C1'"  C  N R 45  
DA  N9     N  Y N 46  
DA  C8     C  Y N 47  
DA  N7     N  Y N 48  
DA  C5     C  Y N 49  
DA  C6     C  Y N 50  
DA  N6     N  N N 51  
DA  N1     N  Y N 52  
DA  C2     C  Y N 53  
DA  N3     N  Y N 54  
DA  C4     C  Y N 55  
DA  HOP3   H  N N 56  
DA  HOP2   H  N N 57  
DA  "H5'"  H  N N 58  
DA  "H5''" H  N N 59  
DA  "H4'"  H  N N 60  
DA  "H3'"  H  N N 61  
DA  "HO3'" H  N N 62  
DA  "H2'"  H  N N 63  
DA  "H2''" H  N N 64  
DA  "H1'"  H  N N 65  
DA  H8     H  N N 66  
DA  H61    H  N N 67  
DA  H62    H  N N 68  
DA  H2     H  N N 69  
DC  OP3    O  N N 70  
DC  P      P  N N 71  
DC  OP1    O  N N 72  
DC  OP2    O  N N 73  
DC  "O5'"  O  N N 74  
DC  "C5'"  C  N N 75  
DC  "C4'"  C  N R 76  
DC  "O4'"  O  N N 77  
DC  "C3'"  C  N S 78  
DC  "O3'"  O  N N 79  
DC  "C2'"  C  N N 80  
DC  "C1'"  C  N R 81  
DC  N1     N  N N 82  
DC  C2     C  N N 83  
DC  O2     O  N N 84  
DC  N3     N  N N 85  
DC  C4     C  N N 86  
DC  N4     N  N N 87  
DC  C5     C  N N 88  
DC  C6     C  N N 89  
DC  HOP3   H  N N 90  
DC  HOP2   H  N N 91  
DC  "H5'"  H  N N 92  
DC  "H5''" H  N N 93  
DC  "H4'"  H  N N 94  
DC  "H3'"  H  N N 95  
DC  "HO3'" H  N N 96  
DC  "H2'"  H  N N 97  
DC  "H2''" H  N N 98  
DC  "H1'"  H  N N 99  
DC  H41    H  N N 100 
DC  H42    H  N N 101 
DC  H5     H  N N 102 
DC  H6     H  N N 103 
DG  OP3    O  N N 104 
DG  P      P  N N 105 
DG  OP1    O  N N 106 
DG  OP2    O  N N 107 
DG  "O5'"  O  N N 108 
DG  "C5'"  C  N N 109 
DG  "C4'"  C  N R 110 
DG  "O4'"  O  N N 111 
DG  "C3'"  C  N S 112 
DG  "O3'"  O  N N 113 
DG  "C2'"  C  N N 114 
DG  "C1'"  C  N R 115 
DG  N9     N  Y N 116 
DG  C8     C  Y N 117 
DG  N7     N  Y N 118 
DG  C5     C  Y N 119 
DG  C6     C  N N 120 
DG  O6     O  N N 121 
DG  N1     N  N N 122 
DG  C2     C  N N 123 
DG  N2     N  N N 124 
DG  N3     N  N N 125 
DG  C4     C  Y N 126 
DG  HOP3   H  N N 127 
DG  HOP2   H  N N 128 
DG  "H5'"  H  N N 129 
DG  "H5''" H  N N 130 
DG  "H4'"  H  N N 131 
DG  "H3'"  H  N N 132 
DG  "HO3'" H  N N 133 
DG  "H2'"  H  N N 134 
DG  "H2''" H  N N 135 
DG  "H1'"  H  N N 136 
DG  H8     H  N N 137 
DG  H1     H  N N 138 
DG  H21    H  N N 139 
DG  H22    H  N N 140 
DT  OP3    O  N N 141 
DT  P      P  N N 142 
DT  OP1    O  N N 143 
DT  OP2    O  N N 144 
DT  "O5'"  O  N N 145 
DT  "C5'"  C  N N 146 
DT  "C4'"  C  N R 147 
DT  "O4'"  O  N N 148 
DT  "C3'"  C  N S 149 
DT  "O3'"  O  N N 150 
DT  "C2'"  C  N N 151 
DT  "C1'"  C  N R 152 
DT  N1     N  N N 153 
DT  C2     C  N N 154 
DT  O2     O  N N 155 
DT  N3     N  N N 156 
DT  C4     C  N N 157 
DT  O4     O  N N 158 
DT  C5     C  N N 159 
DT  C7     C  N N 160 
DT  C6     C  N N 161 
DT  HOP3   H  N N 162 
DT  HOP2   H  N N 163 
DT  "H5'"  H  N N 164 
DT  "H5''" H  N N 165 
DT  "H4'"  H  N N 166 
DT  "H3'"  H  N N 167 
DT  "HO3'" H  N N 168 
DT  "H2'"  H  N N 169 
DT  "H2''" H  N N 170 
DT  "H1'"  H  N N 171 
DT  H3     H  N N 172 
DT  H71    H  N N 173 
DT  H72    H  N N 174 
DT  H73    H  N N 175 
DT  H6     H  N N 176 
DVA N      N  N N 177 
DVA CA     C  N R 178 
DVA CB     C  N N 179 
DVA CG1    C  N N 180 
DVA CG2    C  N N 181 
DVA C      C  N N 182 
DVA O      O  N N 183 
DVA OXT    O  N N 184 
DVA H      H  N N 185 
DVA H2     H  N N 186 
DVA HA     H  N N 187 
DVA HB     H  N N 188 
DVA HG11   H  N N 189 
DVA HG12   H  N N 190 
DVA HG13   H  N N 191 
DVA HG21   H  N N 192 
DVA HG22   H  N N 193 
DVA HG23   H  N N 194 
DVA HXT    H  N N 195 
HOH O      O  N N 196 
HOH H1     H  N N 197 
HOH H2     H  N N 198 
MVA N      N  N N 199 
MVA CN     C  N N 200 
MVA CA     C  N S 201 
MVA CB     C  N N 202 
MVA CG1    C  N N 203 
MVA CG2    C  N N 204 
MVA C      C  N N 205 
MVA O      O  N N 206 
MVA OXT    O  N N 207 
MVA H      H  N N 208 
MVA HN1    H  N N 209 
MVA HN2    H  N N 210 
MVA HN3    H  N N 211 
MVA HA     H  N N 212 
MVA HB     H  N N 213 
MVA HG11   H  N N 214 
MVA HG12   H  N N 215 
MVA HG13   H  N N 216 
MVA HG21   H  N N 217 
MVA HG22   H  N N 218 
MVA HG23   H  N N 219 
MVA HXT    H  N N 220 
PRO N      N  N N 221 
PRO CA     C  N S 222 
PRO C      C  N N 223 
PRO O      O  N N 224 
PRO CB     C  N N 225 
PRO CG     C  N N 226 
PRO CD     C  N N 227 
PRO OXT    O  N N 228 
PRO H      H  N N 229 
PRO HA     H  N N 230 
PRO HB2    H  N N 231 
PRO HB3    H  N N 232 
PRO HG2    H  N N 233 
PRO HG3    H  N N 234 
PRO HD2    H  N N 235 
PRO HD3    H  N N 236 
PRO HXT    H  N N 237 
PXZ C1     C  N N 238 
PXZ C0     C  N N 239 
PXZ O1     O  N N 240 
PXZ C2     C  N N 241 
PXZ N2     N  N N 242 
PXZ C3     C  N N 243 
PXZ O3     O  N N 244 
PXZ C4     C  N N 245 
PXZ O5     O  N N 246 
PXZ C6     C  Y N 247 
PXZ C7     C  Y N 248 
PXZ C8     C  Y N 249 
PXZ C9     C  Y N 250 
PXZ "C0'"  C  N N 251 
PXZ "O1'"  O  N N 252 
PXZ N10    N  N N 253 
PXZ C11    C  N N 254 
PXZ C12    C  N N 255 
PXZ C13    C  Y N 256 
PXZ C14    C  Y N 257 
PXZ C15    C  N N 258 
PXZ C16    C  N N 259 
PXZ HN21   H  N N 260 
PXZ HN22   H  N N 261 
PXZ H7     H  N N 262 
PXZ H8     H  N N 263 
PXZ H151   H  N N 264 
PXZ H152   H  N N 265 
PXZ H153   H  N N 266 
PXZ H161   H  N N 267 
PXZ H162   H  N N 268 
PXZ H163   H  N N 269 
PXZ "OXT'" O  N N 270 
PXZ OXT    O  N N 271 
PXZ "HXT'" H  N N 272 
PXZ HXT    H  N N 273 
SAR N      N  N N 274 
SAR CA     C  N N 275 
SAR C      C  N N 276 
SAR O      O  N N 277 
SAR CN     C  N N 278 
SAR OXT    O  N N 279 
SAR H      H  N N 280 
SAR HA2    H  N N 281 
SAR HA3    H  N N 282 
SAR HN1    H  N N 283 
SAR HN2    H  N N 284 
SAR HN3    H  N N 285 
SAR HXT    H  N N 286 
THR N      N  N N 287 
THR CA     C  N S 288 
THR C      C  N N 289 
THR O      O  N N 290 
THR CB     C  N R 291 
THR OG1    O  N N 292 
THR CG2    C  N N 293 
THR OXT    O  N N 294 
THR H      H  N N 295 
THR H2     H  N N 296 
THR HA     H  N N 297 
THR HB     H  N N 298 
THR HG1    H  N N 299 
THR HG21   H  N N 300 
THR HG22   H  N N 301 
THR HG23   H  N N 302 
THR HXT    H  N N 303 
# 
loop_
_chem_comp_bond.comp_id 
_chem_comp_bond.atom_id_1 
_chem_comp_bond.atom_id_2 
_chem_comp_bond.value_order 
_chem_comp_bond.pdbx_aromatic_flag 
_chem_comp_bond.pdbx_stereo_config 
_chem_comp_bond.pdbx_ordinal 
BRU N1     C2     sing N N 1   
BRU N1     C6     sing N N 2   
BRU N1     "C1'"  sing N N 3   
BRU C2     N3     sing N N 4   
BRU C2     O2     doub N N 5   
BRU N3     C4     sing N N 6   
BRU N3     HN3    sing N N 7   
BRU C4     C5     sing N N 8   
BRU C4     O4     doub N N 9   
BRU C5     C6     doub N N 10  
BRU C5     BR     sing N N 11  
BRU C6     H6     sing N N 12  
BRU "C1'"  "C2'"  sing N N 13  
BRU "C1'"  "O4'"  sing N N 14  
BRU "C1'"  "H1'"  sing N N 15  
BRU "C2'"  "C3'"  sing N N 16  
BRU "C2'"  "H2'"  sing N N 17  
BRU "C2'"  "H2''" sing N N 18  
BRU "C3'"  "C4'"  sing N N 19  
BRU "C3'"  "O3'"  sing N N 20  
BRU "C3'"  "H3'"  sing N N 21  
BRU "C4'"  "O4'"  sing N N 22  
BRU "C4'"  "C5'"  sing N N 23  
BRU "C4'"  "H4'"  sing N N 24  
BRU "O3'"  "HO3'" sing N N 25  
BRU "C5'"  "O5'"  sing N N 26  
BRU "C5'"  "H5'"  sing N N 27  
BRU "C5'"  "H5''" sing N N 28  
BRU "O5'"  P      sing N N 29  
BRU P      OP1    doub N N 30  
BRU P      OP2    sing N N 31  
BRU P      OP3    sing N N 32  
BRU OP2    HOP2   sing N N 33  
BRU OP3    HOP3   sing N N 34  
DA  OP3    P      sing N N 35  
DA  OP3    HOP3   sing N N 36  
DA  P      OP1    doub N N 37  
DA  P      OP2    sing N N 38  
DA  P      "O5'"  sing N N 39  
DA  OP2    HOP2   sing N N 40  
DA  "O5'"  "C5'"  sing N N 41  
DA  "C5'"  "C4'"  sing N N 42  
DA  "C5'"  "H5'"  sing N N 43  
DA  "C5'"  "H5''" sing N N 44  
DA  "C4'"  "O4'"  sing N N 45  
DA  "C4'"  "C3'"  sing N N 46  
DA  "C4'"  "H4'"  sing N N 47  
DA  "O4'"  "C1'"  sing N N 48  
DA  "C3'"  "O3'"  sing N N 49  
DA  "C3'"  "C2'"  sing N N 50  
DA  "C3'"  "H3'"  sing N N 51  
DA  "O3'"  "HO3'" sing N N 52  
DA  "C2'"  "C1'"  sing N N 53  
DA  "C2'"  "H2'"  sing N N 54  
DA  "C2'"  "H2''" sing N N 55  
DA  "C1'"  N9     sing N N 56  
DA  "C1'"  "H1'"  sing N N 57  
DA  N9     C8     sing Y N 58  
DA  N9     C4     sing Y N 59  
DA  C8     N7     doub Y N 60  
DA  C8     H8     sing N N 61  
DA  N7     C5     sing Y N 62  
DA  C5     C6     sing Y N 63  
DA  C5     C4     doub Y N 64  
DA  C6     N6     sing N N 65  
DA  C6     N1     doub Y N 66  
DA  N6     H61    sing N N 67  
DA  N6     H62    sing N N 68  
DA  N1     C2     sing Y N 69  
DA  C2     N3     doub Y N 70  
DA  C2     H2     sing N N 71  
DA  N3     C4     sing Y N 72  
DC  OP3    P      sing N N 73  
DC  OP3    HOP3   sing N N 74  
DC  P      OP1    doub N N 75  
DC  P      OP2    sing N N 76  
DC  P      "O5'"  sing N N 77  
DC  OP2    HOP2   sing N N 78  
DC  "O5'"  "C5'"  sing N N 79  
DC  "C5'"  "C4'"  sing N N 80  
DC  "C5'"  "H5'"  sing N N 81  
DC  "C5'"  "H5''" sing N N 82  
DC  "C4'"  "O4'"  sing N N 83  
DC  "C4'"  "C3'"  sing N N 84  
DC  "C4'"  "H4'"  sing N N 85  
DC  "O4'"  "C1'"  sing N N 86  
DC  "C3'"  "O3'"  sing N N 87  
DC  "C3'"  "C2'"  sing N N 88  
DC  "C3'"  "H3'"  sing N N 89  
DC  "O3'"  "HO3'" sing N N 90  
DC  "C2'"  "C1'"  sing N N 91  
DC  "C2'"  "H2'"  sing N N 92  
DC  "C2'"  "H2''" sing N N 93  
DC  "C1'"  N1     sing N N 94  
DC  "C1'"  "H1'"  sing N N 95  
DC  N1     C2     sing N N 96  
DC  N1     C6     sing N N 97  
DC  C2     O2     doub N N 98  
DC  C2     N3     sing N N 99  
DC  N3     C4     doub N N 100 
DC  C4     N4     sing N N 101 
DC  C4     C5     sing N N 102 
DC  N4     H41    sing N N 103 
DC  N4     H42    sing N N 104 
DC  C5     C6     doub N N 105 
DC  C5     H5     sing N N 106 
DC  C6     H6     sing N N 107 
DG  OP3    P      sing N N 108 
DG  OP3    HOP3   sing N N 109 
DG  P      OP1    doub N N 110 
DG  P      OP2    sing N N 111 
DG  P      "O5'"  sing N N 112 
DG  OP2    HOP2   sing N N 113 
DG  "O5'"  "C5'"  sing N N 114 
DG  "C5'"  "C4'"  sing N N 115 
DG  "C5'"  "H5'"  sing N N 116 
DG  "C5'"  "H5''" sing N N 117 
DG  "C4'"  "O4'"  sing N N 118 
DG  "C4'"  "C3'"  sing N N 119 
DG  "C4'"  "H4'"  sing N N 120 
DG  "O4'"  "C1'"  sing N N 121 
DG  "C3'"  "O3'"  sing N N 122 
DG  "C3'"  "C2'"  sing N N 123 
DG  "C3'"  "H3'"  sing N N 124 
DG  "O3'"  "HO3'" sing N N 125 
DG  "C2'"  "C1'"  sing N N 126 
DG  "C2'"  "H2'"  sing N N 127 
DG  "C2'"  "H2''" sing N N 128 
DG  "C1'"  N9     sing N N 129 
DG  "C1'"  "H1'"  sing N N 130 
DG  N9     C8     sing Y N 131 
DG  N9     C4     sing Y N 132 
DG  C8     N7     doub Y N 133 
DG  C8     H8     sing N N 134 
DG  N7     C5     sing Y N 135 
DG  C5     C6     sing N N 136 
DG  C5     C4     doub Y N 137 
DG  C6     O6     doub N N 138 
DG  C6     N1     sing N N 139 
DG  N1     C2     sing N N 140 
DG  N1     H1     sing N N 141 
DG  C2     N2     sing N N 142 
DG  C2     N3     doub N N 143 
DG  N2     H21    sing N N 144 
DG  N2     H22    sing N N 145 
DG  N3     C4     sing N N 146 
DT  OP3    P      sing N N 147 
DT  OP3    HOP3   sing N N 148 
DT  P      OP1    doub N N 149 
DT  P      OP2    sing N N 150 
DT  P      "O5'"  sing N N 151 
DT  OP2    HOP2   sing N N 152 
DT  "O5'"  "C5'"  sing N N 153 
DT  "C5'"  "C4'"  sing N N 154 
DT  "C5'"  "H5'"  sing N N 155 
DT  "C5'"  "H5''" sing N N 156 
DT  "C4'"  "O4'"  sing N N 157 
DT  "C4'"  "C3'"  sing N N 158 
DT  "C4'"  "H4'"  sing N N 159 
DT  "O4'"  "C1'"  sing N N 160 
DT  "C3'"  "O3'"  sing N N 161 
DT  "C3'"  "C2'"  sing N N 162 
DT  "C3'"  "H3'"  sing N N 163 
DT  "O3'"  "HO3'" sing N N 164 
DT  "C2'"  "C1'"  sing N N 165 
DT  "C2'"  "H2'"  sing N N 166 
DT  "C2'"  "H2''" sing N N 167 
DT  "C1'"  N1     sing N N 168 
DT  "C1'"  "H1'"  sing N N 169 
DT  N1     C2     sing N N 170 
DT  N1     C6     sing N N 171 
DT  C2     O2     doub N N 172 
DT  C2     N3     sing N N 173 
DT  N3     C4     sing N N 174 
DT  N3     H3     sing N N 175 
DT  C4     O4     doub N N 176 
DT  C4     C5     sing N N 177 
DT  C5     C7     sing N N 178 
DT  C5     C6     doub N N 179 
DT  C7     H71    sing N N 180 
DT  C7     H72    sing N N 181 
DT  C7     H73    sing N N 182 
DT  C6     H6     sing N N 183 
DVA N      CA     sing N N 184 
DVA N      H      sing N N 185 
DVA N      H2     sing N N 186 
DVA CA     CB     sing N N 187 
DVA CA     C      sing N N 188 
DVA CA     HA     sing N N 189 
DVA CB     CG1    sing N N 190 
DVA CB     CG2    sing N N 191 
DVA CB     HB     sing N N 192 
DVA CG1    HG11   sing N N 193 
DVA CG1    HG12   sing N N 194 
DVA CG1    HG13   sing N N 195 
DVA CG2    HG21   sing N N 196 
DVA CG2    HG22   sing N N 197 
DVA CG2    HG23   sing N N 198 
DVA C      O      doub N N 199 
DVA C      OXT    sing N N 200 
DVA OXT    HXT    sing N N 201 
HOH O      H1     sing N N 202 
HOH O      H2     sing N N 203 
MVA N      CN     sing N N 204 
MVA N      CA     sing N N 205 
MVA N      H      sing N N 206 
MVA CN     HN1    sing N N 207 
MVA CN     HN2    sing N N 208 
MVA CN     HN3    sing N N 209 
MVA CA     CB     sing N N 210 
MVA CA     C      sing N N 211 
MVA CA     HA     sing N N 212 
MVA CB     CG1    sing N N 213 
MVA CB     CG2    sing N N 214 
MVA CB     HB     sing N N 215 
MVA CG1    HG11   sing N N 216 
MVA CG1    HG12   sing N N 217 
MVA CG1    HG13   sing N N 218 
MVA CG2    HG21   sing N N 219 
MVA CG2    HG22   sing N N 220 
MVA CG2    HG23   sing N N 221 
MVA C      O      doub N N 222 
MVA C      OXT    sing N N 223 
MVA OXT    HXT    sing N N 224 
PRO N      CA     sing N N 225 
PRO N      CD     sing N N 226 
PRO N      H      sing N N 227 
PRO CA     C      sing N N 228 
PRO CA     CB     sing N N 229 
PRO CA     HA     sing N N 230 
PRO C      O      doub N N 231 
PRO C      OXT    sing N N 232 
PRO CB     CG     sing N N 233 
PRO CB     HB2    sing N N 234 
PRO CB     HB3    sing N N 235 
PRO CG     CD     sing N N 236 
PRO CG     HG2    sing N N 237 
PRO CG     HG3    sing N N 238 
PRO CD     HD2    sing N N 239 
PRO CD     HD3    sing N N 240 
PRO OXT    HXT    sing N N 241 
PXZ C1     C0     sing N N 242 
PXZ C1     C2     doub N N 243 
PXZ C1     C11    sing N N 244 
PXZ C0     O1     doub N N 245 
PXZ C2     N2     sing N N 246 
PXZ C2     C3     sing N N 247 
PXZ N2     HN21   sing N N 248 
PXZ N2     HN22   sing N N 249 
PXZ C3     O3     doub N N 250 
PXZ C3     C4     sing N N 251 
PXZ C4     C12    doub N N 252 
PXZ C4     C15    sing N N 253 
PXZ O5     C12    sing N N 254 
PXZ O5     C13    sing N N 255 
PXZ C6     C7     doub Y N 256 
PXZ C6     C13    sing Y N 257 
PXZ C6     C16    sing N N 258 
PXZ C7     C8     sing Y N 259 
PXZ C7     H7     sing N N 260 
PXZ C8     C9     doub Y N 261 
PXZ C8     H8     sing N N 262 
PXZ C9     "C0'"  sing N N 263 
PXZ C9     C14    sing Y N 264 
PXZ "C0'"  "O1'"  doub N N 265 
PXZ N10    C11    doub N N 266 
PXZ N10    C14    sing N N 267 
PXZ C11    C12    sing N N 268 
PXZ C13    C14    doub Y N 269 
PXZ C15    H151   sing N N 270 
PXZ C15    H152   sing N N 271 
PXZ C15    H153   sing N N 272 
PXZ C16    H161   sing N N 273 
PXZ C16    H162   sing N N 274 
PXZ C16    H163   sing N N 275 
PXZ "C0'"  "OXT'" sing N N 276 
PXZ C0     OXT    sing N N 277 
PXZ "OXT'" "HXT'" sing N N 278 
PXZ OXT    HXT    sing N N 279 
SAR N      CA     sing N N 280 
SAR N      CN     sing N N 281 
SAR N      H      sing N N 282 
SAR CA     C      sing N N 283 
SAR CA     HA2    sing N N 284 
SAR CA     HA3    sing N N 285 
SAR C      O      doub N N 286 
SAR C      OXT    sing N N 287 
SAR CN     HN1    sing N N 288 
SAR CN     HN2    sing N N 289 
SAR CN     HN3    sing N N 290 
SAR OXT    HXT    sing N N 291 
THR N      CA     sing N N 292 
THR N      H      sing N N 293 
THR N      H2     sing N N 294 
THR CA     C      sing N N 295 
THR CA     CB     sing N N 296 
THR CA     HA     sing N N 297 
THR C      O      doub N N 298 
THR C      OXT    sing N N 299 
THR CB     OG1    sing N N 300 
THR CB     CG2    sing N N 301 
THR CB     HB     sing N N 302 
THR OG1    HG1    sing N N 303 
THR CG2    HG21   sing N N 304 
THR CG2    HG22   sing N N 305 
THR CG2    HG23   sing N N 306 
THR OXT    HXT    sing N N 307 
# 
_ndb_struct_conf_na.entry_id   1I3W 
_ndb_struct_conf_na.feature    'b-form double helix' 
# 
loop_
_ndb_struct_na_base_pair.model_number 
_ndb_struct_na_base_pair.i_label_asym_id 
_ndb_struct_na_base_pair.i_label_comp_id 
_ndb_struct_na_base_pair.i_label_seq_id 
_ndb_struct_na_base_pair.i_symmetry 
_ndb_struct_na_base_pair.j_label_asym_id 
_ndb_struct_na_base_pair.j_label_comp_id 
_ndb_struct_na_base_pair.j_label_seq_id 
_ndb_struct_na_base_pair.j_symmetry 
_ndb_struct_na_base_pair.shear 
_ndb_struct_na_base_pair.stretch 
_ndb_struct_na_base_pair.stagger 
_ndb_struct_na_base_pair.buckle 
_ndb_struct_na_base_pair.propeller 
_ndb_struct_na_base_pair.opening 
_ndb_struct_na_base_pair.pair_number 
_ndb_struct_na_base_pair.pair_name 
_ndb_struct_na_base_pair.i_auth_asym_id 
_ndb_struct_na_base_pair.i_auth_seq_id 
_ndb_struct_na_base_pair.i_PDB_ins_code 
_ndb_struct_na_base_pair.j_auth_asym_id 
_ndb_struct_na_base_pair.j_auth_seq_id 
_ndb_struct_na_base_pair.j_PDB_ins_code 
_ndb_struct_na_base_pair.hbond_type_28 
_ndb_struct_na_base_pair.hbond_type_12 
1 A DC  5  1_555 B DG  10 1_555 0.234  -0.151 0.227  6.034  5.772   -1.023 1  A_DC5:DG20_B   A 5  ? B 20 ? 19 1 
1 A DG  6  1_555 B DC  9  1_555 -0.298 -0.145 -0.317 -9.161 -9.936  3.966  2  A_DG6:DC19_B   A 6  ? B 19 ? 19 1 
1 A DA  7  1_555 B BRU 8  1_555 0.085  -0.104 -0.111 -5.608 -8.756  2.450  3  A_DA7:BRU18_B  A 7  ? B 18 ? 20 1 
1 A BRU 8  1_555 B DA  7  1_555 -0.176 -0.074 -0.287 12.238 -7.010  1.803  4  A_BRU8:DA17_B  A 8  ? B 17 ? 20 1 
1 A DC  9  1_555 B DG  6  1_555 0.221  -0.293 -0.371 8.666  -10.911 2.954  5  A_DC9:DG16_B   A 9  ? B 16 ? 19 1 
1 A DG  10 1_555 B DC  5  1_555 -0.265 -0.184 0.071  -6.028 4.633   -1.740 6  A_DG10:DC15_B  A 10 ? B 15 ? 19 1 
1 C DC  5  1_555 D DG  10 1_555 0.157  -0.235 0.438  6.483  5.879   -3.125 7  C_DC25:DG40_D  C 25 ? D 40 ? 19 1 
1 C DG  6  1_555 D DC  9  1_555 0.012  -0.254 -0.139 -6.797 -7.785  1.402  8  C_DG26:DC39_D  C 26 ? D 39 ? 19 1 
1 C DA  7  1_555 D BRU 8  1_555 0.106  0.004  0.231  3.471  -12.089 1.335  9  C_DA27:BRU38_D C 27 ? D 38 ? 20 1 
1 C BRU 8  1_555 D DA  7  1_555 -0.248 -0.131 0.010  5.433  -8.623  -1.241 10 C_BRU28:DA37_D C 28 ? D 37 ? 20 1 
1 C DC  9  1_555 D DG  6  1_555 0.383  -0.244 -0.206 7.992  -13.398 2.605  11 C_DC29:DG36_D  C 29 ? D 36 ? 19 1 
1 C DG  10 1_555 D DC  5  1_555 -0.321 -0.153 0.166  -5.281 1.834   0.345  12 C_DG30:DC35_D  C 30 ? D 35 ? 19 1 
# 
loop_
_ndb_struct_na_base_pair_step.model_number 
_ndb_struct_na_base_pair_step.i_label_asym_id_1 
_ndb_struct_na_base_pair_step.i_label_comp_id_1 
_ndb_struct_na_base_pair_step.i_label_seq_id_1 
_ndb_struct_na_base_pair_step.i_symmetry_1 
_ndb_struct_na_base_pair_step.j_label_asym_id_1 
_ndb_struct_na_base_pair_step.j_label_comp_id_1 
_ndb_struct_na_base_pair_step.j_label_seq_id_1 
_ndb_struct_na_base_pair_step.j_symmetry_1 
_ndb_struct_na_base_pair_step.i_label_asym_id_2 
_ndb_struct_na_base_pair_step.i_label_comp_id_2 
_ndb_struct_na_base_pair_step.i_label_seq_id_2 
_ndb_struct_na_base_pair_step.i_symmetry_2 
_ndb_struct_na_base_pair_step.j_label_asym_id_2 
_ndb_struct_na_base_pair_step.j_label_comp_id_2 
_ndb_struct_na_base_pair_step.j_label_seq_id_2 
_ndb_struct_na_base_pair_step.j_symmetry_2 
_ndb_struct_na_base_pair_step.shift 
_ndb_struct_na_base_pair_step.slide 
_ndb_struct_na_base_pair_step.rise 
_ndb_struct_na_base_pair_step.tilt 
_ndb_struct_na_base_pair_step.roll 
_ndb_struct_na_base_pair_step.twist 
_ndb_struct_na_base_pair_step.x_displacement 
_ndb_struct_na_base_pair_step.y_displacement 
_ndb_struct_na_base_pair_step.helical_rise 
_ndb_struct_na_base_pair_step.inclination 
_ndb_struct_na_base_pair_step.tip 
_ndb_struct_na_base_pair_step.helical_twist 
_ndb_struct_na_base_pair_step.step_number 
_ndb_struct_na_base_pair_step.step_name 
_ndb_struct_na_base_pair_step.i_auth_asym_id_1 
_ndb_struct_na_base_pair_step.i_auth_seq_id_1 
_ndb_struct_na_base_pair_step.i_PDB_ins_code_1 
_ndb_struct_na_base_pair_step.j_auth_asym_id_1 
_ndb_struct_na_base_pair_step.j_auth_seq_id_1 
_ndb_struct_na_base_pair_step.j_PDB_ins_code_1 
_ndb_struct_na_base_pair_step.i_auth_asym_id_2 
_ndb_struct_na_base_pair_step.i_auth_seq_id_2 
_ndb_struct_na_base_pair_step.i_PDB_ins_code_2 
_ndb_struct_na_base_pair_step.j_auth_asym_id_2 
_ndb_struct_na_base_pair_step.j_auth_seq_id_2 
_ndb_struct_na_base_pair_step.j_PDB_ins_code_2 
1 A DC  5 1_555 B DG  10 1_555 A DG  6  1_555 B DC  9 1_555 -1.812 0.942  6.665 -8.263 -1.571 26.306 2.784  -0.464 6.840 -3.344 
17.593  27.596 1  AA_DC5DG6:DC19DG20_BB     A 5  ? B 20 ? A 6  ? B 19 ? 
1 A DG  6 1_555 B DC  9  1_555 A DA  7  1_555 B BRU 8 1_555 -0.591 0.343  3.205 -3.708 8.225  34.043 -0.662 0.423  3.242 13.751 
6.199   35.184 2  AA_DG6DA7:BRU18DC19_BB    A 6  ? B 19 ? A 7  ? B 18 ? 
1 A DA  7 1_555 B BRU 8  1_555 A BRU 8  1_555 B DA  7 1_555 0.261  -0.440 2.819 0.695  1.161  30.696 -1.027 -0.375 2.806 2.191  
-1.313  30.725 3  AA_DA7BRU8:DA17BRU18_BB   A 7  ? B 18 ? A 8  ? B 17 ? 
1 A BRU 8 1_555 B DA  7  1_555 A DC  9  1_555 B DG  6 1_555 0.201  0.170  3.353 2.058  5.400  37.542 -0.448 -0.038 3.351 8.330  
-3.175  37.968 4  AA_BRU8DC9:DG16DA17_BB    A 8  ? B 17 ? A 9  ? B 16 ? 
1 A DC  9 1_555 B DG  6  1_555 A DG  10 1_555 B DC  5 1_555 1.485  1.155  6.799 8.117  -1.117 24.176 3.302  1.615  6.866 -2.575 
-18.706 25.508 5  AA_DC9DG10:DC15DG16_BB    A 9  ? B 16 ? A 10 ? B 15 ? 
1 C DC  5 1_555 D DG  10 1_555 C DG  6  1_555 D DC  9 1_555 -1.879 0.444  6.728 -8.810 1.009  26.893 0.405  -0.553 6.992 2.098  
18.321  28.292 6  CC_DC25DG26:DC39DG40_DD   C 25 ? D 40 ? C 26 ? D 39 ? 
1 C DG  6 1_555 D DC  9  1_555 C DA  7  1_555 D BRU 8 1_555 -0.380 0.046  3.045 -5.107 3.767  32.053 -0.533 -0.158 3.053 6.740  
9.138   32.659 7  CC_DG26DA27:BRU38DC39_DD  C 26 ? D 39 ? C 27 ? D 38 ? 
1 C DA  7 1_555 D BRU 8  1_555 C BRU 8  1_555 D DA  7 1_555 0.104  -0.678 3.285 1.830  -2.091 29.191 -0.882 0.194  3.325 -4.137 
-3.620  29.320 8  CC_DA27BRU28:DA37BRU38_DD C 27 ? D 38 ? C 28 ? D 37 ? 
1 C BRU 8 1_555 D DA  7  1_555 C DC  9  1_555 D DG  6 1_555 0.311  0.005  3.146 3.318  4.619  41.050 -0.469 -0.098 3.143 6.550  
-4.704  41.425 9  CC_BRU28DC29:DG36DA37_DD  C 28 ? D 37 ? C 29 ? D 36 ? 
1 C DC  9 1_555 D DG  6  1_555 C DG  10 1_555 D DC  5 1_555 1.608  0.987  6.763 9.651  0.262  22.482 2.153  2.734  6.865 0.637  
-23.416 24.443 10 CC_DC29DG30:DC35DG36_DD   C 29 ? D 36 ? C 30 ? D 35 ? 
# 
_atom_sites.entry_id                    1I3W 
_atom_sites.fract_transf_matrix[1][1]   0.00158967 
_atom_sites.fract_transf_matrix[1][2]   0.00390909 
_atom_sites.fract_transf_matrix[1][3]   -0.02084820 
_atom_sites.fract_transf_matrix[2][1]   0.02086853 
_atom_sites.fract_transf_matrix[2][2]   0.00345625 
_atom_sites.fract_transf_matrix[2][3]   0.00223928 
_atom_sites.fract_transf_matrix[3][1]   0.00111377 
_atom_sites.fract_transf_matrix[3][2]   -0.00604546 
_atom_sites.fract_transf_matrix[3][3]   -0.00104861 
_atom_sites.fract_transf_vector[1]      0.765010 
_atom_sites.fract_transf_vector[2]      0.229376 
_atom_sites.fract_transf_vector[3]      0.042731 
# 
loop_
_atom_type.symbol 
BR 
C  
N  
O  
P  
# 
loop_
_atom_site.group_PDB 
_atom_site.id 
_atom_site.type_symbol 
_atom_site.label_atom_id 
_atom_site.label_alt_id 
_atom_site.label_comp_id 
_atom_site.label_asym_id 
_atom_site.label_entity_id 
_atom_site.label_seq_id 
_atom_site.pdbx_PDB_ins_code 
_atom_site.Cartn_x 
_atom_site.Cartn_y 
_atom_site.Cartn_z 
_atom_site.occupancy 
_atom_site.B_iso_or_equiv 
_atom_site.pdbx_formal_charge 
_atom_site.auth_seq_id 
_atom_site.auth_comp_id 
_atom_site.auth_asym_id 
_atom_site.auth_atom_id 
_atom_site.pdbx_PDB_model_num 
ATOM   1    O  "O5'" . DG  A 1 2  ? -1.112  -18.584 -6.478  1.00 48.01 ? 2    DG  A "O5'" 1 
ATOM   2    C  "C5'" . DG  A 1 2  ? -1.083  -18.013 -7.797  1.00 27.92 ? 2    DG  A "C5'" 1 
ATOM   3    C  "C4'" . DG  A 1 2  ? -2.097  -16.969 -8.080  1.00 33.08 ? 2    DG  A "C4'" 1 
ATOM   4    O  "O4'" . DG  A 1 2  ? -3.385  -17.159 -7.463  1.00 37.02 ? 2    DG  A "O4'" 1 
ATOM   5    C  "C3'" . DG  A 1 2  ? -1.707  -15.528 -7.747  1.00 29.53 ? 2    DG  A "C3'" 1 
ATOM   6    O  "O3'" . DG  A 1 2  ? -2.388  -14.688 -8.691  1.00 33.20 ? 2    DG  A "O3'" 1 
ATOM   7    C  "C2'" . DG  A 1 2  ? -2.348  -15.357 -6.385  1.00 26.00 ? 2    DG  A "C2'" 1 
ATOM   8    C  "C1'" . DG  A 1 2  ? -3.676  -16.099 -6.549  1.00 28.25 ? 2    DG  A "C1'" 1 
ATOM   9    N  N9    . DG  A 1 2  ? -4.010  -16.775 -5.282  1.00 25.61 ? 2    DG  A N9    1 
ATOM   10   C  C8    . DG  A 1 2  ? -2.973  -17.268 -4.494  1.00 28.74 ? 2    DG  A C8    1 
ATOM   11   N  N7    . DG  A 1 2  ? -3.388  -18.027 -3.524  1.00 30.44 ? 2    DG  A N7    1 
ATOM   12   C  C5    . DG  A 1 2  ? -4.764  -18.097 -3.714  1.00 26.54 ? 2    DG  A C5    1 
ATOM   13   C  C6    . DG  A 1 2  ? -5.744  -18.759 -2.940  1.00 35.56 ? 2    DG  A C6    1 
ATOM   14   O  O6    . DG  A 1 2  ? -5.555  -19.437 -1.921  1.00 47.92 ? 2    DG  A O6    1 
ATOM   15   N  N1    . DG  A 1 2  ? -7.020  -18.626 -3.476  1.00 38.98 ? 2    DG  A N1    1 
ATOM   16   C  C2    . DG  A 1 2  ? -7.312  -17.882 -4.591  1.00 30.58 ? 2    DG  A C2    1 
ATOM   17   N  N2    . DG  A 1 2  ? -8.598  -17.838 -4.953  1.00 44.91 ? 2    DG  A N2    1 
ATOM   18   N  N3    . DG  A 1 2  ? -6.417  -17.207 -5.261  1.00 28.52 ? 2    DG  A N3    1 
ATOM   19   C  C4    . DG  A 1 2  ? -5.155  -17.365 -4.819  1.00 22.58 ? 2    DG  A C4    1 
ATOM   20   P  P     . DA  A 1 3  ? -1.555  -13.945 -9.842  1.00 43.13 ? 3    DA  A P     1 
ATOM   21   O  OP1   . DA  A 1 3  ? -2.543  -13.518 -10.853 1.00 47.59 ? 3    DA  A OP1   1 
ATOM   22   O  OP2   . DA  A 1 3  ? -0.387  -14.800 -10.156 1.00 39.65 ? 3    DA  A OP2   1 
ATOM   23   O  "O5'" . DA  A 1 3  ? -0.926  -12.646 -9.155  1.00 35.69 ? 3    DA  A "O5'" 1 
ATOM   24   C  "C5'" . DA  A 1 3  ? -1.745  -11.603 -8.586  1.00 28.04 ? 3    DA  A "C5'" 1 
ATOM   25   C  "C4'" . DA  A 1 3  ? -0.892  -10.925 -7.534  1.00 27.37 ? 3    DA  A "C4'" 1 
ATOM   26   O  "O4'" . DA  A 1 3  ? -0.743  -11.806 -6.400  1.00 30.43 ? 3    DA  A "O4'" 1 
ATOM   27   C  "C3'" . DA  A 1 3  ? 0.539   -10.594 -7.966  1.00 27.48 ? 3    DA  A "C3'" 1 
ATOM   28   O  "O3'" . DA  A 1 3  ? 0.901   -9.356  -7.339  1.00 30.72 ? 3    DA  A "O3'" 1 
ATOM   29   C  "C2'" . DA  A 1 3  ? 1.375   -11.678 -7.313  1.00 32.12 ? 3    DA  A "C2'" 1 
ATOM   30   C  "C1'" . DA  A 1 3  ? 0.622   -11.832 -5.999  1.00 30.48 ? 3    DA  A "C1'" 1 
ATOM   31   N  N9    . DA  A 1 3  ? 0.839   -13.123 -5.343  1.00 40.07 ? 3    DA  A N9    1 
ATOM   32   C  C8    . DA  A 1 3  ? 1.051   -14.338 -5.955  1.00 41.83 ? 3    DA  A C8    1 
ATOM   33   N  N7    . DA  A 1 3  ? 0.960   -15.351 -5.131  1.00 40.04 ? 3    DA  A N7    1 
ATOM   34   C  C5    . DA  A 1 3  ? 0.587   -14.768 -3.922  1.00 41.20 ? 3    DA  A C5    1 
ATOM   35   C  C6    . DA  A 1 3  ? 0.332   -15.286 -2.642  1.00 37.12 ? 3    DA  A C6    1 
ATOM   36   N  N6    . DA  A 1 3  ? 0.346   -16.599 -2.396  1.00 34.42 ? 3    DA  A N6    1 
ATOM   37   N  N1    . DA  A 1 3  ? 0.115   -14.425 -1.625  1.00 35.66 ? 3    DA  A N1    1 
ATOM   38   C  C2    . DA  A 1 3  ? 0.105   -13.105 -1.871  1.00 26.60 ? 3    DA  A C2    1 
ATOM   39   N  N3    . DA  A 1 3  ? 0.323   -12.505 -3.038  1.00 31.85 ? 3    DA  A N3    1 
ATOM   40   C  C4    . DA  A 1 3  ? 0.504   -13.391 -4.037  1.00 42.49 ? 3    DA  A C4    1 
ATOM   41   P  P     . DT  A 1 4  ? 1.366   -8.136  -8.289  1.00 38.57 ? 4    DT  A P     1 
ATOM   42   O  OP1   . DT  A 1 4  ? 0.149   -7.516  -8.825  1.00 44.62 ? 4    DT  A OP1   1 
ATOM   43   O  OP2   . DT  A 1 4  ? 2.453   -8.655  -9.160  1.00 38.86 ? 4    DT  A OP2   1 
ATOM   44   O  "O5'" . DT  A 1 4  ? 2.124   -7.193  -7.255  1.00 31.70 ? 4    DT  A "O5'" 1 
ATOM   45   C  "C5'" . DT  A 1 4  ? 3.326   -7.702  -6.633  1.00 25.96 ? 4    DT  A "C5'" 1 
ATOM   46   C  "C4'" . DT  A 1 4  ? 3.250   -7.340  -5.160  1.00 22.16 ? 4    DT  A "C4'" 1 
ATOM   47   O  "O4'" . DT  A 1 4  ? 4.467   -7.714  -4.487  1.00 24.83 ? 4    DT  A "O4'" 1 
ATOM   48   C  "C3'" . DT  A 1 4  ? 3.138   -5.820  -4.996  1.00 23.81 ? 4    DT  A "C3'" 1 
ATOM   49   O  "O3'" . DT  A 1 4  ? 2.247   -5.528  -3.917  1.00 31.19 ? 4    DT  A "O3'" 1 
ATOM   50   C  "C2'" . DT  A 1 4  ? 4.539   -5.399  -4.593  1.00 31.36 ? 4    DT  A "C2'" 1 
ATOM   51   C  "C1'" . DT  A 1 4  ? 4.978   -6.600  -3.783  1.00 22.09 ? 4    DT  A "C1'" 1 
ATOM   52   N  N1    . DT  A 1 4  ? 6.438   -6.729  -3.627  1.00 28.75 ? 4    DT  A N1    1 
ATOM   53   C  C2    . DT  A 1 4  ? 6.996   -6.362  -2.431  1.00 26.57 ? 4    DT  A C2    1 
ATOM   54   O  O2    . DT  A 1 4  ? 6.355   -6.051  -1.430  1.00 25.58 ? 4    DT  A O2    1 
ATOM   55   N  N3    . DT  A 1 4  ? 8.364   -6.367  -2.418  1.00 25.83 ? 4    DT  A N3    1 
ATOM   56   C  C4    . DT  A 1 4  ? 9.202   -6.691  -3.475  1.00 26.20 ? 4    DT  A C4    1 
ATOM   57   O  O4    . DT  A 1 4  ? 10.414  -6.672  -3.319  1.00 38.24 ? 4    DT  A O4    1 
ATOM   58   C  C5    . DT  A 1 4  ? 8.539   -7.059  -4.702  1.00 21.45 ? 4    DT  A C5    1 
ATOM   59   C  C7    . DT  A 1 4  ? 9.372   -7.389  -5.899  1.00 43.71 ? 4    DT  A C7    1 
ATOM   60   C  C6    . DT  A 1 4  ? 7.206   -7.110  -4.696  1.00 22.18 ? 4    DT  A C6    1 
ATOM   61   P  P     . DC  A 1 5  ? 0.829   -4.825  -4.110  1.00 34.93 ? 5    DC  A P     1 
ATOM   62   O  OP1   . DC  A 1 5  ? 1.007   -3.642  -5.021  1.00 61.18 ? 5    DC  A OP1   1 
ATOM   63   O  OP2   . DC  A 1 5  ? 0.239   -4.563  -2.772  1.00 37.25 ? 5    DC  A OP2   1 
ATOM   64   O  "O5'" . DC  A 1 5  ? -0.069  -5.832  -4.905  1.00 34.77 ? 5    DC  A "O5'" 1 
ATOM   65   C  "C5'" . DC  A 1 5  ? -0.446  -7.183  -4.640  1.00 33.51 ? 5    DC  A "C5'" 1 
ATOM   66   C  "C4'" . DC  A 1 5  ? -1.809  -7.321  -5.348  1.00 33.03 ? 5    DC  A "C4'" 1 
ATOM   67   O  "O4'" . DC  A 1 5  ? -2.346  -8.617  -4.973  1.00 29.84 ? 5    DC  A "O4'" 1 
ATOM   68   C  "C3'" . DC  A 1 5  ? -2.747  -6.284  -4.729  1.00 39.21 ? 5    DC  A "C3'" 1 
ATOM   69   O  "O3'" . DC  A 1 5  ? -3.764  -5.856  -5.602  1.00 52.27 ? 5    DC  A "O3'" 1 
ATOM   70   C  "C2'" . DC  A 1 5  ? -3.286  -7.031  -3.525  1.00 32.26 ? 5    DC  A "C2'" 1 
ATOM   71   C  "C1'" . DC  A 1 5  ? -3.406  -8.447  -4.058  1.00 30.70 ? 5    DC  A "C1'" 1 
ATOM   72   N  N1    . DC  A 1 5  ? -3.242  -9.458  -2.987  1.00 24.84 ? 5    DC  A N1    1 
ATOM   73   C  C2    . DC  A 1 5  ? -4.399  -10.067 -2.523  1.00 25.54 ? 5    DC  A C2    1 
ATOM   74   O  O2    . DC  A 1 5  ? -5.475  -9.821  -3.104  1.00 28.02 ? 5    DC  A O2    1 
ATOM   75   N  N3    . DC  A 1 5  ? -4.305  -10.895 -1.451  1.00 28.19 ? 5    DC  A N3    1 
ATOM   76   C  C4    . DC  A 1 5  ? -3.102  -11.140 -0.921  1.00 27.26 ? 5    DC  A C4    1 
ATOM   77   N  N4    . DC  A 1 5  ? -3.054  -11.945 0.147   1.00 34.76 ? 5    DC  A N4    1 
ATOM   78   C  C5    . DC  A 1 5  ? -1.924  -10.464 -1.346  1.00 35.06 ? 5    DC  A C5    1 
ATOM   79   C  C6    . DC  A 1 5  ? -2.031  -9.627  -2.394  1.00 24.30 ? 5    DC  A C6    1 
ATOM   80   P  P     . DG  A 1 6  ? -3.760  -4.438  -6.373  1.00 37.83 ? 6    DG  A P     1 
ATOM   81   O  OP1   . DG  A 1 6  ? -3.394  -4.770  -7.759  1.00 31.05 ? 6    DG  A OP1   1 
ATOM   82   O  OP2   . DG  A 1 6  ? -3.046  -3.417  -5.579  1.00 39.19 ? 6    DG  A OP2   1 
ATOM   83   O  "O5'" . DG  A 1 6  ? -5.287  -3.994  -6.298  1.00 41.24 ? 6    DG  A "O5'" 1 
ATOM   84   C  "C5'" . DG  A 1 6  ? -6.278  -4.638  -7.118  1.00 45.91 ? 6    DG  A "C5'" 1 
ATOM   85   C  "C4'" . DG  A 1 6  ? -7.621  -4.401  -6.464  1.00 36.79 ? 6    DG  A "C4'" 1 
ATOM   86   O  "O4'" . DG  A 1 6  ? -7.586  -4.926  -5.122  1.00 35.80 ? 6    DG  A "O4'" 1 
ATOM   87   C  "C3'" . DG  A 1 6  ? -8.001  -2.929  -6.334  1.00 32.40 ? 6    DG  A "C3'" 1 
ATOM   88   O  "O3'" . DG  A 1 6  ? -9.411  -2.827  -6.579  1.00 35.79 ? 6    DG  A "O3'" 1 
ATOM   89   C  "C2'" . DG  A 1 6  ? -7.725  -2.609  -4.877  1.00 33.29 ? 6    DG  A "C2'" 1 
ATOM   90   C  "C1'" . DG  A 1 6  ? -7.973  -3.933  -4.187  1.00 39.39 ? 6    DG  A "C1'" 1 
ATOM   91   N  N9    . DG  A 1 6  ? -7.177  -4.175  -2.984  1.00 26.33 ? 6    DG  A N9    1 
ATOM   92   C  C8    . DG  A 1 6  ? -5.822  -4.053  -2.817  1.00 29.07 ? 6    DG  A C8    1 
ATOM   93   N  N7    . DG  A 1 6  ? -5.424  -4.391  -1.614  1.00 31.91 ? 6    DG  A N7    1 
ATOM   94   C  C5    . DG  A 1 6  ? -6.578  -4.865  -1.018  1.00 23.01 ? 6    DG  A C5    1 
ATOM   95   C  C6    . DG  A 1 6  ? -6.755  -5.432  0.275   1.00 32.33 ? 6    DG  A C6    1 
ATOM   96   O  O6    . DG  A 1 6  ? -5.871  -5.591  1.126   1.00 24.66 ? 6    DG  A O6    1 
ATOM   97   N  N1    . DG  A 1 6  ? -8.097  -5.682  0.518   1.00 33.28 ? 6    DG  A N1    1 
ATOM   98   C  C2    . DG  A 1 6  ? -9.131  -5.493  -0.372  1.00 31.11 ? 6    DG  A C2    1 
ATOM   99   N  N2    . DG  A 1 6  ? -10.361 -5.837  0.038   1.00 30.00 ? 6    DG  A N2    1 
ATOM   100  N  N3    . DG  A 1 6  ? -8.968  -5.018  -1.602  1.00 22.77 ? 6    DG  A N3    1 
ATOM   101  C  C4    . DG  A 1 6  ? -7.661  -4.756  -1.843  1.00 20.09 ? 6    DG  A C4    1 
ATOM   102  P  P     . DA  A 1 7  ? -10.084 -1.367  -6.645  1.00 49.46 ? 7    DA  A P     1 
ATOM   103  O  OP1   . DA  A 1 7  ? -11.014 -1.317  -7.790  1.00 61.85 ? 7    DA  A OP1   1 
ATOM   104  O  OP2   . DA  A 1 7  ? -8.996  -0.387  -6.449  1.00 56.62 ? 7    DA  A OP2   1 
ATOM   105  O  "O5'" . DA  A 1 7  ? -10.983 -1.323  -5.321  1.00 51.65 ? 7    DA  A "O5'" 1 
ATOM   106  C  "C5'" . DA  A 1 7  ? -11.920 -2.398  -5.071  1.00 46.74 ? 7    DA  A "C5'" 1 
ATOM   107  C  "C4'" . DA  A 1 7  ? -12.746 -2.016  -3.857  1.00 40.72 ? 7    DA  A "C4'" 1 
ATOM   108  O  "O4'" . DA  A 1 7  ? -12.019 -2.402  -2.668  1.00 33.96 ? 7    DA  A "O4'" 1 
ATOM   109  C  "C3'" . DA  A 1 7  ? -12.985 -0.500  -3.762  1.00 41.03 ? 7    DA  A "C3'" 1 
ATOM   110  O  "O3'" . DA  A 1 7  ? -14.332 -0.304  -3.352  1.00 51.86 ? 7    DA  A "O3'" 1 
ATOM   111  C  "C2'" . DA  A 1 7  ? -11.995 -0.024  -2.734  1.00 37.50 ? 7    DA  A "C2'" 1 
ATOM   112  C  "C1'" . DA  A 1 7  ? -11.667 -1.253  -1.920  1.00 37.03 ? 7    DA  A "C1'" 1 
ATOM   113  N  N9    . DA  A 1 7  ? -10.312 -1.365  -1.398  1.00 29.59 ? 7    DA  A N9    1 
ATOM   114  C  C8    . DA  A 1 7  ? -9.116  -0.953  -1.937  1.00 25.59 ? 7    DA  A C8    1 
ATOM   115  N  N7    . DA  A 1 7  ? -8.083  -1.195  -1.174  1.00 33.56 ? 7    DA  A N7    1 
ATOM   116  C  C5    . DA  A 1 7  ? -8.624  -1.861  -0.076  1.00 28.74 ? 7    DA  A C5    1 
ATOM   117  C  C6    . DA  A 1 7  ? -8.069  -2.318  1.126   1.00 26.28 ? 7    DA  A C6    1 
ATOM   118  N  N6    . DA  A 1 7  ? -6.766  -2.348  1.385   1.00 21.54 ? 7    DA  A N6    1 
ATOM   119  N  N1    . DA  A 1 7  ? -8.912  -2.691  2.112   1.00 29.02 ? 7    DA  A N1    1 
ATOM   120  C  C2    . DA  A 1 7  ? -10.220 -2.612  1.879   1.00 26.64 ? 7    DA  A C2    1 
ATOM   121  N  N3    . DA  A 1 7  ? -10.870 -2.177  0.812   1.00 26.65 ? 7    DA  A N3    1 
ATOM   122  C  C4    . DA  A 1 7  ? -9.997  -1.868  -0.155  1.00 20.23 ? 7    DA  A C4    1 
HETATM 123  N  N1    . BRU A 1 8  ? -11.568 1.139   1.952   1.00 39.35 ? 8    BRU A N1    1 
HETATM 124  C  C2    . BRU A 1 8  ? -10.796 0.493   2.889   1.00 33.33 ? 8    BRU A C2    1 
HETATM 125  N  N3    . BRU A 1 8  ? -9.447  0.463   2.647   1.00 36.05 ? 8    BRU A N3    1 
HETATM 126  C  C4    . BRU A 1 8  ? -8.810  1.047   1.571   1.00 32.70 ? 8    BRU A C4    1 
HETATM 127  C  C5    . BRU A 1 8  ? -9.686  1.769   0.671   1.00 40.03 ? 8    BRU A C5    1 
HETATM 128  C  C6    . BRU A 1 8  ? -11.009 1.735   0.846   1.00 25.23 ? 8    BRU A C6    1 
HETATM 129  O  O2    . BRU A 1 8  ? -11.318 -0.025  3.868   1.00 32.34 ? 8    BRU A O2    1 
HETATM 130  O  O4    . BRU A 1 8  ? -7.602  0.954   1.382   1.00 34.31 ? 8    BRU A O4    1 
HETATM 131  BR BR    . BRU A 1 8  ? -8.885  2.511   -0.853  1.00 51.31 ? 8    BRU A BR    1 
HETATM 132  C  "C1'" . BRU A 1 8  ? -13.007 0.888   2.068   1.00 41.79 ? 8    BRU A "C1'" 1 
HETATM 133  C  "C2'" . BRU A 1 8  ? -13.879 2.063   2.401   1.00 40.09 ? 8    BRU A "C2'" 1 
HETATM 134  C  "C3'" . BRU A 1 8  ? -15.057 1.905   1.470   1.00 45.31 ? 8    BRU A "C3'" 1 
HETATM 135  C  "C4'" . BRU A 1 8  ? -14.969 0.488   0.921   1.00 46.41 ? 8    BRU A "C4'" 1 
HETATM 136  O  "O3'" . BRU A 1 8  ? -16.263 2.098   2.213   1.00 54.52 ? 8    BRU A "O3'" 1 
HETATM 137  O  "O4'" . BRU A 1 8  ? -13.540 0.217   0.948   1.00 45.01 ? 8    BRU A "O4'" 1 
HETATM 138  C  "C5'" . BRU A 1 8  ? -15.480 0.349   -0.500  1.00 52.58 ? 8    BRU A "C5'" 1 
HETATM 139  O  "O5'" . BRU A 1 8  ? -14.783 1.226   -1.403  1.00 56.62 ? 8    BRU A "O5'" 1 
HETATM 140  P  P     . BRU A 1 8  ? -14.983 1.105   -2.987  1.00 55.31 ? 8    BRU A P     1 
HETATM 141  O  OP1   . BRU A 1 8  ? -16.439 1.013   -3.258  1.00 60.59 ? 8    BRU A OP1   1 
HETATM 142  O  OP2   . BRU A 1 8  ? -14.165 2.168   -3.617  1.00 67.68 ? 8    BRU A OP2   1 
ATOM   143  P  P     . DC  A 1 9  ? -16.638 3.600   2.639   1.00 42.36 ? 9    DC  A P     1 
ATOM   144  O  OP1   . DC  A 1 9  ? -18.103 3.643   2.847   1.00 70.42 ? 9    DC  A OP1   1 
ATOM   145  O  OP2   . DC  A 1 9  ? -15.937 4.531   1.727   1.00 45.25 ? 9    DC  A OP2   1 
ATOM   146  O  "O5'" . DC  A 1 9  ? -15.923 3.795   4.048   1.00 44.91 ? 9    DC  A "O5'" 1 
ATOM   147  C  "C5'" . DC  A 1 9  ? -16.159 2.849   5.097   1.00 32.51 ? 9    DC  A "C5'" 1 
ATOM   148  C  "C4'" . DC  A 1 9  ? -15.130 3.026   6.173   1.00 25.50 ? 9    DC  A "C4'" 1 
ATOM   149  O  "O4'" . DC  A 1 9  ? -13.872 2.446   5.770   1.00 28.02 ? 9    DC  A "O4'" 1 
ATOM   150  C  "C3'" . DC  A 1 9  ? -14.749 4.442   6.571   1.00 29.61 ? 9    DC  A "C3'" 1 
ATOM   151  O  "O3'" . DC  A 1 9  ? -15.720 4.939   7.509   1.00 29.44 ? 9    DC  A "O3'" 1 
ATOM   152  C  "C2'" . DC  A 1 9  ? -13.435 4.187   7.297   1.00 20.93 ? 9    DC  A "C2'" 1 
ATOM   153  C  "C1'" . DC  A 1 9  ? -12.830 3.001   6.570   1.00 25.84 ? 9    DC  A "C1'" 1 
ATOM   154  N  N1    . DC  A 1 9  ? -11.740 3.317   5.628   1.00 27.01 ? 9    DC  A N1    1 
ATOM   155  C  C2    . DC  A 1 9  ? -10.450 2.878   5.889   1.00 30.46 ? 9    DC  A C2    1 
ATOM   156  O  O2    . DC  A 1 9  ? -10.213 2.273   6.950   1.00 32.42 ? 9    DC  A O2    1 
ATOM   157  N  N3    . DC  A 1 9  ? -9.445  3.095   4.986   1.00 21.90 ? 9    DC  A N3    1 
ATOM   158  C  C4    . DC  A 1 9  ? -9.754  3.758   3.862   1.00 30.81 ? 9    DC  A C4    1 
ATOM   159  N  N4    . DC  A 1 9  ? -8.741  3.965   2.999   1.00 34.34 ? 9    DC  A N4    1 
ATOM   160  C  C5    . DC  A 1 9  ? -11.057 4.242   3.574   1.00 34.23 ? 9    DC  A C5    1 
ATOM   161  C  C6    . DC  A 1 9  ? -12.045 3.964   4.458   1.00 36.37 ? 9    DC  A C6    1 
ATOM   162  P  P     . DG  A 1 10 ? -15.910 6.521   7.639   1.00 35.66 ? 10   DG  A P     1 
ATOM   163  O  OP1   . DG  A 1 10 ? -17.092 6.786   8.513   1.00 46.10 ? 10   DG  A OP1   1 
ATOM   164  O  OP2   . DG  A 1 10 ? -15.868 7.230   6.350   1.00 28.87 ? 10   DG  A OP2   1 
ATOM   165  O  "O5'" . DG  A 1 10 ? -14.584 6.866   8.436   1.00 33.36 ? 10   DG  A "O5'" 1 
ATOM   166  C  "C5'" . DG  A 1 10 ? -14.233 8.157   8.902   1.00 35.07 ? 10   DG  A "C5'" 1 
ATOM   167  C  "C4'" . DG  A 1 10 ? -13.331 7.896   10.109  1.00 34.78 ? 10   DG  A "C4'" 1 
ATOM   168  O  "O4'" . DG  A 1 10 ? -11.974 8.009   9.592   1.00 35.46 ? 10   DG  A "O4'" 1 
ATOM   169  C  "C3'" . DG  A 1 10 ? -13.463 9.051   11.117  1.00 32.95 ? 10   DG  A "C3'" 1 
ATOM   170  O  "O3'" . DG  A 1 10 ? -12.731 8.665   12.297  1.00 61.76 ? 10   DG  A "O3'" 1 
ATOM   171  C  "C2'" . DG  A 1 10 ? -12.639 10.104  10.391  1.00 32.44 ? 10   DG  A "C2'" 1 
ATOM   172  C  "C1'" . DG  A 1 10 ? -11.423 9.276   9.936   1.00 24.55 ? 10   DG  A "C1'" 1 
ATOM   173  N  N9    . DG  A 1 10 ? -10.856 9.828   8.684   1.00 25.71 ? 10   DG  A N9    1 
ATOM   174  C  C8    . DG  A 1 10 ? -11.539 10.383  7.639   1.00 23.23 ? 10   DG  A C8    1 
ATOM   175  N  N7    . DG  A 1 10 ? -10.770 10.578  6.583   1.00 26.25 ? 10   DG  A N7    1 
ATOM   176  C  C5    . DG  A 1 10 ? -9.515  10.184  6.991   1.00 21.06 ? 10   DG  A C5    1 
ATOM   177  C  C6    . DG  A 1 10 ? -8.285  10.085  6.278   1.00 28.14 ? 10   DG  A C6    1 
ATOM   178  O  O6    . DG  A 1 10 ? -7.992  10.417  5.128   1.00 24.37 ? 10   DG  A O6    1 
ATOM   179  N  N1    . DG  A 1 10 ? -7.299  9.524   7.070   1.00 20.10 ? 10   DG  A N1    1 
ATOM   180  C  C2    . DG  A 1 10 ? -7.428  9.082   8.347   1.00 17.02 ? 10   DG  A C2    1 
ATOM   181  N  N2    . DG  A 1 10 ? -6.323  8.583   8.919   1.00 18.73 ? 10   DG  A N2    1 
ATOM   182  N  N3    . DG  A 1 10 ? -8.570  9.150   9.013   1.00 23.21 ? 10   DG  A N3    1 
ATOM   183  C  C4    . DG  A 1 10 ? -9.568  9.645   8.255   1.00 20.56 ? 10   DG  A C4    1 
ATOM   184  O  "O5'" . DC  B 1 1  ? -7.282  19.409  8.668   1.00 56.73 ? 11   DC  B "O5'" 1 
ATOM   185  C  "C5'" . DC  B 1 1  ? -6.531  20.083  7.637   1.00 53.29 ? 11   DC  B "C5'" 1 
ATOM   186  C  "C4'" . DC  B 1 1  ? -5.142  20.439  8.163   1.00 48.21 ? 11   DC  B "C4'" 1 
ATOM   187  O  "O4'" . DC  B 1 1  ? -5.294  20.796  9.562   1.00 44.46 ? 11   DC  B "O4'" 1 
ATOM   188  C  "C3'" . DC  B 1 1  ? -4.191  19.240  8.144   1.00 38.56 ? 11   DC  B "C3'" 1 
ATOM   189  O  "O3'" . DC  B 1 1  ? -2.811  19.623  8.016   1.00 38.58 ? 11   DC  B "O3'" 1 
ATOM   190  C  "C2'" . DC  B 1 1  ? -4.477  18.613  9.494   1.00 34.84 ? 11   DC  B "C2'" 1 
ATOM   191  C  "C1'" . DC  B 1 1  ? -4.626  19.845  10.373  1.00 41.18 ? 11   DC  B "C1'" 1 
ATOM   192  N  N1    . DC  B 1 1  ? -5.419  19.651  11.591  1.00 35.92 ? 11   DC  B N1    1 
ATOM   193  C  C2    . DC  B 1 1  ? -4.724  19.782  12.805  1.00 30.54 ? 11   DC  B C2    1 
ATOM   194  O  O2    . DC  B 1 1  ? -3.588  20.286  12.795  1.00 40.81 ? 11   DC  B O2    1 
ATOM   195  N  N3    . DC  B 1 1  ? -5.288  19.319  13.927  1.00 32.47 ? 11   DC  B N3    1 
ATOM   196  C  C4    . DC  B 1 1  ? -6.540  18.847  13.922  1.00 34.03 ? 11   DC  B C4    1 
ATOM   197  N  N4    . DC  B 1 1  ? -7.039  18.435  15.097  1.00 40.01 ? 11   DC  B N4    1 
ATOM   198  C  C5    . DC  B 1 1  ? -7.249  18.666  12.708  1.00 21.84 ? 11   DC  B C5    1 
ATOM   199  C  C6    . DC  B 1 1  ? -6.653  19.069  11.572  1.00 32.05 ? 11   DC  B C6    1 
ATOM   200  P  P     . DG  B 1 2  ? -1.853  18.699  7.089   1.00 41.22 ? 12   DG  B P     1 
ATOM   201  O  OP1   . DG  B 1 2  ? -0.543  19.385  6.953   1.00 57.32 ? 12   DG  B OP1   1 
ATOM   202  O  OP2   . DG  B 1 2  ? -2.614  18.332  5.885   1.00 33.34 ? 12   DG  B OP2   1 
ATOM   203  O  "O5'" . DG  B 1 2  ? -1.654  17.370  7.954   1.00 40.50 ? 12   DG  B "O5'" 1 
ATOM   204  C  "C5'" . DG  B 1 2  ? -0.960  17.431  9.215   1.00 30.39 ? 12   DG  B "C5'" 1 
ATOM   205  C  "C4'" . DG  B 1 2  ? -1.003  16.114  9.927   1.00 30.08 ? 12   DG  B "C4'" 1 
ATOM   206  O  "O4'" . DG  B 1 2  ? -2.353  15.758  10.292  1.00 32.14 ? 12   DG  B "O4'" 1 
ATOM   207  C  "C3'" . DG  B 1 2  ? -0.513  14.906  9.121   1.00 26.37 ? 12   DG  B "C3'" 1 
ATOM   208  O  "O3'" . DG  B 1 2  ? -0.005  13.966  10.085  1.00 26.66 ? 12   DG  B "O3'" 1 
ATOM   209  C  "C2'" . DG  B 1 2  ? -1.762  14.358  8.470   1.00 19.27 ? 12   DG  B "C2'" 1 
ATOM   210  C  "C1'" . DG  B 1 2  ? -2.854  14.731  9.442   1.00 32.47 ? 12   DG  B "C1'" 1 
ATOM   211  N  N9    . DG  B 1 2  ? -4.117  15.195  8.889   1.00 25.68 ? 12   DG  B N9    1 
ATOM   212  C  C8    . DG  B 1 2  ? -4.394  15.844  7.701   1.00 21.30 ? 12   DG  B C8    1 
ATOM   213  N  N7    . DG  B 1 2  ? -5.643  16.212  7.594   1.00 25.54 ? 12   DG  B N7    1 
ATOM   214  C  C5    . DG  B 1 2  ? -6.223  15.843  8.798   1.00 29.69 ? 12   DG  B C5    1 
ATOM   215  C  C6    . DG  B 1 2  ? -7.546  15.961  9.296   1.00 34.71 ? 12   DG  B C6    1 
ATOM   216  O  O6    . DG  B 1 2  ? -8.540  16.477  8.772   1.00 42.18 ? 12   DG  B O6    1 
ATOM   217  N  N1    . DG  B 1 2  ? -7.680  15.401  10.569  1.00 32.76 ? 12   DG  B N1    1 
ATOM   218  C  C2    . DG  B 1 2  ? -6.674  14.793  11.275  1.00 27.89 ? 12   DG  B C2    1 
ATOM   219  N  N2    . DG  B 1 2  ? -6.972  14.308  12.483  1.00 26.01 ? 12   DG  B N2    1 
ATOM   220  N  N3    . DG  B 1 2  ? -5.444  14.642  10.812  1.00 29.75 ? 12   DG  B N3    1 
ATOM   221  C  C4    . DG  B 1 2  ? -5.296  15.208  9.599   1.00 31.01 ? 12   DG  B C4    1 
ATOM   222  P  P     . DA  B 1 3  ? 1.561   13.630  10.012  1.00 34.15 ? 13   DA  B P     1 
ATOM   223  O  OP1   . DA  B 1 3  ? 1.927   12.844  11.206  1.00 33.03 ? 13   DA  B OP1   1 
ATOM   224  O  OP2   . DA  B 1 3  ? 2.229   14.932  9.722   1.00 34.44 ? 13   DA  B OP2   1 
ATOM   225  O  "O5'" . DA  B 1 3  ? 1.702   12.737  8.703   1.00 34.61 ? 13   DA  B "O5'" 1 
ATOM   226  C  "C5'" . DA  B 1 3  ? 1.270   11.364  8.719   1.00 32.97 ? 13   DA  B "C5'" 1 
ATOM   227  C  "C4'" . DA  B 1 3  ? 1.309   10.847  7.290   1.00 21.89 ? 13   DA  B "C4'" 1 
ATOM   228  O  "O4'" . DA  B 1 3  ? 0.267   11.460  6.535   1.00 21.25 ? 13   DA  B "O4'" 1 
ATOM   229  C  "C3'" . DA  B 1 3  ? 2.596   11.147  6.523   1.00 30.09 ? 13   DA  B "C3'" 1 
ATOM   230  O  "O3'" . DA  B 1 3  ? 2.829   10.045  5.631   1.00 27.60 ? 13   DA  B "O3'" 1 
ATOM   231  C  "C2'" . DA  B 1 3  ? 2.242   12.355  5.661   1.00 32.10 ? 13   DA  B "C2'" 1 
ATOM   232  C  "C1'" . DA  B 1 3  ? 0.784   12.054  5.343   1.00 28.03 ? 13   DA  B "C1'" 1 
ATOM   233  N  N9    . DA  B 1 3  ? 0.019   13.269  5.086   1.00 24.71 ? 13   DA  B N9    1 
ATOM   234  C  C8    . DA  B 1 3  ? 0.232   14.534  5.584   1.00 24.17 ? 13   DA  B C8    1 
ATOM   235  N  N7    . DA  B 1 3  ? -0.601  15.413  5.084   1.00 26.11 ? 13   DA  B N7    1 
ATOM   236  C  C5    . DA  B 1 3  ? -1.529  14.673  4.366   1.00 29.27 ? 13   DA  B C5    1 
ATOM   237  C  C6    . DA  B 1 3  ? -2.736  15.004  3.730   1.00 33.71 ? 13   DA  B C6    1 
ATOM   238  N  N6    . DA  B 1 3  ? -3.328  16.210  3.704   1.00 23.59 ? 13   DA  B N6    1 
ATOM   239  N  N1    . DA  B 1 3  ? -3.311  14.029  2.984   1.00 27.20 ? 13   DA  B N1    1 
ATOM   240  C  C2    . DA  B 1 3  ? -2.744  12.823  3.008   1.00 19.47 ? 13   DA  B C2    1 
ATOM   241  N  N3    . DA  B 1 3  ? -1.659  12.364  3.603   1.00 20.89 ? 13   DA  B N3    1 
ATOM   242  C  C4    . DA  B 1 3  ? -1.047  13.384  4.222   1.00 23.50 ? 13   DA  B C4    1 
ATOM   243  P  P     . DT  B 1 4  ? 4.191   9.218   5.703   1.00 31.27 ? 14   DT  B P     1 
ATOM   244  O  OP1   . DT  B 1 4  ? 4.138   8.135   6.707   1.00 31.55 ? 14   DT  B OP1   1 
ATOM   245  O  OP2   . DT  B 1 4  ? 5.308   10.205  5.716   1.00 31.73 ? 14   DT  B OP2   1 
ATOM   246  O  "O5'" . DT  B 1 4  ? 4.260   8.472   4.288   1.00 28.33 ? 14   DT  B "O5'" 1 
ATOM   247  C  "C5'" . DT  B 1 4  ? 4.296   9.236   3.069   1.00 18.38 ? 14   DT  B "C5'" 1 
ATOM   248  C  "C4'" . DT  B 1 4  ? 3.349   8.609   2.104   1.00 19.21 ? 14   DT  B "C4'" 1 
ATOM   249  O  "O4'" . DT  B 1 4  ? 3.289   9.328   0.865   1.00 18.95 ? 14   DT  B "O4'" 1 
ATOM   250  C  "C3'" . DT  B 1 4  ? 3.639   7.142   1.801   1.00 22.33 ? 14   DT  B "C3'" 1 
ATOM   251  O  "O3'" . DT  B 1 4  ? 2.364   6.481   1.666   1.00 26.59 ? 14   DT  B "O3'" 1 
ATOM   252  C  "C2'" . DT  B 1 4  ? 4.295   7.262   0.432   1.00 22.36 ? 14   DT  B "C2'" 1 
ATOM   253  C  "C1'" . DT  B 1 4  ? 3.494   8.387   -0.186  1.00 21.61 ? 14   DT  B "C1'" 1 
ATOM   254  N  N1    . DT  B 1 4  ? 4.188   9.128   -1.273  1.00 25.49 ? 14   DT  B N1    1 
ATOM   255  C  C2    . DT  B 1 4  ? 3.833   8.786   -2.538  1.00 23.32 ? 14   DT  B C2    1 
ATOM   256  O  O2    . DT  B 1 4  ? 2.831   8.146   -2.816  1.00 19.63 ? 14   DT  B O2    1 
ATOM   257  N  N3    . DT  B 1 4  ? 4.713   9.195   -3.515  1.00 25.52 ? 14   DT  B N3    1 
ATOM   258  C  C4    . DT  B 1 4  ? 5.871   9.936   -3.324  1.00 31.59 ? 14   DT  B C4    1 
ATOM   259  O  O4    . DT  B 1 4  ? 6.547   10.246  -4.318  1.00 28.06 ? 14   DT  B O4    1 
ATOM   260  C  C5    . DT  B 1 4  ? 6.159   10.298  -1.963  1.00 25.43 ? 14   DT  B C5    1 
ATOM   261  C  C7    . DT  B 1 4  ? 7.400   11.094  -1.671  1.00 21.70 ? 14   DT  B C7    1 
ATOM   262  C  C6    . DT  B 1 4  ? 5.328   9.864   -0.989  1.00 22.80 ? 14   DT  B C6    1 
ATOM   263  P  P     . DC  B 1 5  ? 2.062   5.197   2.602   1.00 27.43 ? 15   DC  B P     1 
ATOM   264  O  OP1   . DC  B 1 5  ? 3.293   4.382   2.707   1.00 41.76 ? 15   DC  B OP1   1 
ATOM   265  O  OP2   . DC  B 1 5  ? 0.855   4.576   1.998   1.00 22.96 ? 15   DC  B OP2   1 
ATOM   266  O  "O5'" . DC  B 1 5  ? 1.746   5.806   4.008   1.00 25.80 ? 15   DC  B "O5'" 1 
ATOM   267  C  "C5'" . DC  B 1 5  ? 0.864   6.912   4.261   1.00 27.04 ? 15   DC  B "C5'" 1 
ATOM   268  C  "C4'" . DC  B 1 5  ? 0.590   6.945   5.765   1.00 28.70 ? 15   DC  B "C4'" 1 
ATOM   269  O  "O4'" . DC  B 1 5  ? -0.329  8.026   6.051   1.00 26.99 ? 15   DC  B "O4'" 1 
ATOM   270  C  "C3'" . DC  B 1 5  ? -0.138  5.669   6.231   1.00 24.91 ? 15   DC  B "C3'" 1 
ATOM   271  O  "O3'" . DC  B 1 5  ? 0.169   5.465   7.606   1.00 27.89 ? 15   DC  B "O3'" 1 
ATOM   272  C  "C2'" . DC  B 1 5  ? -1.611  6.055   6.129   1.00 21.84 ? 15   DC  B "C2'" 1 
ATOM   273  C  "C1'" . DC  B 1 5  ? -1.609  7.546   6.356   1.00 21.41 ? 15   DC  B "C1'" 1 
ATOM   274  N  N1    . DC  B 1 5  ? -2.629  8.267   5.591   1.00 19.99 ? 15   DC  B N1    1 
ATOM   275  C  C2    . DC  B 1 5  ? -3.875  8.424   6.209   1.00 19.60 ? 15   DC  B C2    1 
ATOM   276  O  O2    . DC  B 1 5  ? -4.006  7.944   7.355   1.00 22.07 ? 15   DC  B O2    1 
ATOM   277  N  N3    . DC  B 1 5  ? -4.826  9.111   5.561   1.00 18.17 ? 15   DC  B N3    1 
ATOM   278  C  C4    . DC  B 1 5  ? -4.611  9.637   4.354   1.00 19.23 ? 15   DC  B C4    1 
ATOM   279  N  N4    . DC  B 1 5  ? -5.660  10.122  3.691   1.00 19.53 ? 15   DC  B N4    1 
ATOM   280  C  C5    . DC  B 1 5  ? -3.407  9.348   3.647   1.00 20.14 ? 15   DC  B C5    1 
ATOM   281  C  C6    . DC  B 1 5  ? -2.434  8.727   4.320   1.00 19.58 ? 15   DC  B C6    1 
ATOM   282  P  P     . DG  B 1 6  ? 1.313   4.475   8.115   1.00 34.44 ? 16   DG  B P     1 
ATOM   283  O  OP1   . DG  B 1 6  ? 1.937   5.084   9.306   1.00 34.75 ? 16   DG  B OP1   1 
ATOM   284  O  OP2   . DG  B 1 6  ? 2.102   4.011   6.959   1.00 33.35 ? 16   DG  B OP2   1 
ATOM   285  O  "O5'" . DG  B 1 6  ? 0.478   3.197   8.613   1.00 34.52 ? 16   DG  B "O5'" 1 
ATOM   286  C  "C5'" . DG  B 1 6  ? 0.071   3.169   10.005  1.00 33.49 ? 16   DG  B "C5'" 1 
ATOM   287  C  "C4'" . DG  B 1 6  ? -1.165  2.299   10.079  1.00 29.75 ? 16   DG  B "C4'" 1 
ATOM   288  O  "O4'" . DG  B 1 6  ? -2.171  2.734   9.136   1.00 26.92 ? 16   DG  B "O4'" 1 
ATOM   289  C  "C3'" . DG  B 1 6  ? -0.835  0.842   9.665   1.00 30.46 ? 16   DG  B "C3'" 1 
ATOM   290  O  "O3'" . DG  B 1 6  ? -1.761  0.029   10.409  1.00 42.16 ? 16   DG  B "O3'" 1 
ATOM   291  C  "C2'" . DG  B 1 6  ? -1.330  0.787   8.218   1.00 32.30 ? 16   DG  B "C2'" 1 
ATOM   292  C  "C1'" . DG  B 1 6  ? -2.605  1.617   8.362   1.00 31.69 ? 16   DG  B "C1'" 1 
ATOM   293  N  N9    . DG  B 1 6  ? -3.230  2.030   7.119   1.00 27.41 ? 16   DG  B N9    1 
ATOM   294  C  C8    . DG  B 1 6  ? -2.574  2.239   5.922   1.00 30.86 ? 16   DG  B C8    1 
ATOM   295  N  N7    . DG  B 1 6  ? -3.365  2.676   4.977   1.00 30.08 ? 16   DG  B N7    1 
ATOM   296  C  C5    . DG  B 1 6  ? -4.628  2.669   5.549   1.00 30.25 ? 16   DG  B C5    1 
ATOM   297  C  C6    . DG  B 1 6  ? -5.900  2.865   4.958   1.00 28.47 ? 16   DG  B C6    1 
ATOM   298  O  O6    . DG  B 1 6  ? -6.184  3.218   3.803   1.00 20.76 ? 16   DG  B O6    1 
ATOM   299  N  N1    . DG  B 1 6  ? -6.930  2.701   5.883   1.00 24.39 ? 16   DG  B N1    1 
ATOM   300  C  C2    . DG  B 1 6  ? -6.765  2.330   7.189   1.00 24.10 ? 16   DG  B C2    1 
ATOM   301  N  N2    . DG  B 1 6  ? -7.870  2.213   7.963   1.00 24.28 ? 16   DG  B N2    1 
ATOM   302  N  N3    . DG  B 1 6  ? -5.587  2.179   7.749   1.00 22.91 ? 16   DG  B N3    1 
ATOM   303  C  C4    . DG  B 1 6  ? -4.568  2.217   6.853   1.00 30.03 ? 16   DG  B C4    1 
ATOM   304  P  P     . DA  B 1 7  ? -1.249  -1.368  11.032  1.00 47.86 ? 17   DA  B P     1 
ATOM   305  O  OP1   . DA  B 1 7  ? -0.643  -1.081  12.347  1.00 52.15 ? 17   DA  B OP1   1 
ATOM   306  O  OP2   . DA  B 1 7  ? -0.501  -2.101  9.988   1.00 43.03 ? 17   DA  B OP2   1 
ATOM   307  O  "O5'" . DA  B 1 7  ? -2.644  -2.126  11.267  1.00 49.66 ? 17   DA  B "O5'" 1 
ATOM   308  C  "C5'" . DA  B 1 7  ? -3.735  -1.369  11.848  1.00 45.48 ? 17   DA  B "C5'" 1 
ATOM   309  C  "C4'" . DA  B 1 7  ? -5.068  -1.892  11.358  1.00 44.13 ? 17   DA  B "C4'" 1 
ATOM   310  O  "O4'" . DA  B 1 7  ? -5.468  -1.161  10.175  1.00 36.95 ? 17   DA  B "O4'" 1 
ATOM   311  C  "C3'" . DA  B 1 7  ? -5.042  -3.372  10.984  1.00 41.10 ? 17   DA  B "C3'" 1 
ATOM   312  O  "O3'" . DA  B 1 7  ? -5.962  -4.092  11.807  1.00 50.59 ? 17   DA  B "O3'" 1 
ATOM   313  C  "C2'" . DA  B 1 7  ? -5.405  -3.426  9.529   1.00 29.93 ? 17   DA  B "C2'" 1 
ATOM   314  C  "C1'" . DA  B 1 7  ? -6.007  -2.064  9.222   1.00 33.02 ? 17   DA  B "C1'" 1 
ATOM   315  N  N9    . DA  B 1 7  ? -5.613  -1.534  7.904   1.00 26.95 ? 17   DA  B N9    1 
ATOM   316  C  C8    . DA  B 1 7  ? -4.365  -1.479  7.345   1.00 25.63 ? 17   DA  B C8    1 
ATOM   317  N  N7    . DA  B 1 7  ? -4.351  -1.087  6.090   1.00 21.99 ? 17   DA  B N7    1 
ATOM   318  C  C5    . DA  B 1 7  ? -5.692  -0.977  5.772   1.00 21.83 ? 17   DA  B C5    1 
ATOM   319  C  C6    . DA  B 1 7  ? -6.352  -0.422  4.658   1.00 23.85 ? 17   DA  B C6    1 
ATOM   320  N  N6    . DA  B 1 7  ? -5.766  -0.147  3.490   1.00 25.04 ? 17   DA  B N6    1 
ATOM   321  N  N1    . DA  B 1 7  ? -7.706  -0.442  4.680   1.00 25.92 ? 17   DA  B N1    1 
ATOM   322  C  C2    . DA  B 1 7  ? -8.330  -0.793  5.806   1.00 21.61 ? 17   DA  B C2    1 
ATOM   323  N  N3    . DA  B 1 7  ? -7.810  -1.200  6.954   1.00 23.20 ? 17   DA  B N3    1 
ATOM   324  C  C4    . DA  B 1 7  ? -6.474  -1.205  6.892   1.00 26.94 ? 17   DA  B C4    1 
HETATM 325  N  N1    . BRU B 1 8  ? -8.804  -4.702  6.624   1.00 26.73 ? 18   BRU B N1    1 
HETATM 326  C  C2    . BRU B 1 8  ? -9.184  -4.110  5.460   1.00 28.40 ? 18   BRU B C2    1 
HETATM 327  N  N3    . BRU B 1 8  ? -8.159  -3.765  4.597   1.00 20.52 ? 18   BRU B N3    1 
HETATM 328  C  C4    . BRU B 1 8  ? -6.832  -4.049  4.762   1.00 22.07 ? 18   BRU B C4    1 
HETATM 329  C  C5    . BRU B 1 8  ? -6.522  -4.775  5.978   1.00 23.32 ? 18   BRU B C5    1 
HETATM 330  C  C6    . BRU B 1 8  ? -7.479  -5.011  6.882   1.00 22.99 ? 18   BRU B C6    1 
HETATM 331  O  O2    . BRU B 1 8  ? -10.332 -3.857  5.158   1.00 26.24 ? 18   BRU B O2    1 
HETATM 332  O  O4    . BRU B 1 8  ? -5.934  -3.646  4.015   1.00 25.06 ? 18   BRU B O4    1 
HETATM 333  BR BR    . BRU B 1 8  ? -4.719  -4.946  6.424   1.00 37.63 ? 18   BRU B BR    1 
HETATM 334  C  "C1'" . BRU B 1 8  ? -9.763  -4.976  7.719   1.00 27.62 ? 18   BRU B "C1'" 1 
HETATM 335  C  "C2'" . BRU B 1 8  ? -9.443  -6.357  8.305   1.00 33.64 ? 18   BRU B "C2'" 1 
HETATM 336  C  "C3'" . BRU B 1 8  ? -10.014 -6.193  9.698   1.00 43.64 ? 18   BRU B "C3'" 1 
HETATM 337  C  "C4'" . BRU B 1 8  ? -9.763  -4.729  10.053  1.00 36.83 ? 18   BRU B "C4'" 1 
HETATM 338  O  "O3'" . BRU B 1 8  ? -11.447 -6.330  9.517   1.00 66.25 ? 18   BRU B "O3'" 1 
HETATM 339  O  "O4'" . BRU B 1 8  ? -9.432  -4.098  8.803   1.00 31.46 ? 18   BRU B "O4'" 1 
HETATM 340  C  "C5'" . BRU B 1 8  ? -8.654  -4.579  11.073  1.00 44.37 ? 18   BRU B "C5'" 1 
HETATM 341  O  "O5'" . BRU B 1 8  ? -7.703  -5.644  10.868  1.00 41.05 ? 18   BRU B "O5'" 1 
HETATM 342  P  P     . BRU B 1 8  ? -6.291  -5.644  11.629  1.00 46.63 ? 18   BRU B P     1 
HETATM 343  O  OP1   . BRU B 1 8  ? -6.503  -6.261  12.965  1.00 69.91 ? 18   BRU B OP1   1 
HETATM 344  O  OP2   . BRU B 1 8  ? -5.330  -6.264  10.696  1.00 44.07 ? 18   BRU B OP2   1 
ATOM   345  P  P     . DC  B 1 9  ? -11.926 -7.855  9.682   1.00 66.78 ? 19   DC  B P     1 
ATOM   346  O  OP1   . DC  B 1 9  ? -12.624 -7.944  10.983  1.00 45.84 ? 19   DC  B OP1   1 
ATOM   347  O  OP2   . DC  B 1 9  ? -10.741 -8.703  9.353   1.00 63.81 ? 19   DC  B OP2   1 
ATOM   348  O  "O5'" . DC  B 1 9  ? -12.943 -8.077  8.482   1.00 49.74 ? 19   DC  B "O5'" 1 
ATOM   349  C  "C5'" . DC  B 1 9  ? -12.724 -9.279  7.692   1.00 43.52 ? 19   DC  B "C5'" 1 
ATOM   350  C  "C4'" . DC  B 1 9  ? -13.117 -8.956  6.263   1.00 42.27 ? 19   DC  B "C4'" 1 
ATOM   351  O  "O4'" . DC  B 1 9  ? -12.357 -7.794  5.830   1.00 46.28 ? 19   DC  B "O4'" 1 
ATOM   352  C  "C3'" . DC  B 1 9  ? -12.670 -10.072 5.313   1.00 42.45 ? 19   DC  B "C3'" 1 
ATOM   353  O  "O3'" . DC  B 1 9  ? -13.719 -11.044 5.258   1.00 55.93 ? 19   DC  B "O3'" 1 
ATOM   354  C  "C2'" . DC  B 1 9  ? -12.502 -9.304  4.020   1.00 49.72 ? 19   DC  B "C2'" 1 
ATOM   355  C  "C1'" . DC  B 1 9  ? -11.943 -7.978  4.492   1.00 46.30 ? 19   DC  B "C1'" 1 
ATOM   356  N  N1    . DC  B 1 9  ? -10.498 -7.759  4.378   1.00 27.72 ? 19   DC  B N1    1 
ATOM   357  C  C2    . DC  B 1 9  ? -10.077 -6.991  3.289   1.00 24.68 ? 19   DC  B C2    1 
ATOM   358  O  O2    . DC  B 1 9  ? -10.953 -6.545  2.543   1.00 32.39 ? 19   DC  B O2    1 
ATOM   359  N  N3    . DC  B 1 9  ? -8.754  -6.816  3.068   1.00 29.89 ? 19   DC  B N3    1 
ATOM   360  C  C4    . DC  B 1 9  ? -7.871  -7.295  3.935   1.00 23.12 ? 19   DC  B C4    1 
ATOM   361  N  N4    . DC  B 1 9  ? -6.585  -7.019  3.752   1.00 27.57 ? 19   DC  B N4    1 
ATOM   362  C  C5    . DC  B 1 9  ? -8.271  -8.063  5.078   1.00 29.52 ? 19   DC  B C5    1 
ATOM   363  C  C6    . DC  B 1 9  ? -9.578  -8.309  5.219   1.00 25.67 ? 19   DC  B C6    1 
ATOM   364  P  P     . DG  B 1 10 ? -13.339 -12.584 4.979   1.00 58.18 ? 20   DG  B P     1 
ATOM   365  O  OP1   . DG  B 1 10 ? -14.575 -13.396 5.030   1.00 71.28 ? 20   DG  B OP1   1 
ATOM   366  O  OP2   . DG  B 1 10 ? -12.174 -12.920 5.834   1.00 49.27 ? 20   DG  B OP2   1 
ATOM   367  O  "O5'" . DG  B 1 10 ? -12.835 -12.547 3.463   1.00 48.50 ? 20   DG  B "O5'" 1 
ATOM   368  C  "C5'" . DG  B 1 10 ? -13.772 -12.220 2.411   1.00 44.85 ? 20   DG  B "C5'" 1 
ATOM   369  C  "C4'" . DG  B 1 10 ? -13.317 -12.840 1.106   1.00 40.26 ? 20   DG  B "C4'" 1 
ATOM   370  O  "O4'" . DG  B 1 10 ? -11.891 -12.641 0.971   1.00 37.42 ? 20   DG  B "O4'" 1 
ATOM   371  C  "C3'" . DG  B 1 10 ? -13.506 -14.356 1.029   1.00 43.01 ? 20   DG  B "C3'" 1 
ATOM   372  O  "O3'" . DG  B 1 10 ? -14.706 -14.633 0.290   1.00 53.55 ? 20   DG  B "O3'" 1 
ATOM   373  C  "C2'" . DG  B 1 10 ? -12.307 -14.871 0.253   1.00 41.01 ? 20   DG  B "C2'" 1 
ATOM   374  C  "C1'" . DG  B 1 10 ? -11.323 -13.737 0.276   1.00 28.90 ? 20   DG  B "C1'" 1 
ATOM   375  N  N9    . DG  B 1 10 ? -9.980  -13.947 0.759   1.00 25.77 ? 20   DG  B N9    1 
ATOM   376  C  C8    . DG  B 1 10 ? -9.482  -14.456 1.933   1.00 24.98 ? 20   DG  B C8    1 
ATOM   377  N  N7    . DG  B 1 10 ? -8.195  -14.270 2.084   1.00 25.39 ? 20   DG  B N7    1 
ATOM   378  C  C5    . DG  B 1 10 ? -7.812  -13.616 0.913   1.00 21.14 ? 20   DG  B C5    1 
ATOM   379  C  C6    . DG  B 1 10 ? -6.591  -13.094 0.456   1.00 23.32 ? 20   DG  B C6    1 
ATOM   380  O  O6    . DG  B 1 10 ? -5.458  -13.215 0.922   1.00 29.80 ? 20   DG  B O6    1 
ATOM   381  N  N1    . DG  B 1 10 ? -6.745  -12.393 -0.746  1.00 30.96 ? 20   DG  B N1    1 
ATOM   382  C  C2    . DG  B 1 10 ? -7.907  -12.167 -1.430  1.00 33.32 ? 20   DG  B C2    1 
ATOM   383  N  N2    . DG  B 1 10 ? -7.909  -11.463 -2.576  1.00 32.80 ? 20   DG  B N2    1 
ATOM   384  N  N3    . DG  B 1 10 ? -9.070  -12.573 -0.962  1.00 27.14 ? 20   DG  B N3    1 
ATOM   385  C  C4    . DG  B 1 10 ? -8.894  -13.411 0.089   1.00 24.78 ? 20   DG  B C4    1 
ATOM   386  O  "O5'" . DG  C 1 2  ? 6.613   -19.669 3.630   1.00 73.99 ? 22   DG  C "O5'" 1 
ATOM   387  C  "C5'" . DG  C 1 2  ? 6.367   -18.380 3.044   1.00 52.56 ? 22   DG  C "C5'" 1 
ATOM   388  C  "C4'" . DG  C 1 2  ? 7.132   -17.280 3.731   1.00 46.88 ? 22   DG  C "C4'" 1 
ATOM   389  O  "O4'" . DG  C 1 2  ? 8.344   -16.947 3.021   1.00 42.66 ? 22   DG  C "O4'" 1 
ATOM   390  C  "C3'" . DG  C 1 2  ? 6.368   -15.951 3.829   1.00 44.74 ? 22   DG  C "C3'" 1 
ATOM   391  O  "O3'" . DG  C 1 2  ? 6.869   -15.253 4.992   1.00 37.40 ? 22   DG  C "O3'" 1 
ATOM   392  C  "C2'" . DG  C 1 2  ? 6.832   -15.203 2.589   1.00 33.25 ? 22   DG  C "C2'" 1 
ATOM   393  C  "C1'" . DG  C 1 2  ? 8.269   -15.667 2.406   1.00 40.21 ? 22   DG  C "C1'" 1 
ATOM   394  N  N9    . DG  C 1 2  ? 8.631   -15.822 0.991   1.00 30.49 ? 22   DG  C N9    1 
ATOM   395  C  C8    . DG  C 1 2  ? 7.758   -16.275 0.020   1.00 26.62 ? 22   DG  C C8    1 
ATOM   396  N  N7    . DG  C 1 2  ? 8.351   -16.616 -1.090  1.00 27.60 ? 22   DG  C N7    1 
ATOM   397  C  C5    . DG  C 1 2  ? 9.685   -16.299 -0.865  1.00 28.15 ? 22   DG  C C5    1 
ATOM   398  C  C6    . DG  C 1 2  ? 10.801  -16.462 -1.721  1.00 31.91 ? 22   DG  C C6    1 
ATOM   399  O  O6    . DG  C 1 2  ? 10.789  -16.993 -2.839  1.00 38.23 ? 22   DG  C O6    1 
ATOM   400  N  N1    . DG  C 1 2  ? 11.991  -16.086 -1.109  1.00 27.76 ? 22   DG  C N1    1 
ATOM   401  C  C2    . DG  C 1 2  ? 12.077  -15.584 0.176   1.00 29.13 ? 22   DG  C C2    1 
ATOM   402  N  N2    . DG  C 1 2  ? 13.299  -15.238 0.605   1.00 28.99 ? 22   DG  C N2    1 
ATOM   403  N  N3    . DG  C 1 2  ? 11.032  -15.367 0.959   1.00 25.61 ? 22   DG  C N3    1 
ATOM   404  C  C4    . DG  C 1 2  ? 9.886   -15.870 0.437   1.00 22.88 ? 22   DG  C C4    1 
ATOM   405  P  P     . DA  C 1 3  ? 5.785   -15.010 6.173   1.00 37.47 ? 23   DA  C P     1 
ATOM   406  O  OP1   . DA  C 1 3  ? 6.530   -14.313 7.232   1.00 30.69 ? 23   DA  C OP1   1 
ATOM   407  O  OP2   . DA  C 1 3  ? 5.014   -16.260 6.286   1.00 35.42 ? 23   DA  C OP2   1 
ATOM   408  O  "O5'" . DA  C 1 3  ? 4.731   -13.985 5.530   1.00 32.37 ? 23   DA  C "O5'" 1 
ATOM   409  C  "C5'" . DA  C 1 3  ? 5.105   -12.595 5.410   1.00 33.30 ? 23   DA  C "C5'" 1 
ATOM   410  C  "C4'" . DA  C 1 3  ? 4.070   -11.886 4.580   1.00 29.16 ? 23   DA  C "C4'" 1 
ATOM   411  O  "O4'" . DA  C 1 3  ? 4.198   -12.269 3.193   1.00 27.03 ? 23   DA  C "O4'" 1 
ATOM   412  C  "C3'" . DA  C 1 3  ? 2.616   -12.201 4.919   1.00 31.27 ? 23   DA  C "C3'" 1 
ATOM   413  O  "O3'" . DA  C 1 3  ? 1.884   -10.993 4.620   1.00 36.49 ? 23   DA  C "O3'" 1 
ATOM   414  C  "C2'" . DA  C 1 3  ? 2.193   -13.259 3.902   1.00 24.79 ? 23   DA  C "C2'" 1 
ATOM   415  C  "C1'" . DA  C 1 3  ? 2.997   -12.831 2.699   1.00 25.21 ? 23   DA  C "C1'" 1 
ATOM   416  N  N9    . DA  C 1 3  ? 3.420   -13.875 1.776   1.00 34.92 ? 23   DA  C N9    1 
ATOM   417  C  C8    . DA  C 1 3  ? 3.583   -15.219 2.026   1.00 40.02 ? 23   DA  C C8    1 
ATOM   418  N  N7    . DA  C 1 3  ? 3.773   -15.924 0.932   1.00 40.10 ? 23   DA  C N7    1 
ATOM   419  C  C5    . DA  C 1 3  ? 3.743   -14.994 -0.096  1.00 38.11 ? 23   DA  C C5    1 
ATOM   420  C  C6    . DA  C 1 3  ? 3.808   -15.134 -1.497  1.00 37.96 ? 23   DA  C C6    1 
ATOM   421  N  N6    . DA  C 1 3  ? 3.968   -16.313 -2.116  1.00 34.86 ? 23   DA  C N6    1 
ATOM   422  N  N1    . DA  C 1 3  ? 3.712   -14.009 -2.240  1.00 34.68 ? 23   DA  C N1    1 
ATOM   423  C  C2    . DA  C 1 3  ? 3.549   -12.843 -1.593  1.00 42.48 ? 23   DA  C C2    1 
ATOM   424  N  N3    . DA  C 1 3  ? 3.452   -12.583 -0.279  1.00 31.36 ? 23   DA  C N3    1 
ATOM   425  C  C4    . DA  C 1 3  ? 3.602   -13.717 0.424   1.00 39.43 ? 23   DA  C C4    1 
ATOM   426  P  P     . DT  C 1 4  ? 1.216   -10.221 5.867   1.00 35.17 ? 24   DT  C P     1 
ATOM   427  O  OP1   . DT  C 1 4  ? 2.260   -9.369  6.476   1.00 29.94 ? 24   DT  C OP1   1 
ATOM   428  O  OP2   . DT  C 1 4  ? 0.449   -11.232 6.651   1.00 29.71 ? 24   DT  C OP2   1 
ATOM   429  O  "O5'" . DT  C 1 4  ? 0.145   -9.301  5.120   1.00 29.33 ? 24   DT  C "O5'" 1 
ATOM   430  C  "C5'" . DT  C 1 4  ? -0.882  -9.838  4.274   1.00 26.30 ? 24   DT  C "C5'" 1 
ATOM   431  C  "C4'" . DT  C 1 4  ? -0.970  -9.064  2.969   1.00 25.54 ? 24   DT  C "C4'" 1 
ATOM   432  O  "O4'" . DT  C 1 4  ? -2.076  -9.613  2.206   1.00 22.00 ? 24   DT  C "O4'" 1 
ATOM   433  C  "C3'" . DT  C 1 4  ? -1.269  -7.577  3.147   1.00 23.56 ? 24   DT  C "C3'" 1 
ATOM   434  O  "O3'" . DT  C 1 4  ? -0.550  -6.754  2.216   1.00 33.75 ? 24   DT  C "O3'" 1 
ATOM   435  C  "C2'" . DT  C 1 4  ? -2.739  -7.438  2.820   1.00 20.95 ? 24   DT  C "C2'" 1 
ATOM   436  C  "C1'" . DT  C 1 4  ? -2.893  -8.545  1.769   1.00 22.53 ? 24   DT  C "C1'" 1 
ATOM   437  N  N1    . DT  C 1 4  ? -4.258  -9.061  1.593   1.00 29.46 ? 24   DT  C N1    1 
ATOM   438  C  C2    . DT  C 1 4  ? -4.947  -8.558  0.524   1.00 31.75 ? 24   DT  C C2    1 
ATOM   439  O  O2    . DT  C 1 4  ? -4.404  -7.844  -0.309  1.00 32.66 ? 24   DT  C O2    1 
ATOM   440  N  N3    . DT  C 1 4  ? -6.276  -8.886  0.490   1.00 22.47 ? 24   DT  C N3    1 
ATOM   441  C  C4    . DT  C 1 4  ? -6.923  -9.786  1.324   1.00 24.85 ? 24   DT  C C4    1 
ATOM   442  O  O4    . DT  C 1 4  ? -8.149  -9.883  1.212   1.00 24.48 ? 24   DT  C O4    1 
ATOM   443  C  C5    . DT  C 1 4  ? -6.165  -10.185 2.484   1.00 29.50 ? 24   DT  C C5    1 
ATOM   444  C  C7    . DT  C 1 4  ? -6.812  -11.137 3.451   1.00 39.49 ? 24   DT  C C7    1 
ATOM   445  C  C6    . DT  C 1 4  ? -4.874  -9.844  2.554   1.00 26.86 ? 24   DT  C C6    1 
ATOM   446  P  P     . DC  C 1 5  ? 0.565   -5.770  2.815   1.00 31.21 ? 25   DC  C P     1 
ATOM   447  O  OP1   . DC  C 1 5  ? -0.070  -4.983  3.910   1.00 32.15 ? 25   DC  C OP1   1 
ATOM   448  O  OP2   . DC  C 1 5  ? 1.223   -5.053  1.696   1.00 36.71 ? 25   DC  C OP2   1 
ATOM   449  O  "O5'" . DC  C 1 5  ? 1.618   -6.746  3.476   1.00 31.50 ? 25   DC  C "O5'" 1 
ATOM   450  C  "C5'" . DC  C 1 5  ? 2.515   -7.547  2.689   1.00 28.53 ? 25   DC  C "C5'" 1 
ATOM   451  C  "C4'" . DC  C 1 5  ? 3.862   -7.611  3.386   1.00 31.68 ? 25   DC  C "C4'" 1 
ATOM   452  O  "O4'" . DC  C 1 5  ? 4.643   -8.606  2.660   1.00 31.31 ? 25   DC  C "O4'" 1 
ATOM   453  C  "C3'" . DC  C 1 5  ? 4.668   -6.301  3.277   1.00 35.48 ? 25   DC  C "C3'" 1 
ATOM   454  O  "O3'" . DC  C 1 5  ? 5.701   -6.299  4.266   1.00 50.14 ? 25   DC  C "O3'" 1 
ATOM   455  C  "C2'" . DC  C 1 5  ? 5.297   -6.492  1.899   1.00 32.96 ? 25   DC  C "C2'" 1 
ATOM   456  C  "C1'" . DC  C 1 5  ? 5.722   -7.949  1.996   1.00 31.55 ? 25   DC  C "C1'" 1 
ATOM   457  N  N1    . DC  C 1 5  ? 5.884   -8.648  0.704   1.00 26.82 ? 25   DC  C N1    1 
ATOM   458  C  C2    . DC  C 1 5  ? 7.161   -8.757  0.172   1.00 25.09 ? 25   DC  C C2    1 
ATOM   459  O  O2    . DC  C 1 5  ? 8.151   -8.399  0.835   1.00 24.53 ? 25   DC  C O2    1 
ATOM   460  N  N3    . DC  C 1 5  ? 7.272   -9.226  -1.097  1.00 28.69 ? 25   DC  C N3    1 
ATOM   461  C  C4    . DC  C 1 5  ? 6.185   -9.599  -1.773  1.00 26.44 ? 25   DC  C C4    1 
ATOM   462  N  N4    . DC  C 1 5  ? 6.372   -10.149 -2.973  1.00 33.51 ? 25   DC  C N4    1 
ATOM   463  C  C5    . DC  C 1 5  ? 4.869   -9.538  -1.228  1.00 27.17 ? 25   DC  C C5    1 
ATOM   464  C  C6    . DC  C 1 5  ? 4.767   -9.017  0.009   1.00 20.35 ? 25   DC  C C6    1 
ATOM   465  P  P     . DG  C 1 6  ? 5.579   -5.557  5.690   1.00 47.91 ? 26   DG  C P     1 
ATOM   466  O  OP1   . DG  C 1 6  ? 6.150   -6.465  6.715   1.00 35.37 ? 26   DG  C OP1   1 
ATOM   467  O  OP2   . DG  C 1 6  ? 4.228   -5.005  5.839   1.00 35.65 ? 26   DG  C OP2   1 
ATOM   468  O  "O5'" . DG  C 1 6  ? 6.560   -4.308  5.511   1.00 46.53 ? 26   DG  C "O5'" 1 
ATOM   469  C  "C5'" . DG  C 1 6  ? 7.880   -4.434  6.087   1.00 49.24 ? 26   DG  C "C5'" 1 
ATOM   470  C  "C4'" . DG  C 1 6  ? 8.850   -3.655  5.232   1.00 46.41 ? 26   DG  C "C4'" 1 
ATOM   471  O  "O4'" . DG  C 1 6  ? 8.481   -3.798  3.841   1.00 42.57 ? 26   DG  C "O4'" 1 
ATOM   472  C  "C3'" . DG  C 1 6  ? 8.882   -2.159  5.505   1.00 46.44 ? 26   DG  C "C3'" 1 
ATOM   473  O  "O3'" . DG  C 1 6  ? 10.186  -1.820  6.004   1.00 41.59 ? 26   DG  C "O3'" 1 
ATOM   474  C  "C2'" . DG  C 1 6  ? 8.678   -1.507  4.152   1.00 49.81 ? 26   DG  C "C2'" 1 
ATOM   475  C  "C1'" . DG  C 1 6  ? 8.955   -2.629  3.167   1.00 39.66 ? 26   DG  C "C1'" 1 
ATOM   476  N  N9    . DG  C 1 6  ? 8.177   -2.527  1.926   1.00 28.90 ? 26   DG  C N9    1 
ATOM   477  C  C8    . DG  C 1 6  ? 6.852   -2.873  1.753   1.00 25.30 ? 26   DG  C C8    1 
ATOM   478  N  N7    . DG  C 1 6  ? 6.518   -3.039  0.506   1.00 30.30 ? 26   DG  C N7    1 
ATOM   479  C  C5    . DG  C 1 6  ? 7.718   -2.858  -0.176  1.00 28.07 ? 26   DG  C C5    1 
ATOM   480  C  C6    . DG  C 1 6  ? 8.030   -3.020  -1.554  1.00 24.22 ? 26   DG  C C6    1 
ATOM   481  O  O6    . DG  C 1 6  ? 7.224   -3.116  -2.485  1.00 24.00 ? 26   DG  C O6    1 
ATOM   482  N  N1    . DG  C 1 6  ? 9.372   -2.730  -1.767  1.00 27.30 ? 26   DG  C N1    1 
ATOM   483  C  C2    . DG  C 1 6  ? 10.332  -2.471  -0.838  1.00 24.80 ? 26   DG  C C2    1 
ATOM   484  N  N2    . DG  C 1 6  ? 11.589  -2.288  -1.240  1.00 36.33 ? 26   DG  C N2    1 
ATOM   485  N  N3    . DG  C 1 6  ? 10.072  -2.366  0.461   1.00 29.62 ? 26   DG  C N3    1 
ATOM   486  C  C4    . DG  C 1 6  ? 8.755   -2.597  0.683   1.00 20.88 ? 26   DG  C C4    1 
ATOM   487  P  P     . DA  C 1 7  ? 10.461  -0.304  6.445   1.00 48.47 ? 27   DA  C P     1 
ATOM   488  O  OP1   . DA  C 1 7  ? 11.588  -0.262  7.409   1.00 61.77 ? 27   DA  C OP1   1 
ATOM   489  O  OP2   . DA  C 1 7  ? 9.160   0.311   6.791   1.00 39.50 ? 27   DA  C OP2   1 
ATOM   490  O  "O5'" . DA  C 1 7  ? 10.961  0.363   5.078   1.00 45.26 ? 27   DA  C "O5'" 1 
ATOM   491  C  "C5'" . DA  C 1 7  ? 12.139  -0.188  4.454   1.00 38.51 ? 27   DA  C "C5'" 1 
ATOM   492  C  "C4'" . DA  C 1 7  ? 12.735  0.808   3.491   1.00 36.47 ? 27   DA  C "C4'" 1 
ATOM   493  O  "O4'" . DA  C 1 7  ? 12.069  0.598   2.227   1.00 39.70 ? 27   DA  C "O4'" 1 
ATOM   494  C  "C3'" . DA  C 1 7  ? 12.537  2.283   3.857   1.00 40.14 ? 27   DA  C "C3'" 1 
ATOM   495  O  "O3'" . DA  C 1 7  ? 13.642  3.038   3.361   1.00 39.50 ? 27   DA  C "O3'" 1 
ATOM   496  C  "C2'" . DA  C 1 7  ? 11.266  2.641   3.111   1.00 39.39 ? 27   DA  C "C2'" 1 
ATOM   497  C  "C1'" . DA  C 1 7  ? 11.325  1.752   1.895   1.00 41.08 ? 27   DA  C "C1'" 1 
ATOM   498  N  N9    . DA  C 1 7  ? 10.076  1.313   1.300   1.00 28.99 ? 27   DA  C N9    1 
ATOM   499  C  C8    . DA  C 1 7  ? 8.817   1.197   1.830   1.00 29.79 ? 27   DA  C C8    1 
ATOM   500  N  N7    . DA  C 1 7  ? 7.924   0.763   0.974   1.00 34.16 ? 27   DA  C N7    1 
ATOM   501  C  C5    . DA  C 1 7  ? 8.594   0.754   -0.235  1.00 32.18 ? 27   DA  C C5    1 
ATOM   502  C  C6    . DA  C 1 7  ? 8.200   0.448   -1.547  1.00 27.04 ? 27   DA  C C6    1 
ATOM   503  N  N6    . DA  C 1 7  ? 6.957   0.160   -1.912  1.00 21.44 ? 27   DA  C N6    1 
ATOM   504  N  N1    . DA  C 1 7  ? 9.145   0.501   -2.508  1.00 28.28 ? 27   DA  C N1    1 
ATOM   505  C  C2    . DA  C 1 7  ? 10.398  0.814   -2.161  1.00 29.67 ? 27   DA  C C2    1 
ATOM   506  N  N3    . DA  C 1 7  ? 10.896  1.108   -0.967  1.00 30.45 ? 27   DA  C N3    1 
ATOM   507  C  C4    . DA  C 1 7  ? 9.939   1.007   -0.038  1.00 32.46 ? 27   DA  C C4    1 
HETATM 508  N  N1    . BRU C 1 8  ? 10.667  4.673   -1.250  1.00 28.46 ? 28   BRU C N1    1 
HETATM 509  C  C2    . BRU C 1 8  ? 10.126  4.252   -2.416  1.00 22.14 ? 28   BRU C C2    1 
HETATM 510  N  N3    . BRU C 1 8  ? 8.777   3.971   -2.405  1.00 27.84 ? 28   BRU C N3    1 
HETATM 511  C  C4    . BRU C 1 8  ? 7.985   3.935   -1.271  1.00 21.83 ? 28   BRU C C4    1 
HETATM 512  C  C5    . BRU C 1 8  ? 8.609   4.500   -0.110  1.00 24.86 ? 28   BRU C C5    1 
HETATM 513  C  C6    . BRU C 1 8  ? 9.911   4.811   -0.103  1.00 25.37 ? 28   BRU C C6    1 
HETATM 514  O  O2    . BRU C 1 8  ? 10.761  4.172   -3.450  1.00 38.37 ? 28   BRU C O2    1 
HETATM 515  O  O4    . BRU C 1 8  ? 6.821   3.564   -1.392  1.00 24.33 ? 28   BRU C O4    1 
HETATM 516  BR BR    . BRU C 1 8  ? 7.693   4.533   1.515   1.00 45.82 ? 28   BRU C BR    1 
HETATM 517  C  "C1'" . BRU C 1 8  ? 12.035  5.217   -1.265  1.00 38.05 ? 28   BRU C "C1'" 1 
HETATM 518  C  "C2'" . BRU C 1 8  ? 12.161  6.579   -0.597  1.00 31.03 ? 28   BRU C "C2'" 1 
HETATM 519  C  "C3'" . BRU C 1 8  ? 13.550  6.548   0.005   1.00 35.82 ? 28   BRU C "C3'" 1 
HETATM 520  C  "C4'" . BRU C 1 8  ? 14.009  5.103   -0.076  1.00 31.95 ? 28   BRU C "C4'" 1 
HETATM 521  O  "O3'" . BRU C 1 8  ? 14.402  7.343   -0.854  1.00 31.48 ? 28   BRU C "O3'" 1 
HETATM 522  O  "O4'" . BRU C 1 8  ? 12.837  4.338   -0.479  1.00 35.60 ? 28   BRU C "O4'" 1 
HETATM 523  C  "C5'" . BRU C 1 8  ? 14.577  4.515   1.188   1.00 38.40 ? 28   BRU C "C5'" 1 
HETATM 524  O  "O5'" . BRU C 1 8  ? 14.238  5.270   2.357   1.00 49.68 ? 28   BRU C "O5'" 1 
HETATM 525  P  P     . BRU C 1 8  ? 14.009  4.528   3.763   1.00 50.95 ? 28   BRU C P     1 
HETATM 526  O  OP1   . BRU C 1 8  ? 15.314  4.518   4.470   1.00 65.16 ? 28   BRU C OP1   1 
HETATM 527  O  OP2   . BRU C 1 8  ? 12.843  5.219   4.356   1.00 37.43 ? 28   BRU C OP2   1 
ATOM   528  P  P     . DC  C 1 9  ? 14.133  8.895   -0.891  1.00 34.73 ? 29   DC  C P     1 
ATOM   529  O  OP1   . DC  C 1 9  ? 15.422  9.595   -0.630  1.00 47.14 ? 29   DC  C OP1   1 
ATOM   530  O  OP2   . DC  C 1 9  ? 12.946  9.225   -0.056  1.00 46.61 ? 29   DC  C OP2   1 
ATOM   531  O  "O5'" . DC  C 1 9  ? 13.672  9.277   -2.373  1.00 33.86 ? 29   DC  C "O5'" 1 
ATOM   532  C  "C5'" . DC  C 1 9  ? 14.358  8.681   -3.485  1.00 35.14 ? 29   DC  C "C5'" 1 
ATOM   533  C  "C4'" . DC  C 1 9  ? 13.495  8.751   -4.704  1.00 27.92 ? 29   DC  C "C4'" 1 
ATOM   534  O  "O4'" . DC  C 1 9  ? 12.562  7.658   -4.714  1.00 27.89 ? 29   DC  C "O4'" 1 
ATOM   535  C  "C3'" . DC  C 1 9  ? 12.641  9.997   -4.888  1.00 29.00 ? 29   DC  C "C3'" 1 
ATOM   536  O  "O3'" . DC  C 1 9  ? 13.399  10.971  -5.621  1.00 35.09 ? 29   DC  C "O3'" 1 
ATOM   537  C  "C2'" . DC  C 1 9  ? 11.511  9.480   -5.771  1.00 25.07 ? 29   DC  C "C2'" 1 
ATOM   538  C  "C1'" . DC  C 1 9  ? 11.377  8.011   -5.411  1.00 29.09 ? 29   DC  C "C1'" 1 
ATOM   539  N  N1    . DC  C 1 9  ? 10.293  7.730   -4.433  1.00 30.53 ? 29   DC  C N1    1 
ATOM   540  C  C2    . DC  C 1 9  ? 9.139   7.076   -4.858  1.00 31.13 ? 29   DC  C C2    1 
ATOM   541  O  O2    . DC  C 1 9  ? 9.083   6.708   -6.038  1.00 23.49 ? 29   DC  C O2    1 
ATOM   542  N  N3    . DC  C 1 9  ? 8.103   6.893   -3.988  1.00 24.83 ? 29   DC  C N3    1 
ATOM   543  C  C4    . DC  C 1 9  ? 8.288   7.241   -2.706  1.00 26.76 ? 29   DC  C C4    1 
ATOM   544  N  N4    . DC  C 1 9  ? 7.252   7.077   -1.864  1.00 25.43 ? 29   DC  C N4    1 
ATOM   545  C  C5    . DC  C 1 9  ? 9.406   8.015   -2.281  1.00 24.04 ? 29   DC  C C5    1 
ATOM   546  C  C6    . DC  C 1 9  ? 10.450  8.119   -3.130  1.00 24.59 ? 29   DC  C C6    1 
ATOM   547  P  P     . DG  C 1 10 ? 13.114  12.540  -5.439  1.00 31.06 ? 30   DG  C P     1 
ATOM   548  O  OP1   . DG  C 1 10 ? 14.140  13.260  -6.248  1.00 36.61 ? 30   DG  C OP1   1 
ATOM   549  O  OP2   . DG  C 1 10 ? 13.027  12.780  -3.981  1.00 28.17 ? 30   DG  C OP2   1 
ATOM   550  O  "O5'" . DG  C 1 10 ? 11.688  12.827  -6.048  1.00 29.89 ? 30   DG  C "O5'" 1 
ATOM   551  C  "C5'" . DG  C 1 10 ? 11.356  12.812  -7.442  1.00 31.17 ? 30   DG  C "C5'" 1 
ATOM   552  C  "C4'" . DG  C 1 10 ? 10.256  13.787  -7.796  1.00 30.04 ? 30   DG  C "C4'" 1 
ATOM   553  O  "O4'" . DG  C 1 10 ? 9.009   13.389  -7.146  1.00 27.02 ? 30   DG  C "O4'" 1 
ATOM   554  C  "C3'" . DG  C 1 10 ? 10.459  15.213  -7.271  1.00 39.75 ? 30   DG  C "C3'" 1 
ATOM   555  O  "O3'" . DG  C 1 10 ? 11.211  15.988  -8.223  1.00 50.68 ? 30   DG  C "O3'" 1 
ATOM   556  C  "C2'" . DG  C 1 10 ? 9.042   15.750  -7.244  1.00 26.49 ? 30   DG  C "C2'" 1 
ATOM   557  C  "C1'" . DG  C 1 10 ? 8.172   14.523  -7.038  1.00 23.47 ? 30   DG  C "C1'" 1 
ATOM   558  N  N9    . DG  C 1 10 ? 7.520   14.487  -5.727  1.00 25.72 ? 30   DG  C N9    1 
ATOM   559  C  C8    . DG  C 1 10 ? 8.062   14.881  -4.521  1.00 26.30 ? 30   DG  C C8    1 
ATOM   560  N  N7    . DG  C 1 10 ? 7.341   14.528  -3.488  1.00 22.22 ? 30   DG  C N7    1 
ATOM   561  C  C5    . DG  C 1 10 ? 6.205   13.966  -4.065  1.00 24.73 ? 30   DG  C C5    1 
ATOM   562  C  C6    . DG  C 1 10 ? 5.032   13.421  -3.476  1.00 20.17 ? 30   DG  C C6    1 
ATOM   563  O  O6    . DG  C 1 10 ? 4.763   13.334  -2.280  1.00 24.42 ? 30   DG  C O6    1 
ATOM   564  N  N1    . DG  C 1 10 ? 4.232   12.787  -4.406  1.00 23.04 ? 30   DG  C N1    1 
ATOM   565  C  C2    . DG  C 1 10 ? 4.439   12.715  -5.758  1.00 23.62 ? 30   DG  C C2    1 
ATOM   566  N  N2    . DG  C 1 10 ? 3.485   12.089  -6.478  1.00 17.65 ? 30   DG  C N2    1 
ATOM   567  N  N3    . DG  C 1 10 ? 5.536   13.205  -6.324  1.00 27.05 ? 30   DG  C N3    1 
ATOM   568  C  C4    . DG  C 1 10 ? 6.342   13.836  -5.434  1.00 22.16 ? 30   DG  C C4    1 
ATOM   569  O  "O5'" . DC  D 1 1  ? -0.425  22.167  0.121   1.00 51.28 ? 31   DC  D "O5'" 1 
ATOM   570  C  "C5'" . DC  D 1 1  ? -0.080  22.861  -1.100  1.00 54.02 ? 31   DC  D "C5'" 1 
ATOM   571  C  "C4'" . DC  D 1 1  ? -1.223  22.696  -2.079  1.00 49.65 ? 31   DC  D "C4'" 1 
ATOM   572  O  "O4'" . DC  D 1 1  ? -0.920  23.340  -3.335  1.00 41.61 ? 31   DC  D "O4'" 1 
ATOM   573  C  "C3'" . DC  D 1 1  ? -1.532  21.227  -2.399  1.00 47.09 ? 31   DC  D "C3'" 1 
ATOM   574  O  "O3'" . DC  D 1 1  ? -2.946  21.031  -2.258  1.00 42.29 ? 31   DC  D "O3'" 1 
ATOM   575  C  "C2'" . DC  D 1 1  ? -1.148  21.084  -3.857  1.00 38.62 ? 31   DC  D "C2'" 1 
ATOM   576  C  "C1'" . DC  D 1 1  ? -1.351  22.492  -4.391  1.00 36.90 ? 31   DC  D "C1'" 1 
ATOM   577  N  N1    . DC  D 1 1  ? -0.558  22.780  -5.588  1.00 34.91 ? 31   DC  D N1    1 
ATOM   578  C  C2    . DC  D 1 1  ? -1.252  23.167  -6.737  1.00 34.59 ? 31   DC  D C2    1 
ATOM   579  O  O2    . DC  D 1 1  ? -2.467  23.393  -6.614  1.00 49.94 ? 31   DC  D O2    1 
ATOM   580  N  N3    . DC  D 1 1  ? -0.615  23.247  -7.920  1.00 28.97 ? 31   DC  D N3    1 
ATOM   581  C  C4    . DC  D 1 1  ? 0.707   23.037  -7.977  1.00 33.83 ? 31   DC  D C4    1 
ATOM   582  N  N4    . DC  D 1 1  ? 1.293   23.193  -9.176  1.00 30.42 ? 31   DC  D N4    1 
ATOM   583  C  C5    . DC  D 1 1  ? 1.425   22.596  -6.837  1.00 36.77 ? 31   DC  D C5    1 
ATOM   584  C  C6    . DC  D 1 1  ? 0.782   22.518  -5.657  1.00 38.95 ? 31   DC  D C6    1 
ATOM   585  P  P     . DG  D 1 2  ? -3.578  19.620  -1.886  1.00 36.74 ? 32   DG  D P     1 
ATOM   586  O  OP1   . DG  D 1 2  ? -5.044  19.818  -1.708  1.00 43.36 ? 32   DG  D OP1   1 
ATOM   587  O  OP2   . DG  D 1 2  ? -2.800  18.930  -0.848  1.00 33.96 ? 32   DG  D OP2   1 
ATOM   588  O  "O5'" . DG  D 1 2  ? -3.365  18.756  -3.224  1.00 29.77 ? 32   DG  D "O5'" 1 
ATOM   589  C  "C5'" . DG  D 1 2  ? -4.231  18.981  -4.343  1.00 22.66 ? 32   DG  D "C5'" 1 
ATOM   590  C  "C4'" . DG  D 1 2  ? -3.872  17.993  -5.436  1.00 24.11 ? 32   DG  D "C4'" 1 
ATOM   591  O  "O4'" . DG  D 1 2  ? -2.470  18.131  -5.749  1.00 24.08 ? 32   DG  D "O4'" 1 
ATOM   592  C  "C3'" . DG  D 1 2  ? -4.032  16.530  -5.015  1.00 22.45 ? 32   DG  D "C3'" 1 
ATOM   593  O  "O3'" . DG  D 1 2  ? -4.308  15.797  -6.214  1.00 26.47 ? 32   DG  D "O3'" 1 
ATOM   594  C  "C2'" . DG  D 1 2  ? -2.661  16.168  -4.485  1.00 21.92 ? 32   DG  D "C2'" 1 
ATOM   595  C  "C1'" . DG  D 1 2  ? -1.717  17.009  -5.318  1.00 21.62 ? 32   DG  D "C1'" 1 
ATOM   596  N  N9    . DG  D 1 2  ? -0.562  17.546  -4.585  1.00 22.27 ? 32   DG  D N9    1 
ATOM   597  C  C8    . DG  D 1 2  ? -0.432  17.768  -3.245  1.00 24.53 ? 32   DG  D C8    1 
ATOM   598  N  N7    . DG  D 1 2  ? 0.636   18.462  -2.929  1.00 23.97 ? 32   DG  D N7    1 
ATOM   599  C  C5    . DG  D 1 2  ? 1.295   18.625  -4.129  1.00 26.56 ? 32   DG  D C5    1 
ATOM   600  C  C6    . DG  D 1 2  ? 2.448   19.409  -4.434  1.00 32.77 ? 32   DG  D C6    1 
ATOM   601  O  O6    . DG  D 1 2  ? 3.200   19.974  -3.627  1.00 28.09 ? 32   DG  D O6    1 
ATOM   602  N  N1    . DG  D 1 2  ? 2.759   19.333  -5.784  1.00 24.62 ? 32   DG  D N1    1 
ATOM   603  C  C2    . DG  D 1 2  ? 2.007   18.699  -6.732  1.00 27.89 ? 32   DG  D C2    1 
ATOM   604  N  N2    . DG  D 1 2  ? 2.443   18.754  -7.990  1.00 24.87 ? 32   DG  D N2    1 
ATOM   605  N  N3    . DG  D 1 2  ? 0.897   18.018  -6.471  1.00 23.41 ? 32   DG  D N3    1 
ATOM   606  C  C4    . DG  D 1 2  ? 0.561   18.095  -5.166  1.00 24.57 ? 32   DG  D C4    1 
ATOM   607  P  P     . DA  D 1 3  ? -5.728  15.048  -6.356  1.00 23.84 ? 33   DA  D P     1 
ATOM   608  O  OP1   . DA  D 1 3  ? -5.891  14.630  -7.762  1.00 22.08 ? 33   DA  D OP1   1 
ATOM   609  O  OP2   . DA  D 1 3  ? -6.789  15.846  -5.698  1.00 30.81 ? 33   DA  D OP2   1 
ATOM   610  O  "O5'" . DA  D 1 3  ? -5.500  13.811  -5.390  1.00 23.97 ? 33   DA  D "O5'" 1 
ATOM   611  C  "C5'" . DA  D 1 3  ? -4.481  12.836  -5.596  1.00 21.84 ? 33   DA  D "C5'" 1 
ATOM   612  C  "C4'" . DA  D 1 3  ? -4.443  11.830  -4.481  1.00 23.82 ? 33   DA  D "C4'" 1 
ATOM   613  O  "O4'" . DA  D 1 3  ? -3.641  12.387  -3.425  1.00 28.38 ? 33   DA  D "O4'" 1 
ATOM   614  C  "C3'" . DA  D 1 3  ? -5.782  11.453  -3.835  1.00 33.52 ? 33   DA  D "C3'" 1 
ATOM   615  O  "O3'" . DA  D 1 3  ? -5.657  10.121  -3.269  1.00 29.24 ? 33   DA  D "O3'" 1 
ATOM   616  C  "C2'" . DA  D 1 3  ? -5.846  12.411  -2.647  1.00 29.78 ? 33   DA  D "C2'" 1 
ATOM   617  C  "C1'" . DA  D 1 3  ? -4.390  12.421  -2.204  1.00 24.69 ? 33   DA  D "C1'" 1 
ATOM   618  N  N9    . DA  D 1 3  ? -3.978  13.659  -1.539  1.00 18.78 ? 33   DA  D N9    1 
ATOM   619  C  C8    . DA  D 1 3  ? -4.454  14.937  -1.678  1.00 21.78 ? 33   DA  D C8    1 
ATOM   620  N  N7    . DA  D 1 3  ? -3.743  15.854  -1.060  1.00 22.39 ? 33   DA  D N7    1 
ATOM   621  C  C5    . DA  D 1 3  ? -2.726  15.124  -0.456  1.00 22.78 ? 33   DA  D C5    1 
ATOM   622  C  C6    . DA  D 1 3  ? -1.637  15.489  0.357   1.00 35.18 ? 33   DA  D C6    1 
ATOM   623  N  N6    . DA  D 1 3  ? -1.354  16.754  0.688   1.00 32.24 ? 33   DA  D N6    1 
ATOM   624  N  N1    . DA  D 1 3  ? -0.729  14.539  0.686   1.00 31.51 ? 33   DA  D N1    1 
ATOM   625  C  C2    . DA  D 1 3  ? -0.971  13.273  0.289   1.00 23.73 ? 33   DA  D C2    1 
ATOM   626  N  N3    . DA  D 1 3  ? -1.980  12.815  -0.444  1.00 17.73 ? 33   DA  D N3    1 
ATOM   627  C  C4    . DA  D 1 3  ? -2.866  13.774  -0.725  1.00 21.18 ? 33   DA  D C4    1 
ATOM   628  P  P     . DT  D 1 4  ? -6.755  9.027   -3.610  1.00 26.00 ? 34   DT  D P     1 
ATOM   629  O  OP1   . DT  D 1 4  ? -6.467  8.301   -4.885  1.00 30.81 ? 34   DT  D OP1   1 
ATOM   630  O  OP2   . DT  D 1 4  ? -8.098  9.616   -3.460  1.00 27.11 ? 34   DT  D OP2   1 
ATOM   631  O  "O5'" . DT  D 1 4  ? -6.546  7.942   -2.468  1.00 22.17 ? 34   DT  D "O5'" 1 
ATOM   632  C  "C5'" . DT  D 1 4  ? -6.821  8.268   -1.085  1.00 25.37 ? 34   DT  D "C5'" 1 
ATOM   633  C  "C4'" . DT  D 1 4  ? -5.602  7.742   -0.335  1.00 19.58 ? 34   DT  D "C4'" 1 
ATOM   634  O  "O4'" . DT  D 1 4  ? -5.738  8.038   1.074   1.00 18.57 ? 34   DT  D "O4'" 1 
ATOM   635  C  "C3'" . DT  D 1 4  ? -5.469  6.214   -0.449  1.00 25.45 ? 34   DT  D "C3'" 1 
ATOM   636  O  "O3'" . DT  D 1 4  ? -4.062  5.876   -0.422  1.00 20.59 ? 34   DT  D "O3'" 1 
ATOM   637  C  "C2'" . DT  D 1 4  ? -6.121  5.769   0.860   1.00 26.04 ? 34   DT  D "C2'" 1 
ATOM   638  C  "C1'" . DT  D 1 4  ? -5.592  6.835   1.820   1.00 24.37 ? 34   DT  D "C1'" 1 
ATOM   639  N  N1    . DT  D 1 4  ? -6.446  7.043   3.014   1.00 15.47 ? 34   DT  D N1    1 
ATOM   640  C  C2    . DT  D 1 4  ? -5.984  6.538   4.187   1.00 26.13 ? 34   DT  D C2    1 
ATOM   641  O  O2    . DT  D 1 4  ? -4.855  6.118   4.320   1.00 24.89 ? 34   DT  D O2    1 
ATOM   642  N  N3    . DT  D 1 4  ? -6.882  6.574   5.226   1.00 26.16 ? 34   DT  D N3    1 
ATOM   643  C  C4    . DT  D 1 4  ? -8.203  6.990   5.144   1.00 28.97 ? 34   DT  D C4    1 
ATOM   644  O  O4    . DT  D 1 4  ? -8.890  6.915   6.161   1.00 24.04 ? 34   DT  D O4    1 
ATOM   645  C  C5    . DT  D 1 4  ? -8.636  7.496   3.871   1.00 26.30 ? 34   DT  D C5    1 
ATOM   646  C  C7    . DT  D 1 4  ? -10.025 8.060   3.746   1.00 24.11 ? 34   DT  D C7    1 
ATOM   647  C  C6    . DT  D 1 4  ? -7.746  7.506   2.862   1.00 22.69 ? 34   DT  D C6    1 
ATOM   648  P  P     . DC  D 1 5  ? -3.448  5.125   -1.734  1.00 28.68 ? 35   DC  D P     1 
ATOM   649  O  OP1   . DC  D 1 5  ? -4.344  4.028   -2.181  1.00 35.71 ? 35   DC  D OP1   1 
ATOM   650  O  OP2   . DC  D 1 5  ? -2.040  4.850   -1.397  1.00 30.94 ? 35   DC  D OP2   1 
ATOM   651  O  "O5'" . DC  D 1 5  ? -3.536  6.273   -2.804  1.00 31.04 ? 35   DC  D "O5'" 1 
ATOM   652  C  "C5'" . DC  D 1 5  ? -2.691  7.434   -2.721  1.00 27.56 ? 35   DC  D "C5'" 1 
ATOM   653  C  "C4'" . DC  D 1 5  ? -2.593  7.947   -4.146  1.00 26.18 ? 35   DC  D "C4'" 1 
ATOM   654  O  "O4'" . DC  D 1 5  ? -2.040  9.265   -4.057  1.00 27.20 ? 35   DC  D "O4'" 1 
ATOM   655  C  "C3'" . DC  D 1 5  ? -1.655  7.115   -5.032  1.00 21.27 ? 35   DC  D "C3'" 1 
ATOM   656  O  "O3'" . DC  D 1 5  ? -2.019  7.381   -6.397  1.00 27.71 ? 35   DC  D "O3'" 1 
ATOM   657  C  "C2'" . DC  D 1 5  ? -0.324  7.838   -4.834  1.00 22.69 ? 35   DC  D "C2'" 1 
ATOM   658  C  "C1'" . DC  D 1 5  ? -0.726  9.272   -4.621  1.00 24.65 ? 35   DC  D "C1'" 1 
ATOM   659  N  N1    . DC  D 1 5  ? 0.118   9.958   -3.632  1.00 20.31 ? 35   DC  D N1    1 
ATOM   660  C  C2    . DC  D 1 5  ? 1.247   10.641  -4.097  1.00 23.74 ? 35   DC  D C2    1 
ATOM   661  O  O2    . DC  D 1 5  ? 1.436   10.575  -5.321  1.00 21.10 ? 35   DC  D O2    1 
ATOM   662  N  N3    . DC  D 1 5  ? 2.040   11.294  -3.210  1.00 20.22 ? 35   DC  D N3    1 
ATOM   663  C  C4    . DC  D 1 5  ? 1.677   11.324  -1.919  1.00 18.26 ? 35   DC  D C4    1 
ATOM   664  N  N4    . DC  D 1 5  ? 2.497   11.932  -1.042  1.00 23.31 ? 35   DC  D N4    1 
ATOM   665  C  C5    . DC  D 1 5  ? 0.564   10.571  -1.417  1.00 18.34 ? 35   DC  D C5    1 
ATOM   666  C  C6    . DC  D 1 5  ? -0.207  9.937   -2.300  1.00 23.52 ? 35   DC  D C6    1 
ATOM   667  P  P     . DG  D 1 6  ? -2.732  6.278   -7.312  1.00 36.62 ? 36   DG  D P     1 
ATOM   668  O  OP1   . DG  D 1 6  ? -3.637  7.064   -8.188  1.00 32.99 ? 36   DG  D OP1   1 
ATOM   669  O  OP2   . DG  D 1 6  ? -3.188  5.170   -6.451  1.00 37.37 ? 36   DG  D OP2   1 
ATOM   670  O  "O5'" . DG  D 1 6  ? -1.561  5.604   -8.158  1.00 34.79 ? 36   DG  D "O5'" 1 
ATOM   671  C  "C5'" . DG  D 1 6  ? -0.886  6.295   -9.206  1.00 31.42 ? 36   DG  D "C5'" 1 
ATOM   672  C  "C4'" . DG  D 1 6  ? 0.429   5.618   -9.500  1.00 22.38 ? 36   DG  D "C4'" 1 
ATOM   673  O  "O4'" . DG  D 1 6  ? 1.313   5.808   -8.390  1.00 31.06 ? 36   DG  D "O4'" 1 
ATOM   674  C  "C3'" . DG  D 1 6  ? 0.385   4.099   -9.741  1.00 30.86 ? 36   DG  D "C3'" 1 
ATOM   675  O  "O3'" . DG  D 1 6  ? 1.342   3.912   -10.808 1.00 44.99 ? 36   DG  D "O3'" 1 
ATOM   676  C  "C2'" . DG  D 1 6  ? 1.006   3.508   -8.479  1.00 32.49 ? 36   DG  D "C2'" 1 
ATOM   677  C  "C1'" . DG  D 1 6  ? 1.995   4.585   -8.103  1.00 36.24 ? 36   DG  D "C1'" 1 
ATOM   678  N  N9    . DG  D 1 6  ? 2.373   4.734   -6.702  1.00 33.49 ? 36   DG  D N9    1 
ATOM   679  C  C8    . DG  D 1 6  ? 1.658   4.596   -5.543  1.00 29.28 ? 36   DG  D C8    1 
ATOM   680  N  N7    . DG  D 1 6  ? 2.364   4.850   -4.470  1.00 28.68 ? 36   DG  D N7    1 
ATOM   681  C  C5    . DG  D 1 6  ? 3.604   5.205   -4.971  1.00 21.67 ? 36   DG  D C5    1 
ATOM   682  C  C6    . DG  D 1 6  ? 4.791   5.600   -4.299  1.00 24.71 ? 36   DG  D C6    1 
ATOM   683  O  O6    . DG  D 1 6  ? 4.955   5.771   -3.090  1.00 23.86 ? 36   DG  D O6    1 
ATOM   684  N  N1    . DG  D 1 6  ? 5.755   6.021   -5.205  1.00 25.51 ? 36   DG  D N1    1 
ATOM   685  C  C2    . DG  D 1 6  ? 5.641   5.991   -6.572  1.00 27.91 ? 36   DG  D C2    1 
ATOM   686  N  N2    . DG  D 1 6  ? 6.720   6.386   -7.268  1.00 30.23 ? 36   DG  D N2    1 
ATOM   687  N  N3    . DG  D 1 6  ? 4.567   5.558   -7.222  1.00 27.26 ? 36   DG  D N3    1 
ATOM   688  C  C4    . DG  D 1 6  ? 3.566   5.323   -6.340  1.00 24.43 ? 36   DG  D C4    1 
ATOM   689  P  P     . DA  D 1 7  ? 1.399   2.551   -11.647 1.00 43.49 ? 37   DA  D P     1 
ATOM   690  O  OP1   . DA  D 1 7  ? 1.088   2.894   -13.060 1.00 62.92 ? 37   DA  D OP1   1 
ATOM   691  O  OP2   . DA  D 1 7  ? 0.650   1.502   -10.935 1.00 34.78 ? 37   DA  D OP2   1 
ATOM   692  O  "O5'" . DA  D 1 7  ? 2.956   2.185   -11.568 1.00 50.78 ? 37   DA  D "O5'" 1 
ATOM   693  C  "C5'" . DA  D 1 7  ? 3.866   3.026   -12.316 1.00 43.15 ? 37   DA  D "C5'" 1 
ATOM   694  C  "C4'" . DA  D 1 7  ? 5.248   2.828   -11.727 1.00 44.38 ? 37   DA  D "C4'" 1 
ATOM   695  O  "O4'" . DA  D 1 7  ? 5.132   3.111   -10.306 1.00 39.57 ? 37   DA  D "O4'" 1 
ATOM   696  C  "C3'" . DA  D 1 7  ? 5.742   1.372   -11.807 1.00 39.11 ? 37   DA  D "C3'" 1 
ATOM   697  O  "O3'" . DA  D 1 7  ? 6.935   1.349   -12.614 1.00 43.00 ? 37   DA  D "O3'" 1 
ATOM   698  C  "C2'" . DA  D 1 7  ? 6.109   1.024   -10.383 1.00 35.45 ? 37   DA  D "C2'" 1 
ATOM   699  C  "C1'" . DA  D 1 7  ? 6.162   2.365   -9.654  1.00 32.16 ? 37   DA  D "C1'" 1 
ATOM   700  N  N9    . DA  D 1 7  ? 5.755   2.248   -8.241  1.00 31.41 ? 37   DA  D N9    1 
ATOM   701  C  C8    . DA  D 1 7  ? 4.538   1.825   -7.769  1.00 29.86 ? 37   DA  D C8    1 
ATOM   702  N  N7    . DA  D 1 7  ? 4.378   2.038   -6.481  1.00 21.68 ? 37   DA  D N7    1 
ATOM   703  C  C5    . DA  D 1 7  ? 5.672   2.329   -6.047  1.00 22.16 ? 37   DA  D C5    1 
ATOM   704  C  C6    . DA  D 1 7  ? 6.169   2.640   -4.768  1.00 25.51 ? 37   DA  D C6    1 
ATOM   705  N  N6    . DA  D 1 7  ? 5.457   2.538   -3.621  1.00 23.08 ? 37   DA  D N6    1 
ATOM   706  N  N1    . DA  D 1 7  ? 7.428   3.112   -4.705  1.00 27.73 ? 37   DA  D N1    1 
ATOM   707  C  C2    . DA  D 1 7  ? 8.138   3.248   -5.834  1.00 26.47 ? 37   DA  D C2    1 
ATOM   708  N  N3    . DA  D 1 7  ? 7.763   3.009   -7.088  1.00 35.02 ? 37   DA  D N3    1 
ATOM   709  C  C4    . DA  D 1 7  ? 6.485   2.593   -7.136  1.00 20.36 ? 37   DA  D C4    1 
HETATM 710  N  N1    . BRU D 1 8  ? 9.459   0.039   -7.540  1.00 35.04 ? 38   BRU D N1    1 
HETATM 711  C  C2    . BRU D 1 8  ? 9.723   0.272   -6.222  1.00 32.44 ? 38   BRU D C2    1 
HETATM 712  N  N3    . BRU D 1 8  ? 8.717   -0.098  -5.368  1.00 25.64 ? 38   BRU D N3    1 
HETATM 713  C  C4    . BRU D 1 8  ? 7.486   -0.596  -5.687  1.00 26.74 ? 38   BRU D C4    1 
HETATM 714  C  C5    . BRU D 1 8  ? 7.312   -0.923  -7.100  1.00 20.71 ? 38   BRU D C5    1 
HETATM 715  C  C6    . BRU D 1 8  ? 8.234   -0.448  -7.933  1.00 26.84 ? 38   BRU D C6    1 
HETATM 716  O  O2    . BRU D 1 8  ? 10.762  0.733   -5.793  1.00 37.72 ? 38   BRU D O2    1 
HETATM 717  O  O4    . BRU D 1 8  ? 6.611   -0.780  -4.861  1.00 27.16 ? 38   BRU D O4    1 
HETATM 718  BR BR    . BRU D 1 8  ? 5.625   -1.509  -7.603  1.00 42.97 ? 38   BRU D BR    1 
HETATM 719  C  "C1'" . BRU D 1 8  ? 10.539  0.308   -8.507  1.00 48.09 ? 38   BRU D "C1'" 1 
HETATM 720  C  "C2'" . BRU D 1 8  ? 11.314  -0.919  -8.941  1.00 53.37 ? 38   BRU D "C2'" 1 
HETATM 721  C  "C3'" . BRU D 1 8  ? 11.105  -1.016  -10.446 1.00 43.52 ? 38   BRU D "C3'" 1 
HETATM 722  C  "C4'" . BRU D 1 8  ? 10.774  0.433   -10.816 1.00 36.62 ? 38   BRU D "C4'" 1 
HETATM 723  O  "O3'" . BRU D 1 8  ? 12.349  -1.434  -11.038 1.00 41.39 ? 38   BRU D "O3'" 1 
HETATM 724  O  "O4'" . BRU D 1 8  ? 10.002  0.901   -9.678  1.00 44.21 ? 38   BRU D "O4'" 1 
HETATM 725  C  "C5'" . BRU D 1 8  ? 9.967   0.637   -12.073 1.00 36.88 ? 38   BRU D "C5'" 1 
HETATM 726  O  "O5'" . BRU D 1 8  ? 8.842   -0.248  -12.092 1.00 41.74 ? 38   BRU D "O5'" 1 
HETATM 727  P  P     . BRU D 1 8  ? 7.590   -0.050  -13.056 1.00 45.14 ? 38   BRU D P     1 
HETATM 728  O  OP1   . BRU D 1 8  ? 8.051   0.097   -14.456 1.00 60.56 ? 38   BRU D OP1   1 
HETATM 729  O  OP2   . BRU D 1 8  ? 6.652   -1.136  -12.677 1.00 36.98 ? 38   BRU D OP2   1 
ATOM   730  P  P     . DC  D 1 9  ? 12.765  -2.987  -11.084 1.00 41.43 ? 39   DC  D P     1 
ATOM   731  O  OP1   . DC  D 1 9  ? 13.791  -3.179  -12.140 1.00 56.07 ? 39   DC  D OP1   1 
ATOM   732  O  OP2   . DC  D 1 9  ? 11.540  -3.807  -11.105 1.00 36.76 ? 39   DC  D OP2   1 
ATOM   733  O  "O5'" . DC  D 1 9  ? 13.475  -3.241  -9.684  1.00 34.93 ? 39   DC  D "O5'" 1 
ATOM   734  C  "C5'" . DC  D 1 9  ? 14.786  -2.711  -9.429  1.00 37.34 ? 39   DC  D "C5'" 1 
ATOM   735  C  "C4'" . DC  D 1 9  ? 14.958  -2.586  -7.929  1.00 41.38 ? 39   DC  D "C4'" 1 
ATOM   736  O  "O4'" . DC  D 1 9  ? 13.740  -2.000  -7.391  1.00 43.83 ? 39   DC  D "O4'" 1 
ATOM   737  C  "C3'" . DC  D 1 9  ? 14.994  -3.945  -7.224  1.00 43.23 ? 39   DC  D "C3'" 1 
ATOM   738  O  "O3'" . DC  D 1 9  ? 16.308  -4.510  -7.276  1.00 43.78 ? 39   DC  D "O3'" 1 
ATOM   739  C  "C2'" . DC  D 1 9  ? 14.602  -3.563  -5.817  1.00 35.28 ? 39   DC  D "C2'" 1 
ATOM   740  C  "C1'" . DC  D 1 9  ? 13.603  -2.438  -6.052  1.00 33.62 ? 39   DC  D "C1'" 1 
ATOM   741  N  N1    . DC  D 1 9  ? 12.209  -2.848  -5.862  1.00 36.29 ? 39   DC  D N1    1 
ATOM   742  C  C2    . DC  D 1 9  ? 11.685  -2.612  -4.581  1.00 29.25 ? 39   DC  D C2    1 
ATOM   743  O  O2    . DC  D 1 9  ? 12.468  -2.130  -3.754  1.00 27.11 ? 39   DC  D O2    1 
ATOM   744  N  N3    . DC  D 1 9  ? 10.407  -2.955  -4.331  1.00 29.54 ? 39   DC  D N3    1 
ATOM   745  C  C4    . DC  D 1 9  ? 9.616   -3.421  -5.297  1.00 28.75 ? 39   DC  D C4    1 
ATOM   746  N  N4    . DC  D 1 9  ? 8.352   -3.722  -4.989  1.00 23.90 ? 39   DC  D N4    1 
ATOM   747  C  C5    . DC  D 1 9  ? 10.126  -3.606  -6.623  1.00 26.18 ? 39   DC  D C5    1 
ATOM   748  C  C6    . DC  D 1 9  ? 11.448  -3.452  -6.823  1.00 31.26 ? 39   DC  D C6    1 
ATOM   749  P  P     . DG  D 1 10 ? 16.399  -6.101  -7.523  1.00 47.79 ? 40   DG  D P     1 
ATOM   750  O  OP1   . DG  D 1 10 ? 17.815  -6.474  -7.700  1.00 44.86 ? 40   DG  D OP1   1 
ATOM   751  O  OP2   . DG  D 1 10 ? 15.368  -6.455  -8.524  1.00 49.62 ? 40   DG  D OP2   1 
ATOM   752  O  "O5'" . DG  D 1 10 ? 15.855  -6.721  -6.156  1.00 49.91 ? 40   DG  D "O5'" 1 
ATOM   753  C  "C5'" . DG  D 1 10 ? 16.480  -6.475  -4.881  1.00 44.76 ? 40   DG  D "C5'" 1 
ATOM   754  C  "C4'" . DG  D 1 10 ? 16.318  -7.718  -4.024  1.00 39.28 ? 40   DG  D "C4'" 1 
ATOM   755  O  "O4'" . DG  D 1 10 ? 14.900  -7.932  -3.751  1.00 36.96 ? 40   DG  D "O4'" 1 
ATOM   756  C  "C3'" . DG  D 1 10 ? 16.664  -8.988  -4.837  1.00 35.26 ? 40   DG  D "C3'" 1 
ATOM   757  O  "O3'" . DG  D 1 10 ? 18.070  -9.213  -4.795  1.00 44.00 ? 40   DG  D "O3'" 1 
ATOM   758  C  "C2'" . DG  D 1 10 ? 15.892  -10.051 -4.104  1.00 29.01 ? 40   DG  D "C2'" 1 
ATOM   759  C  "C1'" . DG  D 1 10 ? 14.713  -9.318  -3.511  1.00 30.54 ? 40   DG  D "C1'" 1 
ATOM   760  N  N9    . DG  D 1 10 ? 13.400  -9.781  -3.916  1.00 36.65 ? 40   DG  D N9    1 
ATOM   761  C  C8    . DG  D 1 10 ? 12.987  -10.160 -5.168  1.00 29.65 ? 40   DG  D C8    1 
ATOM   762  N  N7    . DG  D 1 10 ? 11.714  -10.420 -5.232  1.00 25.23 ? 40   DG  D N7    1 
ATOM   763  C  C5    . DG  D 1 10 ? 11.234  -10.141 -3.952  1.00 25.14 ? 40   DG  D C5    1 
ATOM   764  C  C6    . DG  D 1 10 ? 9.923   -10.161 -3.423  1.00 28.64 ? 40   DG  D C6    1 
ATOM   765  O  O6    . DG  D 1 10 ? 8.819   -10.400 -3.948  1.00 29.15 ? 40   DG  D O6    1 
ATOM   766  N  N1    . DG  D 1 10 ? 9.927   -9.832  -2.061  1.00 25.77 ? 40   DG  D N1    1 
ATOM   767  C  C2    . DG  D 1 10 ? 11.037  -9.513  -1.328  1.00 30.61 ? 40   DG  D C2    1 
ATOM   768  N  N2    . DG  D 1 10 ? 10.855  -9.221  -0.029  1.00 37.96 ? 40   DG  D N2    1 
ATOM   769  N  N3    . DG  D 1 10 ? 12.271  -9.559  -1.791  1.00 28.91 ? 40   DG  D N3    1 
ATOM   770  C  C4    . DG  D 1 10 ? 12.279  -9.827  -3.117  1.00 33.49 ? 40   DG  D C4    1 
ATOM   771  N  N     . THR E 2 1  ? -7.053  -14.018 -6.085  1.00 43.97 ? 1    THR E N     1 
ATOM   772  C  CA    . THR E 2 1  ? -7.773  -13.689 -7.308  1.00 47.69 ? 1    THR E CA    1 
ATOM   773  C  C     . THR E 2 1  ? -8.989  -14.595 -7.502  1.00 48.37 ? 1    THR E C     1 
ATOM   774  O  O     . THR E 2 1  ? -8.879  -15.814 -7.364  1.00 48.31 ? 1    THR E O     1 
ATOM   775  C  CB    . THR E 2 1  ? -6.890  -13.821 -8.562  1.00 42.57 ? 1    THR E CB    1 
ATOM   776  O  OG1   . THR E 2 1  ? -6.554  -15.209 -8.725  1.00 44.47 ? 1    THR E OG1   1 
ATOM   777  C  CG2   . THR E 2 1  ? -5.565  -13.097 -8.429  1.00 25.54 ? 1    THR E CG2   1 
HETATM 778  N  N     . DVA E 2 2  ? -10.138 -14.010 -7.826  1.00 41.62 ? 2    DVA E N     1 
HETATM 779  C  CA    . DVA E 2 2  ? -11.170 -14.720 -8.565  1.00 36.71 ? 2    DVA E CA    1 
HETATM 780  C  CB    . DVA E 2 2  ? -11.692 -13.930 -9.780  1.00 37.64 ? 2    DVA E CB    1 
HETATM 781  C  CG1   . DVA E 2 2  ? -12.868 -14.662 -10.417 1.00 54.87 ? 2    DVA E CG1   1 
HETATM 782  C  CG2   . DVA E 2 2  ? -10.604 -13.720 -10.814 1.00 33.03 ? 2    DVA E CG2   1 
HETATM 783  C  C     . DVA E 2 2  ? -12.359 -15.040 -7.669  1.00 43.66 ? 2    DVA E C     1 
HETATM 784  O  O     . DVA E 2 2  ? -12.963 -14.125 -7.108  1.00 47.30 ? 2    DVA E O     1 
ATOM   785  N  N     . PRO E 2 3  ? -12.704 -16.323 -7.524  1.00 43.65 ? 3    PRO E N     1 
ATOM   786  C  CA    . PRO E 2 3  ? -11.731 -17.399 -7.747  1.00 49.11 ? 3    PRO E CA    1 
ATOM   787  C  C     . PRO E 2 3  ? -11.840 -17.977 -9.156  1.00 43.57 ? 3    PRO E C     1 
ATOM   788  O  O     . PRO E 2 3  ? -12.919 -17.980 -9.736  1.00 43.36 ? 3    PRO E O     1 
ATOM   789  C  CB    . PRO E 2 3  ? -12.142 -18.487 -6.744  1.00 46.90 ? 3    PRO E CB    1 
ATOM   790  C  CG    . PRO E 2 3  ? -13.619 -18.267 -6.619  1.00 42.48 ? 3    PRO E CG    1 
ATOM   791  C  CD    . PRO E 2 3  ? -13.753 -16.764 -6.577  1.00 46.89 ? 3    PRO E CD    1 
HETATM 792  N  N     . SAR E 2 4  ? -10.701 -18.453 -9.649  1.00 31.27 ? 4    SAR E N     1 
HETATM 793  C  CA    . SAR E 2 4  ? -9.456  -18.266 -8.903  1.00 36.96 ? 4    SAR E CA    1 
HETATM 794  C  C     . SAR E 2 4  ? -8.406  -17.546 -9.753  1.00 41.11 ? 4    SAR E C     1 
HETATM 795  O  O     . SAR E 2 4  ? -8.741  -16.761 -10.634 1.00 40.61 ? 4    SAR E O     1 
HETATM 796  C  CN    . SAR E 2 4  ? -10.743 -19.492 -10.714 1.00 62.27 ? 4    SAR E CN    1 
HETATM 797  N  N     . MVA E 2 5  ? -7.142  -17.845 -9.452  1.00 32.83 ? 5    MVA E N     1 
HETATM 798  C  CN    . MVA E 2 5  ? -6.884  -18.745 -8.302  1.00 37.66 ? 5    MVA E CN    1 
HETATM 799  C  CA    . MVA E 2 5  ? -6.032  -17.139 -10.098 1.00 48.72 ? 5    MVA E CA    1 
HETATM 800  C  CB    . MVA E 2 5  ? -5.852  -17.565 -11.563 1.00 52.25 ? 5    MVA E CB    1 
HETATM 801  C  CG1   . MVA E 2 5  ? -4.431  -17.292 -12.042 1.00 34.66 ? 5    MVA E CG1   1 
HETATM 802  C  CG2   . MVA E 2 5  ? -6.168  -19.043 -11.757 1.00 56.62 ? 5    MVA E CG2   1 
HETATM 803  C  C     . MVA E 2 5  ? -6.275  -15.640 -9.958  1.00 51.94 ? 5    MVA E C     1 
HETATM 804  O  O     . MVA E 2 5  ? -6.253  -14.887 -10.923 1.00 40.77 ? 5    MVA E O     1 
HETATM 805  C  C1    . PXZ E 2 6  ? -5.728  -13.652 -4.158  1.00 29.48 ? 6    PXZ E C1    1 
HETATM 806  C  C0    . PXZ E 2 6  ? -6.573  -13.083 -5.247  1.00 39.19 ? 6    PXZ E C0    1 
HETATM 807  O  O1    . PXZ E 2 6  ? -6.350  -11.946 -5.702  1.00 35.45 ? 6    PXZ E O1    1 
HETATM 808  C  C2    . PXZ E 2 6  ? -4.392  -13.395 -4.064  1.00 28.58 ? 6    PXZ E C2    1 
HETATM 809  N  N2    . PXZ E 2 6  ? -3.728  -12.479 -5.073  1.00 30.94 ? 6    PXZ E N2    1 
HETATM 810  C  C3    . PXZ E 2 6  ? -3.588  -13.981 -3.053  1.00 27.61 ? 6    PXZ E C3    1 
HETATM 811  O  O3    . PXZ E 2 6  ? -2.375  -13.702 -3.011  1.00 28.85 ? 6    PXZ E O3    1 
HETATM 812  C  C4    . PXZ E 2 6  ? -4.166  -14.805 -2.050  1.00 28.84 ? 6    PXZ E C4    1 
HETATM 813  O  O5    . PXZ E 2 6  ? -6.091  -15.801 -1.165  1.00 31.54 ? 6    PXZ E O5    1 
HETATM 814  C  C6    . PXZ E 2 6  ? -7.974  -16.890 -0.268  1.00 27.96 ? 6    PXZ E C6    1 
HETATM 815  C  C7    . PXZ E 2 6  ? -9.349  -17.192 -0.373  1.00 27.90 ? 6    PXZ E C7    1 
HETATM 816  C  C8    . PXZ E 2 6  ? -10.091 -16.721 -1.457  1.00 36.68 ? 6    PXZ E C8    1 
HETATM 817  C  C9    . PXZ E 2 6  ? -9.528  -15.930 -2.439  1.00 34.26 ? 6    PXZ E C9    1 
HETATM 818  C  "C0'" . PXZ E 2 6  ? -10.283 -15.389 -3.615  1.00 38.17 ? 6    PXZ E "C0'" 1 
HETATM 819  O  "O1'" . PXZ E 2 6  ? -11.079 -16.103 -4.215  1.00 36.86 ? 6    PXZ E "O1'" 1 
HETATM 820  N  N10   . PXZ E 2 6  ? -7.623  -14.782 -3.301  1.00 33.89 ? 6    PXZ E N10   1 
HETATM 821  C  C11   . PXZ E 2 6  ? -6.324  -14.482 -3.162  1.00 28.18 ? 6    PXZ E C11   1 
HETATM 822  C  C12   . PXZ E 2 6  ? -5.513  -14.989 -2.129  1.00 33.05 ? 6    PXZ E C12   1 
HETATM 823  C  C13   . PXZ E 2 6  ? -7.387  -16.139 -1.269  1.00 22.64 ? 6    PXZ E C13   1 
HETATM 824  C  C14   . PXZ E 2 6  ? -8.152  -15.602 -2.361  1.00 28.54 ? 6    PXZ E C14   1 
HETATM 825  C  C15   . PXZ E 2 6  ? -3.307  -15.381 -0.954  1.00 38.02 ? 6    PXZ E C15   1 
HETATM 826  C  C16   . PXZ E 2 6  ? -7.124  -17.348 0.948   1.00 59.15 ? 6    PXZ E C16   1 
ATOM   827  N  N     . THR E 2 7  ? -10.438 -14.054 -3.596  1.00 32.13 ? 7    THR E N     1 
ATOM   828  C  CA    . THR E 2 7  ? -11.431 -13.456 -4.485  1.00 26.96 ? 7    THR E CA    1 
ATOM   829  C  C     . THR E 2 7  ? -10.823 -12.258 -5.223  1.00 37.45 ? 7    THR E C     1 
ATOM   830  O  O     . THR E 2 7  ? -9.792  -11.760 -4.774  1.00 37.31 ? 7    THR E O     1 
ATOM   831  C  CB    . THR E 2 7  ? -12.677 -12.951 -3.751  1.00 35.08 ? 7    THR E CB    1 
ATOM   832  O  OG1   . THR E 2 7  ? -12.246 -12.048 -2.711  1.00 40.84 ? 7    THR E OG1   1 
ATOM   833  C  CG2   . THR E 2 7  ? -13.437 -14.074 -3.074  1.00 41.78 ? 7    THR E CG2   1 
HETATM 834  N  N     . DVA E 2 8  ? -11.494 -11.832 -6.282  1.00 32.09 ? 8    DVA E N     1 
HETATM 835  C  CA    . DVA E 2 8  ? -11.333 -10.494 -6.845  1.00 33.88 ? 8    DVA E CA    1 
HETATM 836  C  CB    . DVA E 2 8  ? -12.463 -10.123 -7.822  1.00 40.69 ? 8    DVA E CB    1 
HETATM 837  C  CG1   . DVA E 2 8  ? -12.468 -8.624  -8.093  1.00 45.80 ? 8    DVA E CG1   1 
HETATM 838  C  CG2   . DVA E 2 8  ? -13.821 -10.566 -7.308  1.00 40.12 ? 8    DVA E CG2   1 
HETATM 839  C  C     . DVA E 2 8  ? -10.011 -10.443 -7.588  1.00 37.21 ? 8    DVA E C     1 
HETATM 840  O  O     . DVA E 2 8  ? -9.778  -11.312 -8.444  1.00 44.64 ? 8    DVA E O     1 
ATOM   841  N  N     . PRO E 2 9  ? -9.136  -9.484  -7.279  1.00 38.31 ? 9    PRO E N     1 
ATOM   842  C  CA    . PRO E 2 9  ? -9.068  -8.942  -5.919  1.00 35.27 ? 9    PRO E CA    1 
ATOM   843  C  C     . PRO E 2 9  ? -9.735  -7.582  -5.783  1.00 43.10 ? 9    PRO E C     1 
ATOM   844  O  O     . PRO E 2 9  ? -9.847  -6.835  -6.754  1.00 37.39 ? 9    PRO E O     1 
ATOM   845  C  CB    . PRO E 2 9  ? -7.565  -8.768  -5.665  1.00 28.88 ? 9    PRO E CB    1 
ATOM   846  C  CG    . PRO E 2 9  ? -6.984  -8.599  -7.027  1.00 41.77 ? 9    PRO E CG    1 
ATOM   847  C  CD    . PRO E 2 9  ? -7.808  -9.467  -7.936  1.00 33.56 ? 9    PRO E CD    1 
HETATM 848  N  N     . SAR E 2 10 ? -10.161 -7.279  -4.555  1.00 46.51 ? 10   SAR E N     1 
HETATM 849  C  CA    . SAR E 2 10 ? -9.948  -8.215  -3.438  1.00 42.98 ? 10   SAR E CA    1 
HETATM 850  C  C     . SAR E 2 10 ? -11.284 -8.750  -2.934  1.00 31.28 ? 10   SAR E C     1 
HETATM 851  O  O     . SAR E 2 10 ? -12.311 -8.607  -3.610  1.00 35.16 ? 10   SAR E O     1 
HETATM 852  C  CN    . SAR E 2 10 ? -11.078 -6.131  -4.359  1.00 41.52 ? 10   SAR E CN    1 
HETATM 853  N  N     . MVA E 2 11 ? -11.300 -9.392  -1.770  1.00 34.47 ? 11   MVA E N     1 
HETATM 854  C  CN    . MVA E 2 11 ? -10.093 -9.475  -0.920  1.00 33.93 ? 11   MVA E CN    1 
HETATM 855  C  CA    . MVA E 2 11 ? -12.542 -10.065 -1.342  1.00 36.44 ? 11   MVA E CA    1 
HETATM 856  C  CB    . MVA E 2 11 ? -13.607 -9.019  -0.982  1.00 45.53 ? 11   MVA E CB    1 
HETATM 857  C  CG1   . MVA E 2 11 ? -14.932 -9.660  -0.606  1.00 49.95 ? 11   MVA E CG1   1 
HETATM 858  C  CG2   . MVA E 2 11 ? -13.093 -8.157  0.173   1.00 45.29 ? 11   MVA E CG2   1 
HETATM 859  C  C     . MVA E 2 11 ? -13.040 -11.020 -2.412  1.00 41.93 ? 11   MVA E C     1 
HETATM 860  O  O     . MVA E 2 11 ? -14.107 -10.848 -3.001  1.00 34.75 ? 11   MVA E O     1 
ATOM   861  N  N     . THR F 2 1  ? -4.373  11.495  11.379  1.00 23.71 ? 1    THR F N     1 
ATOM   862  C  CA    . THR F 2 1  ? -3.802  10.976  12.619  1.00 23.54 ? 1    THR F CA    1 
ATOM   863  C  C     . THR F 2 1  ? -4.643  11.338  13.847  1.00 32.62 ? 1    THR F C     1 
ATOM   864  O  O     . THR F 2 1  ? -5.484  12.223  13.772  1.00 34.08 ? 1    THR F O     1 
ATOM   865  C  CB    . THR F 2 1  ? -2.413  11.540  12.966  1.00 19.02 ? 1    THR F CB    1 
ATOM   866  O  OG1   . THR F 2 1  ? -2.660  12.941  13.236  1.00 27.83 ? 1    THR F OG1   1 
ATOM   867  C  CG2   . THR F 2 1  ? -1.401  11.418  11.850  1.00 32.27 ? 1    THR F CG2   1 
HETATM 868  N  N     . DVA F 2 2  ? -4.344  10.659  14.946  1.00 42.87 ? 2    DVA F N     1 
HETATM 869  C  CA    . DVA F 2 2  ? -4.873  10.954  16.270  1.00 37.24 ? 2    DVA F CA    1 
HETATM 870  C  CB    . DVA F 2 2  ? -4.135  10.132  17.351  1.00 41.38 ? 2    DVA F CB    1 
HETATM 871  C  CG1   . DVA F 2 2  ? -4.635  10.435  18.756  1.00 33.91 ? 2    DVA F CG1   1 
HETATM 872  C  CG2   . DVA F 2 2  ? -2.646  10.398  17.249  1.00 23.42 ? 2    DVA F CG2   1 
HETATM 873  C  C     . DVA F 2 2  ? -6.343  10.605  16.379  1.00 35.23 ? 2    DVA F C     1 
HETATM 874  O  O     . DVA F 2 2  ? -6.628  9.407   16.455  1.00 29.83 ? 2    DVA F O     1 
ATOM   875  N  N     . PRO F 2 3  ? -7.267  11.549  16.400  1.00 36.69 ? 3    PRO F N     1 
ATOM   876  C  CA    . PRO F 2 3  ? -6.993  12.988  16.348  1.00 34.77 ? 3    PRO F CA    1 
ATOM   877  C  C     . PRO F 2 3  ? -6.459  13.537  17.668  1.00 47.46 ? 3    PRO F C     1 
ATOM   878  O  O     . PRO F 2 3  ? -6.858  13.141  18.762  1.00 39.46 ? 3    PRO F O     1 
ATOM   879  C  CB    . PRO F 2 3  ? -8.375  13.598  16.092  1.00 37.20 ? 3    PRO F CB    1 
ATOM   880  C  CG    . PRO F 2 3  ? -9.348  12.472  16.126  1.00 44.79 ? 3    PRO F CG    1 
ATOM   881  C  CD    . PRO F 2 3  ? -8.662  11.336  16.847  1.00 33.92 ? 3    PRO F CD    1 
HETATM 882  N  N     . SAR F 2 4  ? -5.531  14.490  17.541  1.00 47.24 ? 4    SAR F N     1 
HETATM 883  C  CA    . SAR F 2 4  ? -5.262  15.037  16.206  1.00 47.76 ? 4    SAR F CA    1 
HETATM 884  C  C     . SAR F 2 4  ? -3.859  14.680  15.717  1.00 36.98 ? 4    SAR F C     1 
HETATM 885  O  O     . SAR F 2 4  ? -3.180  13.838  16.304  1.00 30.79 ? 4    SAR F O     1 
HETATM 886  C  CN    . SAR F 2 4  ? -4.957  15.106  18.762  1.00 39.29 ? 4    SAR F CN    1 
HETATM 887  N  N     . MVA F 2 5  ? -3.408  15.326  14.641  1.00 38.42 ? 5    MVA F N     1 
HETATM 888  C  CN    . MVA F 2 5  ? -4.349  15.986  13.695  1.00 30.86 ? 5    MVA F CN    1 
HETATM 889  C  CA    . MVA F 2 5  ? -2.054  15.121  14.120  1.00 33.82 ? 5    MVA F CA    1 
HETATM 890  C  CB    . MVA F 2 5  ? -0.970  15.755  15.005  1.00 37.83 ? 5    MVA F CB    1 
HETATM 891  C  CG1   . MVA F 2 5  ? 0.197   16.107  14.089  1.00 32.57 ? 5    MVA F CG1   1 
HETATM 892  C  CG2   . MVA F 2 5  ? -1.486  16.966  15.771  1.00 30.64 ? 5    MVA F CG2   1 
HETATM 893  C  C     . MVA F 2 5  ? -1.756  13.637  13.903  1.00 28.20 ? 5    MVA F C     1 
HETATM 894  O  O     . MVA F 2 5  ? -0.716  13.154  14.335  1.00 39.32 ? 5    MVA F O     1 
HETATM 895  C  C1    . PXZ F 2 6  ? -4.659  11.469  8.992   1.00 27.14 ? 6    PXZ F C1    1 
HETATM 896  C  C0    . PXZ F 2 6  ? -4.205  10.792  10.234  1.00 21.67 ? 6    PXZ F C0    1 
HETATM 897  O  O1    . PXZ F 2 6  ? -3.479  9.790   10.161  1.00 21.17 ? 6    PXZ F O1    1 
HETATM 898  C  C2    . PXZ F 2 6  ? -3.802  11.622  7.937   1.00 19.21 ? 6    PXZ F C2    1 
HETATM 899  N  N2    . PXZ F 2 6  ? -2.401  11.049  7.998   1.00 21.49 ? 6    PXZ F N2    1 
HETATM 900  C  C3    . PXZ F 2 6  ? -4.229  12.297  6.771   1.00 26.31 ? 6    PXZ F C3    1 
HETATM 901  O  O3    . PXZ F 2 6  ? -3.391  12.380  5.853   1.00 31.70 ? 6    PXZ F O3    1 
HETATM 902  C  C4    . PXZ F 2 6  ? -5.547  12.793  6.635   1.00 16.89 ? 6    PXZ F C4    1 
HETATM 903  O  O5    . PXZ F 2 6  ? -7.678  13.078  7.603   1.00 25.83 ? 6    PXZ F O5    1 
HETATM 904  C  C6    . PXZ F 2 6  ? -9.825  13.294  8.492   1.00 30.78 ? 6    PXZ F C6    1 
HETATM 905  C  C7    . PXZ F 2 6  ? -10.689 13.169  9.609   1.00 29.99 ? 6    PXZ F C7    1 
HETATM 906  C  C8    . PXZ F 2 6  ? -10.267 12.522  10.775  1.00 19.86 ? 6    PXZ F C8    1 
HETATM 907  C  C9    . PXZ F 2 6  ? -8.984  12.048  10.916  1.00 27.00 ? 6    PXZ F C9    1 
HETATM 908  C  "C0'" . PXZ F 2 6  ? -8.550  11.370  12.180  1.00 32.45 ? 6    PXZ F "C0'" 1 
HETATM 909  O  "O1'" . PXZ F 2 6  ? -8.923  11.788  13.277  1.00 37.20 ? 6    PXZ F "O1'" 1 
HETATM 910  N  N10   . PXZ F 2 6  ? -6.808  11.762  9.944   1.00 39.34 ? 6    PXZ F N10   1 
HETATM 911  C  C11   . PXZ F 2 6  ? -5.983  11.987  8.903   1.00 25.50 ? 6    PXZ F C11   1 
HETATM 912  C  C12   . PXZ F 2 6  ? -6.381  12.615  7.710   1.00 27.27 ? 6    PXZ F C12   1 
HETATM 913  C  C13   . PXZ F 2 6  ? -8.527  12.864  8.638   1.00 25.46 ? 6    PXZ F C13   1 
HETATM 914  C  C14   . PXZ F 2 6  ? -8.082  12.196  9.828   1.00 24.36 ? 6    PXZ F C14   1 
HETATM 915  C  C15   . PXZ F 2 6  ? -6.049  13.406  5.349   1.00 19.86 ? 6    PXZ F C15   1 
HETATM 916  C  C16   . PXZ F 2 6  ? -10.225 14.035  7.192   1.00 29.73 ? 6    PXZ F C16   1 
ATOM   917  N  N     . THR F 2 7  ? -8.347  10.055  12.008  1.00 26.66 ? 7    THR F N     1 
ATOM   918  C  CA    . THR F 2 7  ? -7.957  9.230   13.154  1.00 23.69 ? 7    THR F CA    1 
ATOM   919  C  C     . THR F 2 7  ? -6.712  8.406   12.877  1.00 30.86 ? 7    THR F C     1 
ATOM   920  O  O     . THR F 2 7  ? -6.490  8.068   11.705  1.00 21.73 ? 7    THR F O     1 
ATOM   921  C  CB    . THR F 2 7  ? -9.070  8.226   13.516  1.00 27.59 ? 7    THR F CB    1 
ATOM   922  O  OG1   . THR F 2 7  ? -9.256  7.431   12.345  1.00 21.63 ? 7    THR F OG1   1 
ATOM   923  C  CG2   . THR F 2 7  ? -10.374 8.932   13.784  1.00 35.11 ? 7    THR F CG2   1 
HETATM 924  N  N     . DVA F 2 8  ? -5.967  8.110   13.931  1.00 23.48 ? 8    DVA F N     1 
HETATM 925  C  CA    . DVA F 2 8  ? -5.075  6.956   13.992  1.00 27.96 ? 8    DVA F CA    1 
HETATM 926  C  CB    . DVA F 2 8  ? -5.066  6.375   15.422  1.00 31.01 ? 8    DVA F CB    1 
HETATM 927  C  CG1   . DVA F 2 8  ? -4.145  5.173   15.546  1.00 28.49 ? 8    DVA F CG1   1 
HETATM 928  C  CG2   . DVA F 2 8  ? -6.494  6.011   15.802  1.00 28.38 ? 8    DVA F CG2   1 
HETATM 929  C  C     . DVA F 2 8  ? -3.673  7.336   13.578  1.00 29.96 ? 8    DVA F C     1 
HETATM 930  O  O     . DVA F 2 8  ? -3.045  8.192   14.219  1.00 30.67 ? 8    DVA F O     1 
ATOM   931  N  N     . PRO F 2 9  ? -3.093  6.768   12.522  1.00 25.16 ? 9    PRO F N     1 
ATOM   932  C  CA    . PRO F 2 9  ? -3.821  6.130   11.427  1.00 24.17 ? 9    PRO F CA    1 
ATOM   933  C  C     . PRO F 2 9  ? -4.061  4.645   11.661  1.00 23.14 ? 9    PRO F C     1 
ATOM   934  O  O     . PRO F 2 9  ? -3.316  3.996   12.403  1.00 26.98 ? 9    PRO F O     1 
ATOM   935  C  CB    . PRO F 2 9  ? -2.872  6.308   10.232  1.00 20.27 ? 9    PRO F CB    1 
ATOM   936  C  CG    . PRO F 2 9  ? -1.524  6.473   10.842  1.00 25.71 ? 9    PRO F CG    1 
ATOM   937  C  CD    . PRO F 2 9  ? -1.741  7.233   12.114  1.00 28.81 ? 9    PRO F CD    1 
HETATM 938  N  N     . SAR F 2 10 ? -5.094  4.031   11.068  1.00 27.37 ? 10   SAR F N     1 
HETATM 939  C  CA    . SAR F 2 10 ? -6.129  4.750   10.316  1.00 33.69 ? 10   SAR F CA    1 
HETATM 940  C  C     . SAR F 2 10 ? -7.456  4.862   11.084  1.00 27.60 ? 10   SAR F C     1 
HETATM 941  O  O     . SAR F 2 10 ? -7.437  4.609   12.285  1.00 22.43 ? 10   SAR F O     1 
HETATM 942  C  CN    . SAR F 2 10 ? -5.174  2.550   11.267  1.00 33.53 ? 10   SAR F CN    1 
HETATM 943  N  N     . MVA F 2 11 ? -8.563  5.255   10.469  1.00 23.98 ? 11   MVA F N     1 
HETATM 944  C  CN    . MVA F 2 11 ? -8.576  5.618   9.025   1.00 24.83 ? 11   MVA F CN    1 
HETATM 945  C  CA    . MVA F 2 11 ? -9.847  5.398   11.174  1.00 25.18 ? 11   MVA F CA    1 
HETATM 946  C  CB    . MVA F 2 11 ? -10.480 4.037   11.512  1.00 36.01 ? 11   MVA F CB    1 
HETATM 947  C  CG1   . MVA F 2 11 ? -11.904 4.259   12.003  1.00 31.13 ? 11   MVA F CG1   1 
HETATM 948  C  CG2   . MVA F 2 11 ? -10.463 3.101   10.311  1.00 36.59 ? 11   MVA F CG2   1 
HETATM 949  C  C     . MVA F 2 11 ? -9.706  6.200   12.458  1.00 30.88 ? 11   MVA F C     1 
HETATM 950  O  O     . MVA F 2 11 ? -9.959  5.696   13.544  1.00 36.31 ? 11   MVA F O     1 
ATOM   951  N  N     . THR G 2 1  ? 10.866  -12.457 2.574   1.00 37.47 ? 1    THR G N     1 
ATOM   952  C  CA    . THR G 2 1  ? 11.516  -12.232 3.853   1.00 36.92 ? 1    THR G CA    1 
ATOM   953  C  C     . THR G 2 1  ? 12.961  -12.713 3.917   1.00 40.71 ? 1    THR G C     1 
ATOM   954  O  O     . THR G 2 1  ? 13.447  -13.554 3.161   1.00 45.43 ? 1    THR G O     1 
ATOM   955  C  CB    . THR G 2 1  ? 10.791  -12.958 5.012   1.00 43.91 ? 1    THR G CB    1 
ATOM   956  O  OG1   . THR G 2 1  ? 10.814  -14.371 4.764   1.00 35.31 ? 1    THR G OG1   1 
ATOM   957  C  CG2   . THR G 2 1  ? 9.327   -12.590 5.131   1.00 36.54 ? 1    THR G CG2   1 
HETATM 958  N  N     . DVA G 2 2  ? 13.703  -12.171 4.878   1.00 43.20 ? 2    DVA G N     1 
HETATM 959  C  CA    . DVA G 2 2  ? 14.952  -12.789 5.301   1.00 47.90 ? 2    DVA G CA    1 
HETATM 960  C  CB    . DVA G 2 2  ? 15.280  -12.431 6.767   1.00 56.54 ? 2    DVA G CB    1 
HETATM 961  C  CG1   . DVA G 2 2  ? 16.785  -12.387 6.990   1.00 74.71 ? 2    DVA G CG1   1 
HETATM 962  C  CG2   . DVA G 2 2  ? 14.620  -13.435 7.703   1.00 40.79 ? 2    DVA G CG2   1 
HETATM 963  C  C     . DVA G 2 2  ? 16.117  -12.375 4.418   1.00 48.70 ? 2    DVA G C     1 
HETATM 964  O  O     . DVA G 2 2  ? 16.321  -11.222 4.062   1.00 39.71 ? 2    DVA G O     1 
ATOM   965  N  N     . PRO G 2 3  ? 16.926  -13.384 4.035   1.00 48.41 ? 3    PRO G N     1 
ATOM   966  C  CA    . PRO G 2 3  ? 16.268  -14.671 3.772   1.00 37.68 ? 3    PRO G CA    1 
ATOM   967  C  C     . PRO G 2 3  ? 16.561  -15.711 4.850   1.00 38.68 ? 3    PRO G C     1 
ATOM   968  O  O     . PRO G 2 3  ? 17.626  -15.699 5.460   1.00 55.78 ? 3    PRO G O     1 
ATOM   969  C  CB    . PRO G 2 3  ? 16.892  -15.127 2.452   1.00 45.82 ? 3    PRO G CB    1 
ATOM   970  C  CG    . PRO G 2 3  ? 18.226  -14.464 2.430   1.00 46.01 ? 3    PRO G CG    1 
ATOM   971  C  CD    . PRO G 2 3  ? 17.998  -13.109 3.046   1.00 49.76 ? 3    PRO G CD    1 
HETATM 972  N  N     . SAR G 2 4  ? 15.598  -16.611 5.068   1.00 35.69 ? 4    SAR G N     1 
HETATM 973  C  CA    . SAR G 2 4  ? 14.307  -16.441 4.414   1.00 43.29 ? 4    SAR G CA    1 
HETATM 974  C  C     . SAR G 2 4  ? 13.159  -16.305 5.420   1.00 37.10 ? 4    SAR G C     1 
HETATM 975  O  O     . SAR G 2 4  ? 13.298  -15.615 6.422   1.00 52.90 ? 4    SAR G O     1 
HETATM 976  C  CN    . SAR G 2 4  ? 15.687  -17.493 6.266   1.00 53.14 ? 4    SAR G CN    1 
HETATM 977  N  N     . MVA G 2 5  ? 12.076  -16.986 5.052   1.00 37.19 ? 5    MVA G N     1 
HETATM 978  C  CN    . MVA G 2 5  ? 12.208  -17.810 3.806   1.00 55.92 ? 5    MVA G CN    1 
HETATM 979  C  CA    . MVA G 2 5  ? 10.715  -16.677 5.494   1.00 40.84 ? 5    MVA G CA    1 
HETATM 980  C  CB    . MVA G 2 5  ? 10.299  -17.520 6.711   1.00 50.14 ? 5    MVA G CB    1 
HETATM 981  C  CG1   . MVA G 2 5  ? 8.845   -17.263 7.090   1.00 40.44 ? 5    MVA G CG1   1 
HETATM 982  C  CG2   . MVA G 2 5  ? 10.508  -19.005 6.417   1.00 43.73 ? 5    MVA G CG2   1 
HETATM 983  C  C     . MVA G 2 5  ? 10.607  -15.191 5.790   1.00 39.14 ? 5    MVA G C     1 
HETATM 984  O  O     . MVA G 2 5  ? 10.363  -14.793 6.923   1.00 41.25 ? 5    MVA G O     1 
HETATM 985  C  C1    . PXZ G 2 6  ? 9.328   -12.183 0.756   1.00 27.02 ? 6    PXZ G C1    1 
HETATM 986  C  C0    . PXZ G 2 6  ? 9.928   -11.682 2.025   1.00 37.27 ? 6    PXZ G C0    1 
HETATM 987  O  O1    . PXZ G 2 6  ? 9.315   -10.787 2.635   1.00 32.91 ? 6    PXZ G O1    1 
HETATM 988  C  C2    . PXZ G 2 6  ? 7.970   -12.314 0.668   1.00 26.03 ? 6    PXZ G C2    1 
HETATM 989  N  N2    . PXZ G 2 6  ? 7.093   -11.950 1.857   1.00 46.74 ? 6    PXZ G N2    1 
HETATM 990  C  C3    . PXZ G 2 6  ? 7.340   -12.753 -0.515  1.00 23.67 ? 6    PXZ G C3    1 
HETATM 991  O  O3    . PXZ G 2 6  ? 6.111   -12.901 -0.510  1.00 33.16 ? 6    PXZ G O3    1 
HETATM 992  C  C4    . PXZ G 2 6  ? 8.111   -13.152 -1.637  1.00 29.37 ? 6    PXZ G C4    1 
HETATM 993  O  O5    . PXZ G 2 6  ? 10.183  -13.309 -2.617  1.00 30.87 ? 6    PXZ G O5    1 
HETATM 994  C  C6    . PXZ G 2 6  ? 12.176  -13.676 -3.700  1.00 30.43 ? 6    PXZ G C6    1 
HETATM 995  C  C7    . PXZ G 2 6  ? 13.561  -13.446 -3.757  1.00 28.58 ? 6    PXZ G C7    1 
HETATM 996  C  C8    . PXZ G 2 6  ? 14.222  -12.939 -2.631  1.00 44.63 ? 6    PXZ G C8    1 
HETATM 997  C  C9    . PXZ G 2 6  ? 13.589  -12.563 -1.458  1.00 34.32 ? 6    PXZ G C9    1 
HETATM 998  C  "C0'" . PXZ G 2 6  ? 14.350  -12.045 -0.281  1.00 38.91 ? 6    PXZ G "C0'" 1 
HETATM 999  O  "O1'" . PXZ G 2 6  ? 15.042  -12.853 0.353   1.00 58.53 ? 6    PXZ G "O1'" 1 
HETATM 1000 N  N10   . PXZ G 2 6  ? 11.474  -12.383 -0.296  1.00 28.79 ? 6    PXZ G N10   1 
HETATM 1001 C  C11   . PXZ G 2 6  ? 10.141  -12.567 -0.347  1.00 24.25 ? 6    PXZ G C11   1 
HETATM 1002 C  C12   . PXZ G 2 6  ? 9.457   -12.987 -1.503  1.00 25.97 ? 6    PXZ G C12   1 
HETATM 1003 C  C13   . PXZ G 2 6  ? 11.520  -13.166 -2.583  1.00 25.35 ? 6    PXZ G C13   1 
HETATM 1004 C  C14   . PXZ G 2 6  ? 12.181  -12.693 -1.403  1.00 32.72 ? 6    PXZ G C14   1 
HETATM 1005 C  C15   . PXZ G 2 6  ? 7.495   -13.662 -2.914  1.00 27.21 ? 6    PXZ G C15   1 
HETATM 1006 C  C16   . PXZ G 2 6  ? 11.256  -14.052 -4.898  1.00 28.53 ? 6    PXZ G C16   1 
ATOM   1007 N  N     . THR G 2 7  ? 14.027  -10.844 0.206   1.00 33.06 ? 7    THR G N     1 
ATOM   1008 C  CA    . THR G 2 7  ? 14.776  -10.288 1.328   1.00 34.15 ? 7    THR G CA    1 
ATOM   1009 C  C     . THR G 2 7  ? 13.897  -9.447  2.263   1.00 40.61 ? 7    THR G C     1 
ATOM   1010 O  O     . THR G 2 7  ? 12.752  -9.133  1.944   1.00 32.73 ? 7    THR G O     1 
ATOM   1011 C  CB    . THR G 2 7  ? 15.935  -9.357  0.916   1.00 40.32 ? 7    THR G CB    1 
ATOM   1012 O  OG1   . THR G 2 7  ? 15.374  -8.314  0.106   1.00 45.08 ? 7    THR G OG1   1 
ATOM   1013 C  CG2   . THR G 2 7  ? 16.973  -10.075 0.071   1.00 60.43 ? 7    THR G CG2   1 
HETATM 1014 N  N     . DVA G 2 8  ? 14.508  -9.099  3.395   1.00 34.85 ? 8    DVA G N     1 
HETATM 1015 C  CA    . DVA G 2 8  ? 13.936  -8.190  4.373   1.00 38.86 ? 8    DVA G CA    1 
HETATM 1016 C  CB    . DVA G 2 8  ? 14.935  -7.843  5.494   1.00 46.62 ? 8    DVA G CB    1 
HETATM 1017 C  CG1   . DVA G 2 8  ? 14.366  -6.711  6.340   1.00 49.49 ? 8    DVA G CG1   1 
HETATM 1018 C  CG2   . DVA G 2 8  ? 16.291  -7.476  4.920   1.00 53.29 ? 8    DVA G CG2   1 
HETATM 1019 C  C     . DVA G 2 8  ? 12.704  -8.772  5.053   1.00 36.06 ? 8    DVA G C     1 
HETATM 1020 O  O     . DVA G 2 8  ? 12.896  -9.697  5.852   1.00 41.45 ? 8    DVA G O     1 
ATOM   1021 N  N     . PRO G 2 9  ? 11.495  -8.293  4.792   1.00 35.89 ? 9    PRO G N     1 
ATOM   1022 C  CA    . PRO G 2 9  ? 11.228  -7.323  3.718   1.00 31.05 ? 9    PRO G CA    1 
ATOM   1023 C  C     . PRO G 2 9  ? 11.593  -5.899  4.103   1.00 35.36 ? 9    PRO G C     1 
ATOM   1024 O  O     . PRO G 2 9  ? 11.478  -5.526  5.269   1.00 28.89 ? 9    PRO G O     1 
ATOM   1025 C  CB    . PRO G 2 9  ? 9.717   -7.475  3.515   1.00 36.50 ? 9    PRO G CB    1 
ATOM   1026 C  CG    . PRO G 2 9  ? 9.190   -7.857  4.869   1.00 37.62 ? 9    PRO G CG    1 
ATOM   1027 C  CD    . PRO G 2 9  ? 10.257  -8.724  5.474   1.00 33.27 ? 9    PRO G CD    1 
HETATM 1028 N  N     . SAR G 2 10 ? 12.061  -5.109  3.129   1.00 38.37 ? 10   SAR G N     1 
HETATM 1029 C  CA    . SAR G 2 10 ? 12.052  -5.565  1.729   1.00 45.72 ? 10   SAR G CA    1 
HETATM 1030 C  C     . SAR G 2 10 ? 13.491  -5.660  1.231   1.00 40.86 ? 10   SAR G C     1 
HETATM 1031 O  O     . SAR G 2 10 ? 14.422  -5.464  2.016   1.00 35.28 ? 10   SAR G O     1 
HETATM 1032 C  CN    . SAR G 2 10 ? 12.680  -3.794  3.435   1.00 34.24 ? 10   SAR G CN    1 
HETATM 1033 N  N     . MVA G 2 11 ? 13.671  -5.937  -0.062  1.00 38.87 ? 11   MVA G N     1 
HETATM 1034 C  CN    . MVA G 2 11 ? 12.507  -6.205  -0.938  1.00 27.37 ? 11   MVA G CN    1 
HETATM 1035 C  CA    . MVA G 2 11 ? 15.035  -6.007  -0.595  1.00 38.18 ? 11   MVA G CA    1 
HETATM 1036 C  CB    . MVA G 2 11 ? 15.816  -4.689  -0.543  1.00 45.34 ? 11   MVA G CB    1 
HETATM 1037 C  CG1   . MVA G 2 11 ? 16.927  -4.710  -1.590  1.00 52.60 ? 11   MVA G CG1   1 
HETATM 1038 C  CG2   . MVA G 2 11 ? 14.936  -3.466  -0.755  1.00 44.24 ? 11   MVA G CG2   1 
HETATM 1039 C  C     . MVA G 2 11 ? 15.811  -7.069  0.192   1.00 40.19 ? 11   MVA G C     1 
HETATM 1040 O  O     . MVA G 2 11 ? 16.767  -6.726  0.869   1.00 31.18 ? 11   MVA G O     1 
ATOM   1041 N  N     . THR H 2 1  ? 0.395   14.979  -7.926  1.00 22.09 ? 1    THR H N     1 
ATOM   1042 C  CA    . THR H 2 1  ? 0.011   14.796  -9.313  1.00 19.53 ? 1    THR H CA    1 
ATOM   1043 C  C     . THR H 2 1  ? 0.747   15.731  -10.284 1.00 23.38 ? 1    THR H C     1 
ATOM   1044 O  O     . THR H 2 1  ? 1.201   16.802  -9.897  1.00 23.58 ? 1    THR H O     1 
ATOM   1045 C  CB    . THR H 2 1  ? -1.482  15.108  -9.566  1.00 29.94 ? 1    THR H CB    1 
ATOM   1046 O  OG1   . THR H 2 1  ? -1.672  16.468  -9.143  1.00 25.46 ? 1    THR H OG1   1 
ATOM   1047 C  CG2   . THR H 2 1  ? -2.451  14.270  -8.756  1.00 28.68 ? 1    THR H CG2   1 
HETATM 1048 N  N     . DVA H 2 2  ? 0.813   15.344  -11.552 1.00 28.63 ? 2    DVA H N     1 
HETATM 1049 C  CA    . DVA H 2 2  ? 1.014   16.359  -12.600 1.00 31.69 ? 2    DVA H CA    1 
HETATM 1050 C  CB    . DVA H 2 2  ? 0.284   16.008  -13.903 1.00 44.41 ? 2    DVA H CB    1 
HETATM 1051 C  CG1   . DVA H 2 2  ? 0.107   17.255  -14.771 1.00 56.77 ? 2    DVA H CG1   1 
HETATM 1052 C  CG2   . DVA H 2 2  ? -1.088  15.396  -13.667 1.00 34.01 ? 2    DVA H CG2   1 
HETATM 1053 C  C     . DVA H 2 2  ? 2.501   16.528  -12.887 1.00 28.75 ? 2    DVA H C     1 
HETATM 1054 O  O     . DVA H 2 2  ? 3.147   15.551  -13.285 1.00 27.19 ? 2    DVA H O     1 
ATOM   1055 N  N     . PRO H 2 3  ? 3.074   17.720  -12.704 1.00 36.26 ? 3    PRO H N     1 
ATOM   1056 C  CA    . PRO H 2 3  ? 2.450   18.815  -11.969 1.00 37.41 ? 3    PRO H CA    1 
ATOM   1057 C  C     . PRO H 2 3  ? 1.541   19.630  -12.893 1.00 41.96 ? 3    PRO H C     1 
ATOM   1058 O  O     . PRO H 2 3  ? 1.754   19.610  -14.100 1.00 35.18 ? 3    PRO H O     1 
ATOM   1059 C  CB    . PRO H 2 3  ? 3.590   19.713  -11.511 1.00 36.46 ? 3    PRO H CB    1 
ATOM   1060 C  CG    . PRO H 2 3  ? 4.851   19.019  -11.870 1.00 40.11 ? 3    PRO H CG    1 
ATOM   1061 C  CD    . PRO H 2 3  ? 4.518   17.977  -12.898 1.00 47.05 ? 3    PRO H CD    1 
HETATM 1062 N  N     . SAR H 2 4  ? 0.569   20.303  -12.290 1.00 37.01 ? 4    SAR H N     1 
HETATM 1063 C  CA    . SAR H 2 4  ? 0.321   20.084  -10.856 1.00 36.54 ? 4    SAR H CA    1 
HETATM 1064 C  C     . SAR H 2 4  ? -0.965  19.271  -10.727 1.00 36.72 ? 4    SAR H C     1 
HETATM 1065 O  O     . SAR H 2 4  ? -1.461  18.703  -11.711 1.00 27.97 ? 4    SAR H O     1 
HETATM 1066 C  CN    . SAR H 2 4  ? -0.478  20.988  -13.088 1.00 53.14 ? 4    SAR H CN    1 
HETATM 1067 N  N     . MVA H 2 5  ? -1.523  19.261  -9.516  1.00 27.55 ? 5    MVA H N     1 
HETATM 1068 C  CN    . MVA H 2 5  ? -0.910  19.935  -8.358  1.00 22.89 ? 5    MVA H CN    1 
HETATM 1069 C  CA    . MVA H 2 5  ? -2.826  18.592  -9.350  1.00 26.81 ? 5    MVA H CA    1 
HETATM 1070 C  CB    . MVA H 2 5  ? -3.951  19.272  -10.138 1.00 32.49 ? 5    MVA H CB    1 
HETATM 1071 C  CG1   . MVA H 2 5  ? -5.306  18.856  -9.575  1.00 35.73 ? 5    MVA H CG1   1 
HETATM 1072 C  CG2   . MVA H 2 5  ? -3.813  20.793  -10.108 1.00 24.06 ? 5    MVA H CG2   1 
HETATM 1073 C  C     . MVA H 2 5  ? -2.667  17.131  -9.741  1.00 24.62 ? 5    MVA H C     1 
HETATM 1074 O  O     . MVA H 2 5  ? -3.378  16.571  -10.555 1.00 33.23 ? 5    MVA H O     1 
HETATM 1075 C  C1    . PXZ H 2 6  ? 1.061   14.338  -5.722  1.00 24.40 ? 6    PXZ H C1    1 
HETATM 1076 C  C0    . PXZ H 2 6  ? 0.714   13.943  -7.114  1.00 19.36 ? 6    PXZ H C0    1 
HETATM 1077 O  O1    . PXZ H 2 6  ? 0.345   12.788  -7.419  1.00 24.42 ? 6    PXZ H O1    1 
HETATM 1078 C  C2    . PXZ H 2 6  ? 0.266   13.955  -4.671  1.00 24.29 ? 6    PXZ H C2    1 
HETATM 1079 N  N2    . PXZ H 2 6  ? -0.962  13.116  -4.916  1.00 22.61 ? 6    PXZ H N2    1 
HETATM 1080 C  C3    . PXZ H 2 6  ? 0.543   14.308  -3.335  1.00 22.69 ? 6    PXZ H C3    1 
HETATM 1081 O  O3    . PXZ H 2 6  ? -0.245  13.997  -2.431  1.00 19.84 ? 6    PXZ H O3    1 
HETATM 1082 C  C4    . PXZ H 2 6  ? 1.699   15.061  -3.012  1.00 28.41 ? 6    PXZ H C4    1 
HETATM 1083 O  O5    . PXZ H 2 6  ? 3.571   16.214  -3.752  1.00 26.55 ? 6    PXZ H O5    1 
HETATM 1084 C  C6    . PXZ H 2 6  ? 5.495   17.396  -4.351  1.00 25.69 ? 6    PXZ H C6    1 
HETATM 1085 C  C7    . PXZ H 2 6  ? 6.392   17.780  -5.377  1.00 22.12 ? 6    PXZ H C7    1 
HETATM 1086 C  C8    . PXZ H 2 6  ? 6.127   17.437  -6.690  1.00 25.75 ? 6    PXZ H C8    1 
HETATM 1087 C  C9    . PXZ H 2 6  ? 5.043   16.669  -7.074  1.00 29.35 ? 6    PXZ H C9    1 
HETATM 1088 C  "C0'" . PXZ H 2 6  ? 4.819   16.303  -8.511  1.00 26.89 ? 6    PXZ H "C0'" 1 
HETATM 1089 O  "O1'" . PXZ H 2 6  ? 4.955   17.142  -9.391  1.00 33.15 ? 6    PXZ H "O1'" 1 
HETATM 1090 N  N10   . PXZ H 2 6  ? 3.053   15.476  -6.414  1.00 27.55 ? 6    PXZ H N10   1 
HETATM 1091 C  C11   . PXZ H 2 6  ? 2.216   15.126  -5.418  1.00 30.59 ? 6    PXZ H C11   1 
HETATM 1092 C  C12   . PXZ H 2 6  ? 2.431   15.503  -4.079  1.00 23.36 ? 6    PXZ H C12   1 
HETATM 1093 C  C13   . PXZ H 2 6  ? 4.403   16.633  -4.722  1.00 21.96 ? 6    PXZ H C13   1 
HETATM 1094 C  C14   . PXZ H 2 6  ? 4.133   16.228  -6.071  1.00 27.28 ? 6    PXZ H C14   1 
HETATM 1095 C  C15   . PXZ H 2 6  ? 1.946   15.410  -1.572  1.00 28.14 ? 6    PXZ H C15   1 
HETATM 1096 C  C16   . PXZ H 2 6  ? 5.777   17.755  -2.878  1.00 31.12 ? 6    PXZ H C16   1 
ATOM   1097 N  N     . THR H 2 7  ? 4.860   14.992  -8.807  1.00 20.19 ? 7    THR H N     1 
ATOM   1098 C  CA    . THR H 2 7  ? 4.592   14.497  -10.147 1.00 23.28 ? 7    THR H CA    1 
ATOM   1099 C  C     . THR H 2 7  ? 3.695   13.259  -10.238 1.00 31.75 ? 7    THR H C     1 
ATOM   1100 O  O     . THR H 2 7  ? 3.509   12.509  -9.283  1.00 26.06 ? 7    THR H O     1 
ATOM   1101 C  CB    . THR H 2 7  ? 5.929   14.070  -10.798 1.00 28.80 ? 7    THR H CB    1 
ATOM   1102 O  OG1   . THR H 2 7  ? 6.369   12.965  -9.993  1.00 26.73 ? 7    THR H OG1   1 
ATOM   1103 C  CG2   . THR H 2 7  ? 6.974   15.167  -10.720 1.00 24.15 ? 7    THR H CG2   1 
HETATM 1104 N  N     . DVA H 2 8  ? 3.147   13.029  -11.416 1.00 25.84 ? 8    DVA H N     1 
HETATM 1105 C  CA    . DVA H 2 8  ? 2.533   11.795  -11.884 1.00 21.93 ? 8    DVA H CA    1 
HETATM 1106 C  CB    . DVA H 2 8  ? 2.618   11.745  -13.423 1.00 20.98 ? 8    DVA H CB    1 
HETATM 1107 C  CG1   . DVA H 2 8  ? 2.113   10.423  -13.967 1.00 26.85 ? 8    DVA H CG1   1 
HETATM 1108 C  CG2   . DVA H 2 8  ? 4.056   11.963  -13.882 1.00 36.72 ? 8    DVA H CG2   1 
HETATM 1109 C  C     . DVA H 2 8  ? 1.087   11.713  -11.434 1.00 22.92 ? 8    DVA H C     1 
HETATM 1110 O  O     . DVA H 2 8  ? 0.196   12.444  -11.889 1.00 23.19 ? 8    DVA H O     1 
ATOM   1111 N  N     . PRO H 2 9  ? 0.723   10.837  -10.500 1.00 24.89 ? 9    PRO H N     1 
ATOM   1112 C  CA    . PRO H 2 9  ? 1.672   10.114  -9.662  1.00 25.58 ? 9    PRO H CA    1 
ATOM   1113 C  C     . PRO H 2 9  ? 2.179   8.842   -10.331 1.00 23.59 ? 9    PRO H C     1 
ATOM   1114 O  O     . PRO H 2 9  ? 1.560   8.247   -11.224 1.00 21.38 ? 9    PRO H O     1 
ATOM   1115 C  CB    . PRO H 2 9  ? 0.830   9.747   -8.432  1.00 23.65 ? 9    PRO H CB    1 
ATOM   1116 C  CG    . PRO H 2 9  ? -0.585  9.750   -8.915  1.00 25.77 ? 9    PRO H CG    1 
ATOM   1117 C  CD    . PRO H 2 9  ? -0.671  10.829  -9.972  1.00 21.31 ? 9    PRO H CD    1 
HETATM 1118 N  N     . SAR H 2 10 ? 3.349   8.362   -9.939  1.00 22.87 ? 10   SAR H N     1 
HETATM 1119 C  CA    . SAR H 2 10 ? 4.226   9.065   -9.008  1.00 28.38 ? 10   SAR H CA    1 
HETATM 1120 C  C     . SAR H 2 10 ? 5.366   9.766   -9.759  1.00 27.26 ? 10   SAR H C     1 
HETATM 1121 O  O     . SAR H 2 10 ? 5.249   9.909   -10.976 1.00 28.54 ? 10   SAR H O     1 
HETATM 1122 C  CN    . SAR H 2 10 ? 3.869   7.152   -10.655 1.00 21.81 ? 10   SAR H CN    1 
HETATM 1123 N  N     . MVA H 2 11 ? 6.375   10.180  -9.007  1.00 26.67 ? 11   MVA H N     1 
HETATM 1124 C  CN    . MVA H 2 11 ? 6.241   10.258  -7.530  1.00 24.86 ? 11   MVA H CN    1 
HETATM 1125 C  CA    . MVA H 2 11 ? 7.522   10.912  -9.574  1.00 23.94 ? 11   MVA H CA    1 
HETATM 1126 C  CB    . MVA H 2 11 ? 8.526   9.948   -10.211 1.00 22.87 ? 11   MVA H CB    1 
HETATM 1127 C  CG1   . MVA H 2 11 ? 9.711   10.716  -10.778 1.00 27.54 ? 11   MVA H CG1   1 
HETATM 1128 C  CG2   . MVA H 2 11 ? 8.989   8.953   -9.151  1.00 28.84 ? 11   MVA H CG2   1 
HETATM 1129 C  C     . MVA H 2 11 ? 7.061   11.975  -10.542 1.00 22.40 ? 11   MVA H C     1 
HETATM 1130 O  O     . MVA H 2 11 ? 7.284   11.920  -11.743 1.00 29.57 ? 11   MVA H O     1 
HETATM 1131 O  O     . HOH I 3 .  ? -4.624  -19.647 0.615   1.00 54.36 ? 2001 HOH A O     1 
HETATM 1132 O  O     . HOH I 3 .  ? -1.479  -19.796 -1.576  1.00 38.49 ? 2002 HOH A O     1 
HETATM 1133 O  O     . HOH I 3 .  ? -3.935  -17.476 2.616   1.00 39.67 ? 2003 HOH A O     1 
HETATM 1134 O  O     . HOH I 3 .  ? 0.518   -19.661 1.465   1.00 47.46 ? 2004 HOH A O     1 
HETATM 1135 O  O     . HOH I 3 .  ? 1.061   -8.480  -1.112  1.00 31.26 ? 2005 HOH A O     1 
HETATM 1136 O  O     . HOH I 3 .  ? 5.801   -10.483 -7.138  1.00 43.02 ? 2006 HOH A O     1 
HETATM 1137 O  O     . HOH I 3 .  ? -2.806  -12.772 3.989   1.00 36.39 ? 2007 HOH A O     1 
HETATM 1138 O  O     . HOH I 3 .  ? -9.892  8.635   -0.018  1.00 30.19 ? 2008 HOH A O     1 
HETATM 1139 O  O     . HOH I 3 .  ? -9.011  5.113   -2.194  1.00 37.61 ? 2009 HOH A O     1 
HETATM 1140 O  O     . HOH I 3 .  ? -13.570 9.735   3.477   1.00 59.99 ? 2010 HOH A O     1 
HETATM 1141 O  O     . HOH I 3 .  ? -12.718 8.841   0.881   1.00 48.75 ? 2011 HOH A O     1 
HETATM 1142 O  O     . HOH I 3 .  ? -10.752 3.080   -4.604  1.00 48.99 ? 2012 HOH A O     1 
HETATM 1143 O  O     . HOH I 3 .  ? 1.566   -9.988  -3.112  1.00 26.01 ? 2013 HOH A O     1 
HETATM 1144 O  O     . HOH I 3 .  ? 0.276   -14.792 0.839   0.50 16.27 ? 2014 HOH A O     1 
HETATM 1145 O  O     . HOH I 3 .  ? -0.827  -15.713 1.336   0.50 44.49 ? 2015 HOH A O     1 
HETATM 1146 O  O     . HOH I 3 .  ? -8.452  10.699  0.939   1.00 32.21 ? 2016 HOH A O     1 
HETATM 1147 O  O     . HOH I 3 .  ? 4.492   -10.688 -9.324  1.00 34.95 ? 2017 HOH A O     1 
HETATM 1148 O  O     . HOH I 3 .  ? 3.610   -4.246  -8.350  1.00 37.46 ? 2018 HOH A O     1 
HETATM 1149 O  O     . HOH I 3 .  ? 0.043   -4.757  -8.770  1.00 32.53 ? 2019 HOH A O     1 
HETATM 1150 O  O     . HOH I 3 .  ? -2.085  -7.878  -9.222  1.00 48.07 ? 2020 HOH A O     1 
HETATM 1151 O  O     . HOH I 3 .  ? 12.332  -7.191  -4.969  1.00 32.53 ? 2021 HOH A O     1 
HETATM 1152 O  O     . HOH I 3 .  ? -6.590  -7.877  -2.170  1.00 31.80 ? 2022 HOH A O     1 
HETATM 1153 O  O     . HOH I 3 .  ? -0.870  -12.390 1.540   1.00 23.11 ? 2023 HOH A O     1 
HETATM 1154 O  O     . HOH I 3 .  ? -0.231  -1.390  -4.885  1.00 53.55 ? 2024 HOH A O     1 
HETATM 1155 O  O     . HOH I 3 .  ? -12.758 -4.553  -1.346  1.00 32.06 ? 2025 HOH A O     1 
HETATM 1156 O  O     . HOH I 3 .  ? -16.537 4.671   -0.487  1.00 53.63 ? 2026 HOH A O     1 
HETATM 1157 O  O     . HOH I 3 .  ? -9.748  5.885   0.530   1.00 25.33 ? 2027 HOH A O     1 
HETATM 1158 O  O     . HOH I 3 .  ? -13.832 6.353   2.437   1.00 40.49 ? 2028 HOH A O     1 
HETATM 1159 O  O     . HOH I 3 .  ? -17.806 7.131   0.104   1.00 85.67 ? 2029 HOH A O     1 
HETATM 1160 O  O     . HOH I 3 .  ? -15.479 -0.838  5.305   1.00 43.16 ? 2030 HOH A O     1 
HETATM 1161 O  O     . HOH I 3 .  ? -19.028 9.310   8.580   1.00 57.17 ? 2031 HOH A O     1 
HETATM 1162 O  O     . HOH I 3 .  ? -8.833  12.469  2.684   1.00 51.79 ? 2032 HOH A O     1 
HETATM 1163 O  O     . HOH I 3 .  ? -11.782 11.977  4.441   1.00 43.92 ? 2033 HOH A O     1 
HETATM 1164 O  O     . HOH I 3 .  ? -13.299 7.560   4.961   1.00 33.32 ? 2034 HOH A O     1 
HETATM 1165 O  O     . HOH J 3 .  ? 9.124   4.899   5.655   1.00 46.29 ? 2001 HOH B O     1 
HETATM 1166 O  O     . HOH J 3 .  ? -3.844  24.458  8.673   0.50 35.00 ? 2002 HOH B O     1 
HETATM 1167 O  O     . HOH J 3 .  ? -1.201  8.286   0.962   1.00 22.35 ? 2003 HOH B O     1 
HETATM 1168 O  O     . HOH J 3 .  ? 7.249   6.143   3.110   1.00 35.85 ? 2004 HOH B O     1 
HETATM 1169 O  O     . HOH J 3 .  ? 7.268   10.742  2.045   1.00 38.15 ? 2005 HOH B O     1 
HETATM 1170 O  O     . HOH J 3 .  ? 3.488   -0.805  0.860   0.50 45.18 ? 2006 HOH B O     1 
HETATM 1171 O  O     . HOH J 3 .  ? 0.937   -0.953  6.548   1.00 40.32 ? 2007 HOH B O     1 
HETATM 1172 O  O     . HOH J 3 .  ? -8.266  0.312   13.208  1.00 33.90 ? 2008 HOH B O     1 
HETATM 1173 O  O     . HOH J 3 .  ? -2.761  -7.263  6.703   1.00 42.09 ? 2009 HOH B O     1 
HETATM 1174 O  O     . HOH J 3 .  ? -3.852  -11.085 5.605   1.00 30.36 ? 2010 HOH B O     1 
HETATM 1175 O  O     . HOH J 3 .  ? -5.184  -13.436 6.873   0.50 50.12 ? 2011 HOH B O     1 
HETATM 1176 O  O     . HOH J 3 .  ? -6.227  -18.330 4.679   1.00 55.65 ? 2012 HOH B O     1 
HETATM 1177 O  O     . HOH J 3 .  ? -4.964  23.375  10.975  0.50 24.24 ? 2013 HOH B O     1 
HETATM 1178 O  O     . HOH J 3 .  ? -9.264  22.412  10.569  1.00 46.30 ? 2014 HOH B O     1 
HETATM 1179 O  O     . HOH J 3 .  ? -7.471  17.681  5.806   1.00 47.98 ? 2015 HOH B O     1 
HETATM 1180 O  O     . HOH J 3 .  ? -10.212 15.659  12.417  1.00 31.07 ? 2016 HOH B O     1 
HETATM 1181 O  O     . HOH J 3 .  ? 0.070   10.298  2.433   1.00 24.77 ? 2017 HOH B O     1 
HETATM 1182 O  O     . HOH J 3 .  ? -5.536  13.917  1.346   1.00 31.99 ? 2018 HOH B O     1 
HETATM 1183 O  O     . HOH J 3 .  ? 2.696   15.937  7.242   1.00 33.59 ? 2019 HOH B O     1 
HETATM 1184 O  O     . HOH J 3 .  ? 7.393   9.376   4.803   1.00 44.50 ? 2020 HOH B O     1 
HETATM 1185 O  O     . HOH J 3 .  ? 8.931   11.385  -4.904  1.00 25.87 ? 2021 HOH B O     1 
HETATM 1186 O  O     . HOH J 3 .  ? -5.225  5.636   7.284   1.00 23.68 ? 2022 HOH B O     1 
HETATM 1187 O  O     . HOH J 3 .  ? 2.557   1.743   2.798   1.00 33.93 ? 2023 HOH B O     1 
HETATM 1188 O  O     . HOH J 3 .  ? -5.517  11.216  0.815   1.00 22.34 ? 2024 HOH B O     1 
HETATM 1189 O  O     . HOH J 3 .  ? 1.476   2.136   5.537   1.00 55.26 ? 2025 HOH B O     1 
HETATM 1190 O  O     . HOH J 3 .  ? 1.598   8.225   8.812   1.00 51.93 ? 2026 HOH B O     1 
HETATM 1191 O  O     . HOH J 3 .  ? -8.091  0.691   10.491  1.00 33.06 ? 2027 HOH B O     1 
HETATM 1192 O  O     . HOH J 3 .  ? -5.876  -2.816  15.011  0.50 32.69 ? 2028 HOH B O     1 
HETATM 1193 O  O     . HOH J 3 .  ? -1.932  -3.202  7.904   1.00 40.36 ? 2029 HOH B O     1 
HETATM 1194 O  O     . HOH J 3 .  ? -1.836  -1.732  16.159  0.50 37.64 ? 2030 HOH B O     1 
HETATM 1195 O  O     . HOH J 3 .  ? -2.206  -6.006  12.049  0.50 29.04 ? 2031 HOH B O     1 
HETATM 1196 O  O     . HOH J 3 .  ? -6.621  -4.065  14.347  0.50 36.97 ? 2032 HOH B O     1 
HETATM 1197 O  O     . HOH J 3 .  ? -2.439  -5.625  9.491   0.50 23.11 ? 2033 HOH B O     1 
HETATM 1198 O  O     . HOH J 3 .  ? -5.648  -9.254  10.610  1.00 46.25 ? 2034 HOH B O     1 
HETATM 1199 O  O     . HOH J 3 .  ? -7.051  -8.069  8.531   1.00 48.10 ? 2035 HOH B O     1 
HETATM 1200 O  O     . HOH J 3 .  ? -13.145 -3.810  9.247   1.00 52.74 ? 2036 HOH B O     1 
HETATM 1201 O  O     . HOH J 3 .  ? -3.104  -3.736  3.342   1.00 43.62 ? 2037 HOH B O     1 
HETATM 1202 O  O     . HOH J 3 .  ? -10.286 -7.751  13.442  0.50 37.33 ? 2038 HOH B O     1 
HETATM 1203 O  O     . HOH J 3 .  ? -4.751  -8.598  5.773   1.00 27.50 ? 2039 HOH B O     1 
HETATM 1204 O  O     . HOH J 3 .  ? -6.789  -15.156 4.407   0.50 34.46 ? 2040 HOH B O     1 
HETATM 1205 O  O     . HOH J 3 .  ? -9.491  -12.461 5.351   1.00 41.85 ? 2041 HOH B O     1 
HETATM 1206 O  O     . HOH J 3 .  ? -4.161  -14.713 2.824   1.00 31.97 ? 2042 HOH B O     1 
HETATM 1207 O  O     . HOH K 3 .  ? 4.708   -2.105  8.162   1.00 68.95 ? 2001 HOH C O     1 
HETATM 1208 O  O     . HOH K 3 .  ? 5.590   3.198   8.223   1.00 49.13 ? 2002 HOH C O     1 
HETATM 1209 O  O     . HOH K 3 .  ? 14.612  1.006   -1.042  0.50 19.97 ? 2003 HOH C O     1 
HETATM 1210 O  O     . HOH K 3 .  ? 5.096   12.495  2.100   1.00 35.47 ? 2004 HOH C O     1 
HETATM 1211 O  O     . HOH K 3 .  ? 4.648   17.244  0.909   1.00 40.42 ? 2005 HOH C O     1 
HETATM 1212 O  O     . HOH K 3 .  ? 8.142   -20.872 0.453   1.00 40.57 ? 2006 HOH C O     1 
HETATM 1213 O  O     . HOH K 3 .  ? 4.226   -13.641 -4.882  1.00 39.24 ? 2007 HOH C O     1 
HETATM 1214 O  O     . HOH K 3 .  ? 1.332   -10.496 0.448   1.00 23.86 ? 2008 HOH C O     1 
HETATM 1215 O  O     . HOH K 3 .  ? 8.216   -15.227 9.732   1.00 45.05 ? 2009 HOH C O     1 
HETATM 1216 O  O     . HOH K 3 .  ? 2.837   -16.996 4.777   1.00 34.78 ? 2010 HOH C O     1 
HETATM 1217 O  O     . HOH K 3 .  ? 4.431   -9.686  7.842   0.50 29.91 ? 2011 HOH C O     1 
HETATM 1218 O  O     . HOH K 3 .  ? -10.415 -10.657 2.210   1.00 41.69 ? 2012 HOH C O     1 
HETATM 1219 O  O     . HOH K 3 .  ? -1.297  -5.698  5.716   1.00 48.07 ? 2013 HOH C O     1 
HETATM 1220 O  O     . HOH K 3 .  ? 4.362   -10.748 -4.782  1.00 25.60 ? 2014 HOH C O     1 
HETATM 1221 O  O     . HOH K 3 .  ? 8.997   -6.056  0.382   1.00 26.85 ? 2015 HOH C O     1 
HETATM 1222 O  O     . HOH K 3 .  ? 4.997   -1.450  4.947   1.00 60.85 ? 2016 HOH C O     1 
HETATM 1223 O  O     . HOH K 3 .  ? 3.531   -2.628  -1.402  1.00 45.46 ? 2017 HOH C O     1 
HETATM 1224 O  O     . HOH K 3 .  ? 4.101   -3.290  1.488   1.00 50.34 ? 2018 HOH C O     1 
HETATM 1225 O  O     . HOH K 3 .  ? 6.073   -9.669  6.886   0.50 40.36 ? 2019 HOH C O     1 
HETATM 1226 O  O     . HOH K 3 .  ? 7.425   0.471   8.747   0.50 25.10 ? 2020 HOH C O     1 
HETATM 1227 O  O     . HOH K 3 .  ? 13.454  -0.877  0.870   1.00 45.56 ? 2021 HOH C O     1 
HETATM 1228 O  O     . HOH K 3 .  ? 13.558  -2.871  6.558   1.00 46.00 ? 2022 HOH C O     1 
HETATM 1229 O  O     . HOH K 3 .  ? 4.908   -0.257  -0.220  0.50 29.30 ? 2023 HOH C O     1 
HETATM 1230 O  O     . HOH K 3 .  ? 17.979  7.108   -1.343  1.00 54.47 ? 2024 HOH C O     1 
HETATM 1231 O  O     . HOH K 3 .  ? 4.456   3.221   0.101   1.00 40.88 ? 2025 HOH C O     1 
HETATM 1232 O  O     . HOH K 3 .  ? 7.771   8.051   0.983   1.00 22.36 ? 2026 HOH C O     1 
HETATM 1233 O  O     . HOH K 3 .  ? 10.844  10.681  -0.690  1.00 39.86 ? 2027 HOH C O     1 
HETATM 1234 O  O     . HOH K 3 .  ? 10.399  4.972   -7.855  1.00 69.53 ? 2028 HOH C O     1 
HETATM 1235 O  O     . HOH K 3 .  ? 13.829  16.038  -8.938  1.00 44.91 ? 2029 HOH C O     1 
HETATM 1236 O  O     . HOH K 3 .  ? 5.596   14.251  0.054   1.00 29.09 ? 2030 HOH C O     1 
HETATM 1237 O  O     . HOH K 3 .  ? 10.506  12.477  -2.863  1.00 30.16 ? 2031 HOH C O     1 
HETATM 1238 O  O     . HOH K 3 .  ? 15.211  14.769  -7.611  1.00 34.83 ? 2032 HOH C O     1 
HETATM 1239 O  O     . HOH K 3 .  ? 15.110  15.331  -1.690  1.00 26.66 ? 2033 HOH C O     1 
HETATM 1240 O  O     . HOH L 3 .  ? 3.389   16.762  3.514   1.00 55.22 ? 2001 HOH D O     1 
HETATM 1241 O  O     . HOH L 3 .  ? -9.128  13.569  -2.436  0.50 38.59 ? 2002 HOH D O     1 
HETATM 1242 O  O     . HOH L 3 .  ? 16.463  -0.498  -3.398  1.00 44.79 ? 2003 HOH D O     1 
HETATM 1243 O  O     . HOH L 3 .  ? 9.009   -7.865  -9.797  0.50 41.66 ? 2004 HOH D O     1 
HETATM 1244 O  O     . HOH L 3 .  ? 6.737   -7.646  -8.422  1.00 36.92 ? 2005 HOH D O     1 
HETATM 1245 O  O     . HOH L 3 .  ? 8.289   -9.174  -9.219  0.50 39.42 ? 2006 HOH D O     1 
HETATM 1246 O  O     . HOH L 3 .  ? 12.713  -12.357 -8.489  0.50 32.11 ? 2007 HOH D O     1 
HETATM 1247 O  O     . HOH L 3 .  ? 4.264   22.941  -9.194  1.00 44.85 ? 2008 HOH D O     1 
HETATM 1248 O  O     . HOH L 3 .  ? 3.063   20.272  -0.693  0.50 47.27 ? 2009 HOH D O     1 
HETATM 1249 O  O     . HOH L 3 .  ? 1.213   19.578  -0.548  0.50 21.77 ? 2010 HOH D O     1 
HETATM 1250 O  O     . HOH L 3 .  ? 4.647   20.865  -7.248  1.00 40.87 ? 2011 HOH D O     1 
HETATM 1251 O  O     . HOH L 3 .  ? -3.035  10.284  -0.025  1.00 23.07 ? 2012 HOH D O     1 
HETATM 1252 O  O     . HOH L 3 .  ? -7.298  16.038  -2.994  1.00 32.97 ? 2013 HOH D O     1 
HETATM 1253 O  O     . HOH L 3 .  ? -7.556  18.353  -6.414  1.00 44.72 ? 2014 HOH D O     1 
HETATM 1254 O  O     . HOH L 3 .  ? 1.110   16.120  2.323   0.50 29.32 ? 2015 HOH D O     1 
HETATM 1255 O  O     . HOH L 3 .  ? 1.247   14.665  2.212   0.50 17.75 ? 2016 HOH D O     1 
HETATM 1256 O  O     . HOH L 3 .  ? -11.525 6.921   6.867   1.00 29.07 ? 2017 HOH D O     1 
HETATM 1257 O  O     . HOH L 3 .  ? -9.074  11.394  -1.298  0.50 23.97 ? 2018 HOH D O     1 
HETATM 1258 O  O     . HOH L 3 .  ? -1.938  6.026   1.475   1.00 53.47 ? 2019 HOH D O     1 
HETATM 1259 O  O     . HOH L 3 .  ? -6.077  5.409   -5.287  1.00 55.48 ? 2020 HOH D O     1 
HETATM 1260 O  O     . HOH L 3 .  ? 3.223   8.630   -5.822  1.00 21.27 ? 2021 HOH D O     1 
HETATM 1261 O  O     . HOH L 3 .  ? 2.331   12.104  1.858   1.00 22.40 ? 2022 HOH D O     1 
HETATM 1262 O  O     . HOH L 3 .  ? -0.757  6.499   -0.440  1.00 51.01 ? 2023 HOH D O     1 
HETATM 1263 O  O     . HOH L 3 .  ? -0.404  3.806   -3.268  0.50 21.72 ? 2024 HOH D O     1 
HETATM 1264 O  O     . HOH L 3 .  ? 6.795   5.804   -10.116 1.00 27.05 ? 2025 HOH D O     1 
HETATM 1265 O  O     . HOH L 3 .  ? -3.664  8.517   -10.714 1.00 42.68 ? 2026 HOH D O     1 
HETATM 1266 O  O     . HOH L 3 .  ? -1.044  2.915   -5.124  0.50 25.91 ? 2027 HOH D O     1 
HETATM 1267 O  O     . HOH L 3 .  ? 1.608   5.862   -2.174  0.50 25.38 ? 2028 HOH D O     1 
HETATM 1268 O  O     . HOH L 3 .  ? 1.592   4.171   -2.192  0.50 41.31 ? 2029 HOH D O     1 
HETATM 1269 O  O     . HOH L 3 .  ? 2.302   -0.246  -8.878  1.00 38.94 ? 2030 HOH D O     1 
HETATM 1270 O  O     . HOH L 3 .  ? 2.315   0.287   -5.118  1.00 41.92 ? 2031 HOH D O     1 
HETATM 1271 O  O     . HOH L 3 .  ? -1.932  -0.297  -12.830 0.50 43.85 ? 2032 HOH D O     1 
HETATM 1272 O  O     . HOH L 3 .  ? -0.607  -1.780  -12.407 0.50 47.29 ? 2033 HOH D O     1 
HETATM 1273 O  O     . HOH L 3 .  ? 10.106  4.091   -11.359 1.00 40.56 ? 2034 HOH D O     1 
HETATM 1274 O  O     . HOH L 3 .  ? 11.357  -1.938  -14.827 1.00 44.61 ? 2035 HOH D O     1 
HETATM 1275 O  O     . HOH L 3 .  ? 6.634   -4.978  -7.488  1.00 31.17 ? 2036 HOH D O     1 
HETATM 1276 O  O     . HOH L 3 .  ? 10.671  -5.571  -9.650  1.00 35.95 ? 2037 HOH D O     1 
HETATM 1277 O  O     . HOH L 3 .  ? 8.746   -2.894  -9.649  1.00 45.91 ? 2038 HOH D O     1 
HETATM 1278 O  O     . HOH L 3 .  ? 14.238  0.227   -2.510  0.50 39.28 ? 2039 HOH D O     1 
HETATM 1279 O  O     . HOH L 3 .  ? 17.485  -3.594  -11.712 1.00 63.21 ? 2040 HOH D O     1 
HETATM 1280 O  O     . HOH L 3 .  ? 14.562  -7.014  -11.417 1.00 55.37 ? 2041 HOH D O     1 
HETATM 1281 O  O     . HOH L 3 .  ? 12.567  -6.901  -7.819  1.00 36.54 ? 2042 HOH D O     1 
HETATM 1282 O  O     . HOH L 3 .  ? 8.064   -11.471 -6.474  1.00 36.14 ? 2043 HOH D O     1 
HETATM 1283 O  O     . HOH L 3 .  ? 10.717  -10.635 -7.988  0.50 33.33 ? 2044 HOH D O     1 
HETATM 1284 O  O     . HOH M 3 .  ? -10.476 -9.888  -12.081 0.50 24.58 ? 2001 HOH E O     1 
HETATM 1285 O  O     . HOH M 3 .  ? -13.655 -21.044 -9.198  1.00 61.99 ? 2002 HOH E O     1 
HETATM 1286 O  O     . HOH M 3 .  ? -16.038 -17.642 -10.194 1.00 54.22 ? 2003 HOH E O     1 
HETATM 1287 O  O     . HOH M 3 .  ? -10.381 -16.789 -13.768 0.50 39.77 ? 2004 HOH E O     1 
HETATM 1288 O  O     . HOH M 3 .  ? -9.283  -16.482 -13.048 0.50 30.81 ? 2005 HOH E O     1 
HETATM 1289 O  O     . HOH M 3 .  ? -8.995  -10.566 -11.044 0.50 33.17 ? 2006 HOH E O     1 
HETATM 1290 O  O     . HOH M 3 .  ? -9.411  -7.192  -9.931  1.00 58.68 ? 2007 HOH E O     1 
HETATM 1291 O  O     . HOH M 3 .  ? -11.145 -4.865  -7.604  1.00 56.32 ? 2008 HOH E O     1 
HETATM 1292 O  O     . HOH M 3 .  ? -14.759 -7.686  -4.263  1.00 48.20 ? 2009 HOH E O     1 
HETATM 1293 O  O     . HOH N 3 .  ? -14.089 13.006  11.900  1.00 51.34 ? 2001 HOH F O     1 
HETATM 1294 O  O     . HOH N 3 .  ? -4.912  0.956   14.021  0.50 38.16 ? 2002 HOH F O     1 
HETATM 1295 O  O     . HOH N 3 .  ? -6.385  6.566   19.639  1.00 37.53 ? 2003 HOH F O     1 
HETATM 1296 O  O     . HOH N 3 .  ? -7.176  12.068  20.766  1.00 59.27 ? 2004 HOH F O     1 
HETATM 1297 O  O     . HOH N 3 .  ? 0.214   13.340  18.118  1.00 38.61 ? 2005 HOH F O     1 
HETATM 1298 O  O     . HOH N 3 .  ? -11.478 12.511  14.315  1.00 44.13 ? 2006 HOH F O     1 
HETATM 1299 O  O     . HOH N 3 .  ? -0.443  4.022   13.240  1.00 35.20 ? 2007 HOH F O     1 
HETATM 1300 O  O     . HOH N 3 .  ? -3.316  1.792   13.901  0.50 25.23 ? 2008 HOH F O     1 
HETATM 1301 O  O     . HOH N 3 .  ? -7.413  2.662   14.207  1.00 32.31 ? 2009 HOH F O     1 
HETATM 1302 O  O     . HOH O 3 .  ? 17.095  -15.230 9.810   0.50 32.07 ? 2001 HOH G O     1 
HETATM 1303 O  O     . HOH O 3 .  ? 12.459  -7.331  11.809  0.50 44.01 ? 2002 HOH G O     1 
HETATM 1304 O  O     . HOH O 3 .  ? 8.819   -3.542  9.256   1.00 50.38 ? 2003 HOH G O     1 
HETATM 1305 O  O     . HOH O 3 .  ? 10.762  -7.516  11.916  0.50 39.56 ? 2004 HOH G O     1 
HETATM 1306 O  O     . HOH O 3 .  ? 18.988  -18.449 6.202   0.50 29.17 ? 2005 HOH G O     1 
HETATM 1307 O  O     . HOH O 3 .  ? 19.792  -17.999 5.060   0.50 34.63 ? 2006 HOH G O     1 
HETATM 1308 O  O     . HOH O 3 .  ? 14.442  -15.782 9.214   0.50 28.39 ? 2007 HOH G O     1 
HETATM 1309 O  O     . HOH O 3 .  ? 11.145  -10.654 8.021   0.50 27.49 ? 2008 HOH G O     1 
HETATM 1310 O  O     . HOH O 3 .  ? 13.664  -9.187  9.394   0.50 28.13 ? 2009 HOH G O     1 
HETATM 1311 O  O     . HOH O 3 .  ? 11.126  -5.720  7.783   1.00 45.79 ? 2010 HOH G O     1 
HETATM 1312 O  O     . HOH P 3 .  ? 5.485   15.182  -14.471 1.00 57.77 ? 2001 HOH H O     1 
HETATM 1313 O  O     . HOH P 3 .  ? 7.461   16.296  -17.876 0.50 30.63 ? 2002 HOH H O     1 
HETATM 1314 O  O     . HOH P 3 .  ? -3.331  18.226  -12.956 1.00 55.65 ? 2003 HOH H O     1 
HETATM 1315 O  O     . HOH P 3 .  ? 6.837   19.104  -9.614  0.50 19.44 ? 2004 HOH H O     1 
HETATM 1316 O  O     . HOH P 3 .  ? -0.652  7.902   -12.378 1.00 39.00 ? 2005 HOH H O     1 
HETATM 1317 O  O     . HOH P 3 .  ? 2.012   6.336   -13.145 1.00 45.96 ? 2006 HOH H O     1 
HETATM 1318 O  O     . HOH P 3 .  ? 6.146   8.591   -13.228 1.00 42.44 ? 2007 HOH H O     1 
# 
